data_2QEC
# 
_entry.id   2QEC 
# 
_audit_conform.dict_name       mmcif_pdbx.dic 
_audit_conform.dict_version    5.397 
_audit_conform.dict_location   http://mmcif.pdb.org/dictionaries/ascii/mmcif_pdbx.dic 
# 
loop_
_database_2.database_id 
_database_2.database_code 
_database_2.pdbx_database_accession 
_database_2.pdbx_DOI 
PDB   2QEC         pdb_00002qec 10.2210/pdb2qec/pdb 
RCSB  RCSB043491   ?            ?                   
WWPDB D_1000043491 ?            ?                   
# 
loop_
_pdbx_audit_revision_history.ordinal 
_pdbx_audit_revision_history.data_content_type 
_pdbx_audit_revision_history.major_revision 
_pdbx_audit_revision_history.minor_revision 
_pdbx_audit_revision_history.revision_date 
1 'Structure model' 1 0 2007-07-10 
2 'Structure model' 1 1 2008-05-01 
3 'Structure model' 1 2 2011-07-13 
4 'Structure model' 1 3 2017-10-18 
5 'Structure model' 1 4 2017-10-25 
6 'Structure model' 1 5 2021-10-20 
7 'Structure model' 1 6 2023-01-25 
8 'Structure model' 1 7 2024-10-30 
# 
_pdbx_audit_revision_details.ordinal             1 
_pdbx_audit_revision_details.revision_ordinal    1 
_pdbx_audit_revision_details.data_content_type   'Structure model' 
_pdbx_audit_revision_details.provider            repository 
_pdbx_audit_revision_details.type                'Initial release' 
_pdbx_audit_revision_details.description         ? 
_pdbx_audit_revision_details.details             ? 
# 
loop_
_pdbx_audit_revision_group.ordinal 
_pdbx_audit_revision_group.revision_ordinal 
_pdbx_audit_revision_group.data_content_type 
_pdbx_audit_revision_group.group 
1  2 'Structure model' 'Version format compliance'  
2  3 'Structure model' Advisory                     
3  3 'Structure model' 'Derived calculations'       
4  3 'Structure model' 'Version format compliance'  
5  4 'Structure model' 'Refinement description'     
6  5 'Structure model' 'Author supporting evidence' 
7  6 'Structure model' 'Database references'        
8  6 'Structure model' 'Derived calculations'       
9  7 'Structure model' 'Database references'        
10 8 'Structure model' 'Data collection'            
11 8 'Structure model' 'Structure summary'          
# 
loop_
_pdbx_audit_revision_category.ordinal 
_pdbx_audit_revision_category.revision_ordinal 
_pdbx_audit_revision_category.data_content_type 
_pdbx_audit_revision_category.category 
1  4 'Structure model' software                           
2  5 'Structure model' pdbx_struct_assembly_auth_evidence 
3  6 'Structure model' database_2                         
4  6 'Structure model' struct_conn                        
5  6 'Structure model' struct_ref_seq_dif                 
6  6 'Structure model' struct_site                        
7  7 'Structure model' struct_ref_seq_dif                 
8  8 'Structure model' chem_comp_atom                     
9  8 'Structure model' chem_comp_bond                     
10 8 'Structure model' pdbx_entry_details                 
11 8 'Structure model' pdbx_modification_feature          
# 
loop_
_pdbx_audit_revision_item.ordinal 
_pdbx_audit_revision_item.revision_ordinal 
_pdbx_audit_revision_item.data_content_type 
_pdbx_audit_revision_item.item 
1  4 'Structure model' '_software.classification'                     
2  4 'Structure model' '_software.name'                               
3  6 'Structure model' '_database_2.pdbx_DOI'                         
4  6 'Structure model' '_database_2.pdbx_database_accession'          
5  6 'Structure model' '_struct_conn.pdbx_leaving_atom_flag'          
6  6 'Structure model' '_struct_ref_seq_dif.details'                  
7  6 'Structure model' '_struct_site.pdbx_auth_asym_id'               
8  6 'Structure model' '_struct_site.pdbx_auth_comp_id'               
9  6 'Structure model' '_struct_site.pdbx_auth_seq_id'                
10 7 'Structure model' '_struct_ref_seq_dif.details'                  
11 8 'Structure model' '_pdbx_entry_details.has_protein_modification' 
# 
_pdbx_database_status.SG_entry                        Y 
_pdbx_database_status.entry_id                        2QEC 
_pdbx_database_status.deposit_site                    RCSB 
_pdbx_database_status.process_site                    RCSB 
_pdbx_database_status.recvd_initial_deposition_date   2007-06-25 
_pdbx_database_status.status_code                     REL 
_pdbx_database_status.status_code_sf                  REL 
_pdbx_database_status.status_code_mr                  ? 
_pdbx_database_status.pdb_format_compatible           Y 
_pdbx_database_status.status_code_cs                  ? 
_pdbx_database_status.methods_development_category    ? 
_pdbx_database_status.status_code_nmr_data            ? 
# 
_pdbx_database_related.db_name        TargetDB 
_pdbx_database_related.db_id          373193 
_pdbx_database_related.details        . 
_pdbx_database_related.content_type   unspecified 
# 
_audit_author.name           'Joint Center for Structural Genomics (JCSG)' 
_audit_author.pdbx_ordinal   1 
# 
_citation.id                        primary 
_citation.title                     
;Crystal structure of histone acetyltransferase HPA2 and related acetyltransferase (NP_600742.1) from Corynebacterium glutamicum ATCC 13032 at 1.90 A resolution
;
_citation.journal_abbrev            'To be published' 
_citation.journal_volume            ? 
_citation.page_first                ? 
_citation.page_last                 ? 
_citation.year                      ? 
_citation.journal_id_ASTM           ? 
_citation.country                   ? 
_citation.journal_id_ISSN           ? 
_citation.journal_id_CSD            0353 
_citation.book_publisher            ? 
_citation.pdbx_database_id_PubMed   ? 
_citation.pdbx_database_id_DOI      ? 
# 
_citation_author.citation_id        primary 
_citation_author.name               'Joint Center for Structural Genomics (JCSG)' 
_citation_author.ordinal            1 
_citation_author.identifier_ORCID   ? 
# 
loop_
_entity.id 
_entity.type 
_entity.src_method 
_entity.pdbx_description 
_entity.formula_weight 
_entity.pdbx_number_of_molecules 
_entity.pdbx_ec 
_entity.pdbx_mutation 
_entity.pdbx_fragment 
_entity.details 
1 polymer     man 'Histone acetyltransferase HPA2 and related acetyltransferases' 22255.531 1   ? A29T ? ? 
2 non-polymer syn 1,2-ETHANEDIOL                                                  62.068    9   ? ?    ? ? 
3 water       nat water                                                           18.015    151 ? ?    ? ? 
# 
_entity_name_com.entity_id   1 
_entity_name_com.name        'GCN5-related N-acetyltransferase' 
# 
_entity_poly.entity_id                      1 
_entity_poly.type                           'polypeptide(L)' 
_entity_poly.nstd_linkage                   no 
_entity_poly.nstd_monomer                   yes 
_entity_poly.pdbx_seq_one_letter_code       
;G(MSE)SPTVLPATQADFPKIVDVLVEAFANDPTFLRWIPQPDPGSAKLRALFELQIEKQYAVAGNIDVARDSEGEIVGV
ALWDRPDGNHSAKDQAA(MSE)LPRLVSIFGIKAAQVAWTDLSSARFHPKFPHWYLYTVATSSSARGTGVGSALLNHGIA
RAGDEAIYLEATSTRAAQLYNRLGFVPLGYIPSDDDGTPELA(MSE)WKPPA(MSE)PTV
;
_entity_poly.pdbx_seq_one_letter_code_can   
;GMSPTVLPATQADFPKIVDVLVEAFANDPTFLRWIPQPDPGSAKLRALFELQIEKQYAVAGNIDVARDSEGEIVGVALWD
RPDGNHSAKDQAAMLPRLVSIFGIKAAQVAWTDLSSARFHPKFPHWYLYTVATSSSARGTGVGSALLNHGIARAGDEAIY
LEATSTRAAQLYNRLGFVPLGYIPSDDDGTPELAMWKPPAMPTV
;
_entity_poly.pdbx_strand_id                 A 
_entity_poly.pdbx_target_identifier         373193 
# 
loop_
_pdbx_entity_nonpoly.entity_id 
_pdbx_entity_nonpoly.name 
_pdbx_entity_nonpoly.comp_id 
2 1,2-ETHANEDIOL EDO 
3 water          HOH 
# 
loop_
_entity_poly_seq.entity_id 
_entity_poly_seq.num 
_entity_poly_seq.mon_id 
_entity_poly_seq.hetero 
1 1   GLY n 
1 2   MSE n 
1 3   SER n 
1 4   PRO n 
1 5   THR n 
1 6   VAL n 
1 7   LEU n 
1 8   PRO n 
1 9   ALA n 
1 10  THR n 
1 11  GLN n 
1 12  ALA n 
1 13  ASP n 
1 14  PHE n 
1 15  PRO n 
1 16  LYS n 
1 17  ILE n 
1 18  VAL n 
1 19  ASP n 
1 20  VAL n 
1 21  LEU n 
1 22  VAL n 
1 23  GLU n 
1 24  ALA n 
1 25  PHE n 
1 26  ALA n 
1 27  ASN n 
1 28  ASP n 
1 29  PRO n 
1 30  THR n 
1 31  PHE n 
1 32  LEU n 
1 33  ARG n 
1 34  TRP n 
1 35  ILE n 
1 36  PRO n 
1 37  GLN n 
1 38  PRO n 
1 39  ASP n 
1 40  PRO n 
1 41  GLY n 
1 42  SER n 
1 43  ALA n 
1 44  LYS n 
1 45  LEU n 
1 46  ARG n 
1 47  ALA n 
1 48  LEU n 
1 49  PHE n 
1 50  GLU n 
1 51  LEU n 
1 52  GLN n 
1 53  ILE n 
1 54  GLU n 
1 55  LYS n 
1 56  GLN n 
1 57  TYR n 
1 58  ALA n 
1 59  VAL n 
1 60  ALA n 
1 61  GLY n 
1 62  ASN n 
1 63  ILE n 
1 64  ASP n 
1 65  VAL n 
1 66  ALA n 
1 67  ARG n 
1 68  ASP n 
1 69  SER n 
1 70  GLU n 
1 71  GLY n 
1 72  GLU n 
1 73  ILE n 
1 74  VAL n 
1 75  GLY n 
1 76  VAL n 
1 77  ALA n 
1 78  LEU n 
1 79  TRP n 
1 80  ASP n 
1 81  ARG n 
1 82  PRO n 
1 83  ASP n 
1 84  GLY n 
1 85  ASN n 
1 86  HIS n 
1 87  SER n 
1 88  ALA n 
1 89  LYS n 
1 90  ASP n 
1 91  GLN n 
1 92  ALA n 
1 93  ALA n 
1 94  MSE n 
1 95  LEU n 
1 96  PRO n 
1 97  ARG n 
1 98  LEU n 
1 99  VAL n 
1 100 SER n 
1 101 ILE n 
1 102 PHE n 
1 103 GLY n 
1 104 ILE n 
1 105 LYS n 
1 106 ALA n 
1 107 ALA n 
1 108 GLN n 
1 109 VAL n 
1 110 ALA n 
1 111 TRP n 
1 112 THR n 
1 113 ASP n 
1 114 LEU n 
1 115 SER n 
1 116 SER n 
1 117 ALA n 
1 118 ARG n 
1 119 PHE n 
1 120 HIS n 
1 121 PRO n 
1 122 LYS n 
1 123 PHE n 
1 124 PRO n 
1 125 HIS n 
1 126 TRP n 
1 127 TYR n 
1 128 LEU n 
1 129 TYR n 
1 130 THR n 
1 131 VAL n 
1 132 ALA n 
1 133 THR n 
1 134 SER n 
1 135 SER n 
1 136 SER n 
1 137 ALA n 
1 138 ARG n 
1 139 GLY n 
1 140 THR n 
1 141 GLY n 
1 142 VAL n 
1 143 GLY n 
1 144 SER n 
1 145 ALA n 
1 146 LEU n 
1 147 LEU n 
1 148 ASN n 
1 149 HIS n 
1 150 GLY n 
1 151 ILE n 
1 152 ALA n 
1 153 ARG n 
1 154 ALA n 
1 155 GLY n 
1 156 ASP n 
1 157 GLU n 
1 158 ALA n 
1 159 ILE n 
1 160 TYR n 
1 161 LEU n 
1 162 GLU n 
1 163 ALA n 
1 164 THR n 
1 165 SER n 
1 166 THR n 
1 167 ARG n 
1 168 ALA n 
1 169 ALA n 
1 170 GLN n 
1 171 LEU n 
1 172 TYR n 
1 173 ASN n 
1 174 ARG n 
1 175 LEU n 
1 176 GLY n 
1 177 PHE n 
1 178 VAL n 
1 179 PRO n 
1 180 LEU n 
1 181 GLY n 
1 182 TYR n 
1 183 ILE n 
1 184 PRO n 
1 185 SER n 
1 186 ASP n 
1 187 ASP n 
1 188 ASP n 
1 189 GLY n 
1 190 THR n 
1 191 PRO n 
1 192 GLU n 
1 193 LEU n 
1 194 ALA n 
1 195 MSE n 
1 196 TRP n 
1 197 LYS n 
1 198 PRO n 
1 199 PRO n 
1 200 ALA n 
1 201 MSE n 
1 202 PRO n 
1 203 THR n 
1 204 VAL n 
# 
_entity_src_gen.entity_id                          1 
_entity_src_gen.pdbx_src_id                        1 
_entity_src_gen.pdbx_alt_source_flag               sample 
_entity_src_gen.pdbx_seq_type                      ? 
_entity_src_gen.pdbx_beg_seq_num                   ? 
_entity_src_gen.pdbx_end_seq_num                   ? 
_entity_src_gen.gene_src_common_name               ? 
_entity_src_gen.gene_src_genus                     Corynebacterium 
_entity_src_gen.pdbx_gene_src_gene                 'NP_600742.1, Cgl1527, cg1722' 
_entity_src_gen.gene_src_species                   'Corynebacterium glutamicum' 
_entity_src_gen.gene_src_strain                    'DSM 20300, JCM 1318, LMG 3730, NCIMB 10025' 
_entity_src_gen.gene_src_tissue                    ? 
_entity_src_gen.gene_src_tissue_fraction           ? 
_entity_src_gen.gene_src_details                   ? 
_entity_src_gen.pdbx_gene_src_fragment             ? 
_entity_src_gen.pdbx_gene_src_scientific_name      'Corynebacterium glutamicum ATCC 13032' 
_entity_src_gen.pdbx_gene_src_ncbi_taxonomy_id     196627 
_entity_src_gen.pdbx_gene_src_variant              ? 
_entity_src_gen.pdbx_gene_src_cell_line            ? 
_entity_src_gen.pdbx_gene_src_atcc                 ? 
_entity_src_gen.pdbx_gene_src_organ                ? 
_entity_src_gen.pdbx_gene_src_organelle            ? 
_entity_src_gen.pdbx_gene_src_cell                 ? 
_entity_src_gen.pdbx_gene_src_cellular_location    ? 
_entity_src_gen.host_org_common_name               ? 
_entity_src_gen.pdbx_host_org_scientific_name      'Escherichia coli' 
_entity_src_gen.pdbx_host_org_ncbi_taxonomy_id     562 
_entity_src_gen.host_org_genus                     Escherichia 
_entity_src_gen.pdbx_host_org_gene                 ? 
_entity_src_gen.pdbx_host_org_organ                ? 
_entity_src_gen.host_org_species                   ? 
_entity_src_gen.pdbx_host_org_tissue               ? 
_entity_src_gen.pdbx_host_org_tissue_fraction      ? 
_entity_src_gen.pdbx_host_org_strain               HK100 
_entity_src_gen.pdbx_host_org_variant              ? 
_entity_src_gen.pdbx_host_org_cell_line            ? 
_entity_src_gen.pdbx_host_org_atcc                 ? 
_entity_src_gen.pdbx_host_org_culture_collection   ? 
_entity_src_gen.pdbx_host_org_cell                 ? 
_entity_src_gen.pdbx_host_org_organelle            ? 
_entity_src_gen.pdbx_host_org_cellular_location    ? 
_entity_src_gen.pdbx_host_org_vector_type          Plasmid 
_entity_src_gen.pdbx_host_org_vector               ? 
_entity_src_gen.host_org_details                   ? 
_entity_src_gen.expression_system_id               ? 
_entity_src_gen.plasmid_name                       speedET 
_entity_src_gen.plasmid_details                    ? 
_entity_src_gen.pdbx_description                   ? 
# 
loop_
_chem_comp.id 
_chem_comp.type 
_chem_comp.mon_nstd_flag 
_chem_comp.name 
_chem_comp.pdbx_synonyms 
_chem_comp.formula 
_chem_comp.formula_weight 
ALA 'L-peptide linking' y ALANINE          ?                 'C3 H7 N O2'     89.093  
ARG 'L-peptide linking' y ARGININE         ?                 'C6 H15 N4 O2 1' 175.209 
ASN 'L-peptide linking' y ASPARAGINE       ?                 'C4 H8 N2 O3'    132.118 
ASP 'L-peptide linking' y 'ASPARTIC ACID'  ?                 'C4 H7 N O4'     133.103 
EDO non-polymer         . 1,2-ETHANEDIOL   'ETHYLENE GLYCOL' 'C2 H6 O2'       62.068  
GLN 'L-peptide linking' y GLUTAMINE        ?                 'C5 H10 N2 O3'   146.144 
GLU 'L-peptide linking' y 'GLUTAMIC ACID'  ?                 'C5 H9 N O4'     147.129 
GLY 'peptide linking'   y GLYCINE          ?                 'C2 H5 N O2'     75.067  
HIS 'L-peptide linking' y HISTIDINE        ?                 'C6 H10 N3 O2 1' 156.162 
HOH non-polymer         . WATER            ?                 'H2 O'           18.015  
ILE 'L-peptide linking' y ISOLEUCINE       ?                 'C6 H13 N O2'    131.173 
LEU 'L-peptide linking' y LEUCINE          ?                 'C6 H13 N O2'    131.173 
LYS 'L-peptide linking' y LYSINE           ?                 'C6 H15 N2 O2 1' 147.195 
MET 'L-peptide linking' y METHIONINE       ?                 'C5 H11 N O2 S'  149.211 
MSE 'L-peptide linking' n SELENOMETHIONINE ?                 'C5 H11 N O2 Se' 196.106 
PHE 'L-peptide linking' y PHENYLALANINE    ?                 'C9 H11 N O2'    165.189 
PRO 'L-peptide linking' y PROLINE          ?                 'C5 H9 N O2'     115.130 
SER 'L-peptide linking' y SERINE           ?                 'C3 H7 N O3'     105.093 
THR 'L-peptide linking' y THREONINE        ?                 'C4 H9 N O3'     119.119 
TRP 'L-peptide linking' y TRYPTOPHAN       ?                 'C11 H12 N2 O2'  204.225 
TYR 'L-peptide linking' y TYROSINE         ?                 'C9 H11 N O3'    181.189 
VAL 'L-peptide linking' y VALINE           ?                 'C5 H11 N O2'    117.146 
# 
loop_
_pdbx_poly_seq_scheme.asym_id 
_pdbx_poly_seq_scheme.entity_id 
_pdbx_poly_seq_scheme.seq_id 
_pdbx_poly_seq_scheme.mon_id 
_pdbx_poly_seq_scheme.ndb_seq_num 
_pdbx_poly_seq_scheme.pdb_seq_num 
_pdbx_poly_seq_scheme.auth_seq_num 
_pdbx_poly_seq_scheme.pdb_mon_id 
_pdbx_poly_seq_scheme.auth_mon_id 
_pdbx_poly_seq_scheme.pdb_strand_id 
_pdbx_poly_seq_scheme.pdb_ins_code 
_pdbx_poly_seq_scheme.hetero 
A 1 1   GLY 1   0   ?   ?   ?   A . n 
A 1 2   MSE 2   1   1   MSE MSE A . n 
A 1 3   SER 3   2   2   SER SER A . n 
A 1 4   PRO 4   3   3   PRO PRO A . n 
A 1 5   THR 5   4   4   THR THR A . n 
A 1 6   VAL 6   5   5   VAL VAL A . n 
A 1 7   LEU 7   6   6   LEU LEU A . n 
A 1 8   PRO 8   7   7   PRO PRO A . n 
A 1 9   ALA 9   8   8   ALA ALA A . n 
A 1 10  THR 10  9   9   THR THR A . n 
A 1 11  GLN 11  10  10  GLN GLN A . n 
A 1 12  ALA 12  11  11  ALA ALA A . n 
A 1 13  ASP 13  12  12  ASP ASP A . n 
A 1 14  PHE 14  13  13  PHE PHE A . n 
A 1 15  PRO 15  14  14  PRO PRO A . n 
A 1 16  LYS 16  15  15  LYS LYS A . n 
A 1 17  ILE 17  16  16  ILE ILE A . n 
A 1 18  VAL 18  17  17  VAL VAL A . n 
A 1 19  ASP 19  18  18  ASP ASP A . n 
A 1 20  VAL 20  19  19  VAL VAL A . n 
A 1 21  LEU 21  20  20  LEU LEU A . n 
A 1 22  VAL 22  21  21  VAL VAL A . n 
A 1 23  GLU 23  22  22  GLU GLU A . n 
A 1 24  ALA 24  23  23  ALA ALA A . n 
A 1 25  PHE 25  24  24  PHE PHE A . n 
A 1 26  ALA 26  25  25  ALA ALA A . n 
A 1 27  ASN 27  26  26  ASN ASN A . n 
A 1 28  ASP 28  27  27  ASP ASP A . n 
A 1 29  PRO 29  28  28  PRO PRO A . n 
A 1 30  THR 30  29  29  THR THR A . n 
A 1 31  PHE 31  30  30  PHE PHE A . n 
A 1 32  LEU 32  31  31  LEU LEU A . n 
A 1 33  ARG 33  32  32  ARG ARG A . n 
A 1 34  TRP 34  33  33  TRP TRP A . n 
A 1 35  ILE 35  34  34  ILE ILE A . n 
A 1 36  PRO 36  35  35  PRO PRO A . n 
A 1 37  GLN 37  36  36  GLN GLN A . n 
A 1 38  PRO 38  37  37  PRO PRO A . n 
A 1 39  ASP 39  38  38  ASP ASP A . n 
A 1 40  PRO 40  39  39  PRO PRO A . n 
A 1 41  GLY 41  40  40  GLY GLY A . n 
A 1 42  SER 42  41  41  SER SER A . n 
A 1 43  ALA 43  42  42  ALA ALA A . n 
A 1 44  LYS 44  43  43  LYS LYS A . n 
A 1 45  LEU 45  44  44  LEU LEU A . n 
A 1 46  ARG 46  45  45  ARG ARG A . n 
A 1 47  ALA 47  46  46  ALA ALA A . n 
A 1 48  LEU 48  47  47  LEU LEU A . n 
A 1 49  PHE 49  48  48  PHE PHE A . n 
A 1 50  GLU 50  49  49  GLU GLU A . n 
A 1 51  LEU 51  50  50  LEU LEU A . n 
A 1 52  GLN 52  51  51  GLN GLN A . n 
A 1 53  ILE 53  52  52  ILE ILE A . n 
A 1 54  GLU 54  53  53  GLU GLU A . n 
A 1 55  LYS 55  54  54  LYS LYS A . n 
A 1 56  GLN 56  55  55  GLN GLN A . n 
A 1 57  TYR 57  56  56  TYR TYR A . n 
A 1 58  ALA 58  57  57  ALA ALA A . n 
A 1 59  VAL 59  58  58  VAL VAL A . n 
A 1 60  ALA 60  59  59  ALA ALA A . n 
A 1 61  GLY 61  60  60  GLY GLY A . n 
A 1 62  ASN 62  61  61  ASN ASN A . n 
A 1 63  ILE 63  62  62  ILE ILE A . n 
A 1 64  ASP 64  63  63  ASP ASP A . n 
A 1 65  VAL 65  64  64  VAL VAL A . n 
A 1 66  ALA 66  65  65  ALA ALA A . n 
A 1 67  ARG 67  66  66  ARG ARG A . n 
A 1 68  ASP 68  67  67  ASP ASP A . n 
A 1 69  SER 69  68  68  SER SER A . n 
A 1 70  GLU 70  69  69  GLU GLU A . n 
A 1 71  GLY 71  70  70  GLY GLY A . n 
A 1 72  GLU 72  71  71  GLU GLU A . n 
A 1 73  ILE 73  72  72  ILE ILE A . n 
A 1 74  VAL 74  73  73  VAL VAL A . n 
A 1 75  GLY 75  74  74  GLY GLY A . n 
A 1 76  VAL 76  75  75  VAL VAL A . n 
A 1 77  ALA 77  76  76  ALA ALA A . n 
A 1 78  LEU 78  77  77  LEU LEU A . n 
A 1 79  TRP 79  78  78  TRP TRP A . n 
A 1 80  ASP 80  79  79  ASP ASP A . n 
A 1 81  ARG 81  80  80  ARG ARG A . n 
A 1 82  PRO 82  81  81  PRO PRO A . n 
A 1 83  ASP 83  82  82  ASP ASP A . n 
A 1 84  GLY 84  83  ?   ?   ?   A . n 
A 1 85  ASN 85  84  ?   ?   ?   A . n 
A 1 86  HIS 86  85  ?   ?   ?   A . n 
A 1 87  SER 87  86  ?   ?   ?   A . n 
A 1 88  ALA 88  87  ?   ?   ?   A . n 
A 1 89  LYS 89  88  ?   ?   ?   A . n 
A 1 90  ASP 90  89  ?   ?   ?   A . n 
A 1 91  GLN 91  90  ?   ?   ?   A . n 
A 1 92  ALA 92  91  ?   ?   ?   A . n 
A 1 93  ALA 93  92  ?   ?   ?   A . n 
A 1 94  MSE 94  93  ?   ?   ?   A . n 
A 1 95  LEU 95  94  ?   ?   ?   A . n 
A 1 96  PRO 96  95  95  PRO PRO A . n 
A 1 97  ARG 97  96  96  ARG ARG A . n 
A 1 98  LEU 98  97  97  LEU LEU A . n 
A 1 99  VAL 99  98  98  VAL VAL A . n 
A 1 100 SER 100 99  99  SER SER A . n 
A 1 101 ILE 101 100 100 ILE ILE A . n 
A 1 102 PHE 102 101 101 PHE PHE A . n 
A 1 103 GLY 103 102 102 GLY GLY A . n 
A 1 104 ILE 104 103 ?   ?   ?   A . n 
A 1 105 LYS 105 104 104 LYS LYS A . n 
A 1 106 ALA 106 105 105 ALA ALA A . n 
A 1 107 ALA 107 106 106 ALA ALA A . n 
A 1 108 GLN 108 107 ?   ?   ?   A . n 
A 1 109 VAL 109 108 ?   ?   ?   A . n 
A 1 110 ALA 110 109 ?   ?   ?   A . n 
A 1 111 TRP 111 110 ?   ?   ?   A . n 
A 1 112 THR 112 111 ?   ?   ?   A . n 
A 1 113 ASP 113 112 ?   ?   ?   A . n 
A 1 114 LEU 114 113 ?   ?   ?   A . n 
A 1 115 SER 115 114 ?   ?   ?   A . n 
A 1 116 SER 116 115 ?   ?   ?   A . n 
A 1 117 ALA 117 116 116 ALA ALA A . n 
A 1 118 ARG 118 117 117 ARG ARG A . n 
A 1 119 PHE 119 118 118 PHE PHE A . n 
A 1 120 HIS 120 119 119 HIS HIS A . n 
A 1 121 PRO 121 120 120 PRO PRO A . n 
A 1 122 LYS 122 121 121 LYS LYS A . n 
A 1 123 PHE 123 122 122 PHE PHE A . n 
A 1 124 PRO 124 123 123 PRO PRO A . n 
A 1 125 HIS 125 124 124 HIS HIS A . n 
A 1 126 TRP 126 125 125 TRP TRP A . n 
A 1 127 TYR 127 126 126 TYR TYR A . n 
A 1 128 LEU 128 127 127 LEU LEU A . n 
A 1 129 TYR 129 128 128 TYR TYR A . n 
A 1 130 THR 130 129 129 THR THR A . n 
A 1 131 VAL 131 130 130 VAL VAL A . n 
A 1 132 ALA 132 131 131 ALA ALA A . n 
A 1 133 THR 133 132 132 THR THR A . n 
A 1 134 SER 134 133 133 SER SER A . n 
A 1 135 SER 135 134 134 SER SER A . n 
A 1 136 SER 136 135 135 SER SER A . n 
A 1 137 ALA 137 136 136 ALA ALA A . n 
A 1 138 ARG 138 137 137 ARG ARG A . n 
A 1 139 GLY 139 138 138 GLY GLY A . n 
A 1 140 THR 140 139 139 THR THR A . n 
A 1 141 GLY 141 140 140 GLY GLY A . n 
A 1 142 VAL 142 141 141 VAL VAL A . n 
A 1 143 GLY 143 142 142 GLY GLY A . n 
A 1 144 SER 144 143 143 SER SER A . n 
A 1 145 ALA 145 144 144 ALA ALA A . n 
A 1 146 LEU 146 145 145 LEU LEU A . n 
A 1 147 LEU 147 146 146 LEU LEU A . n 
A 1 148 ASN 148 147 147 ASN ASN A . n 
A 1 149 HIS 149 148 148 HIS HIS A . n 
A 1 150 GLY 150 149 149 GLY GLY A . n 
A 1 151 ILE 151 150 150 ILE ILE A . n 
A 1 152 ALA 152 151 151 ALA ALA A . n 
A 1 153 ARG 153 152 152 ARG ARG A . n 
A 1 154 ALA 154 153 153 ALA ALA A . n 
A 1 155 GLY 155 154 154 GLY GLY A . n 
A 1 156 ASP 156 155 155 ASP ASP A . n 
A 1 157 GLU 157 156 156 GLU GLU A . n 
A 1 158 ALA 158 157 157 ALA ALA A . n 
A 1 159 ILE 159 158 158 ILE ILE A . n 
A 1 160 TYR 160 159 159 TYR TYR A . n 
A 1 161 LEU 161 160 160 LEU LEU A . n 
A 1 162 GLU 162 161 161 GLU GLU A . n 
A 1 163 ALA 163 162 162 ALA ALA A . n 
A 1 164 THR 164 163 163 THR THR A . n 
A 1 165 SER 165 164 164 SER SER A . n 
A 1 166 THR 166 165 165 THR THR A . n 
A 1 167 ARG 167 166 166 ARG ARG A . n 
A 1 168 ALA 168 167 167 ALA ALA A . n 
A 1 169 ALA 169 168 168 ALA ALA A . n 
A 1 170 GLN 170 169 169 GLN GLN A . n 
A 1 171 LEU 171 170 170 LEU LEU A . n 
A 1 172 TYR 172 171 171 TYR TYR A . n 
A 1 173 ASN 173 172 172 ASN ASN A . n 
A 1 174 ARG 174 173 173 ARG ARG A . n 
A 1 175 LEU 175 174 174 LEU LEU A . n 
A 1 176 GLY 176 175 175 GLY GLY A . n 
A 1 177 PHE 177 176 176 PHE PHE A . n 
A 1 178 VAL 178 177 177 VAL VAL A . n 
A 1 179 PRO 179 178 178 PRO PRO A . n 
A 1 180 LEU 180 179 179 LEU LEU A . n 
A 1 181 GLY 181 180 180 GLY GLY A . n 
A 1 182 TYR 182 181 181 TYR TYR A . n 
A 1 183 ILE 183 182 182 ILE ILE A . n 
A 1 184 PRO 184 183 183 PRO PRO A . n 
A 1 185 SER 185 184 184 SER SER A . n 
A 1 186 ASP 186 185 185 ASP ASP A . n 
A 1 187 ASP 187 186 186 ASP ASP A . n 
A 1 188 ASP 188 187 187 ASP ASP A . n 
A 1 189 GLY 189 188 188 GLY GLY A . n 
A 1 190 THR 190 189 189 THR THR A . n 
A 1 191 PRO 191 190 190 PRO PRO A . n 
A 1 192 GLU 192 191 191 GLU GLU A . n 
A 1 193 LEU 193 192 192 LEU LEU A . n 
A 1 194 ALA 194 193 193 ALA ALA A . n 
A 1 195 MSE 195 194 194 MSE MSE A . n 
A 1 196 TRP 196 195 195 TRP TRP A . n 
A 1 197 LYS 197 196 196 LYS LYS A . n 
A 1 198 PRO 198 197 197 PRO PRO A . n 
A 1 199 PRO 199 198 198 PRO PRO A . n 
A 1 200 ALA 200 199 199 ALA ALA A . n 
A 1 201 MSE 201 200 200 MSE MSE A . n 
A 1 202 PRO 202 201 201 PRO PRO A . n 
A 1 203 THR 203 202 202 THR THR A . n 
A 1 204 VAL 204 203 203 VAL VAL A . n 
# 
loop_
_pdbx_nonpoly_scheme.asym_id 
_pdbx_nonpoly_scheme.entity_id 
_pdbx_nonpoly_scheme.mon_id 
_pdbx_nonpoly_scheme.ndb_seq_num 
_pdbx_nonpoly_scheme.pdb_seq_num 
_pdbx_nonpoly_scheme.auth_seq_num 
_pdbx_nonpoly_scheme.pdb_mon_id 
_pdbx_nonpoly_scheme.auth_mon_id 
_pdbx_nonpoly_scheme.pdb_strand_id 
_pdbx_nonpoly_scheme.pdb_ins_code 
B 2 EDO 1   204 1   EDO EDO A . 
C 2 EDO 1   205 2   EDO EDO A . 
D 2 EDO 1   206 3   EDO EDO A . 
E 2 EDO 1   207 4   EDO EDO A . 
F 2 EDO 1   208 5   EDO EDO A . 
G 2 EDO 1   209 6   EDO EDO A . 
H 2 EDO 1   210 7   EDO EDO A . 
I 2 EDO 1   211 8   EDO EDO A . 
J 2 EDO 1   212 9   EDO EDO A . 
K 3 HOH 1   213 10  HOH HOH A . 
K 3 HOH 2   214 11  HOH HOH A . 
K 3 HOH 3   215 12  HOH HOH A . 
K 3 HOH 4   216 13  HOH HOH A . 
K 3 HOH 5   217 14  HOH HOH A . 
K 3 HOH 6   218 15  HOH HOH A . 
K 3 HOH 7   219 16  HOH HOH A . 
K 3 HOH 8   220 17  HOH HOH A . 
K 3 HOH 9   221 18  HOH HOH A . 
K 3 HOH 10  222 19  HOH HOH A . 
K 3 HOH 11  223 20  HOH HOH A . 
K 3 HOH 12  224 21  HOH HOH A . 
K 3 HOH 13  225 22  HOH HOH A . 
K 3 HOH 14  226 23  HOH HOH A . 
K 3 HOH 15  227 24  HOH HOH A . 
K 3 HOH 16  228 25  HOH HOH A . 
K 3 HOH 17  229 26  HOH HOH A . 
K 3 HOH 18  230 27  HOH HOH A . 
K 3 HOH 19  231 28  HOH HOH A . 
K 3 HOH 20  232 29  HOH HOH A . 
K 3 HOH 21  233 30  HOH HOH A . 
K 3 HOH 22  234 31  HOH HOH A . 
K 3 HOH 23  235 32  HOH HOH A . 
K 3 HOH 24  236 33  HOH HOH A . 
K 3 HOH 25  237 34  HOH HOH A . 
K 3 HOH 26  238 35  HOH HOH A . 
K 3 HOH 27  239 36  HOH HOH A . 
K 3 HOH 28  240 37  HOH HOH A . 
K 3 HOH 29  241 38  HOH HOH A . 
K 3 HOH 30  242 39  HOH HOH A . 
K 3 HOH 31  243 40  HOH HOH A . 
K 3 HOH 32  244 41  HOH HOH A . 
K 3 HOH 33  245 42  HOH HOH A . 
K 3 HOH 34  246 43  HOH HOH A . 
K 3 HOH 35  247 44  HOH HOH A . 
K 3 HOH 36  248 45  HOH HOH A . 
K 3 HOH 37  249 46  HOH HOH A . 
K 3 HOH 38  250 47  HOH HOH A . 
K 3 HOH 39  251 48  HOH HOH A . 
K 3 HOH 40  252 49  HOH HOH A . 
K 3 HOH 41  253 50  HOH HOH A . 
K 3 HOH 42  254 51  HOH HOH A . 
K 3 HOH 43  255 52  HOH HOH A . 
K 3 HOH 44  256 53  HOH HOH A . 
K 3 HOH 45  257 54  HOH HOH A . 
K 3 HOH 46  258 55  HOH HOH A . 
K 3 HOH 47  259 56  HOH HOH A . 
K 3 HOH 48  260 57  HOH HOH A . 
K 3 HOH 49  261 58  HOH HOH A . 
K 3 HOH 50  262 59  HOH HOH A . 
K 3 HOH 51  263 60  HOH HOH A . 
K 3 HOH 52  264 61  HOH HOH A . 
K 3 HOH 53  265 62  HOH HOH A . 
K 3 HOH 54  266 63  HOH HOH A . 
K 3 HOH 55  267 64  HOH HOH A . 
K 3 HOH 56  268 65  HOH HOH A . 
K 3 HOH 57  269 66  HOH HOH A . 
K 3 HOH 58  270 67  HOH HOH A . 
K 3 HOH 59  271 68  HOH HOH A . 
K 3 HOH 60  272 69  HOH HOH A . 
K 3 HOH 61  273 70  HOH HOH A . 
K 3 HOH 62  274 71  HOH HOH A . 
K 3 HOH 63  275 72  HOH HOH A . 
K 3 HOH 64  276 73  HOH HOH A . 
K 3 HOH 65  277 74  HOH HOH A . 
K 3 HOH 66  278 75  HOH HOH A . 
K 3 HOH 67  279 76  HOH HOH A . 
K 3 HOH 68  280 77  HOH HOH A . 
K 3 HOH 69  281 78  HOH HOH A . 
K 3 HOH 70  282 79  HOH HOH A . 
K 3 HOH 71  283 80  HOH HOH A . 
K 3 HOH 72  284 81  HOH HOH A . 
K 3 HOH 73  285 82  HOH HOH A . 
K 3 HOH 74  286 83  HOH HOH A . 
K 3 HOH 75  287 84  HOH HOH A . 
K 3 HOH 76  288 85  HOH HOH A . 
K 3 HOH 77  289 86  HOH HOH A . 
K 3 HOH 78  290 87  HOH HOH A . 
K 3 HOH 79  291 88  HOH HOH A . 
K 3 HOH 80  292 89  HOH HOH A . 
K 3 HOH 81  293 90  HOH HOH A . 
K 3 HOH 82  294 91  HOH HOH A . 
K 3 HOH 83  295 92  HOH HOH A . 
K 3 HOH 84  296 93  HOH HOH A . 
K 3 HOH 85  297 94  HOH HOH A . 
K 3 HOH 86  298 95  HOH HOH A . 
K 3 HOH 87  299 96  HOH HOH A . 
K 3 HOH 88  300 97  HOH HOH A . 
K 3 HOH 89  301 98  HOH HOH A . 
K 3 HOH 90  302 99  HOH HOH A . 
K 3 HOH 91  303 100 HOH HOH A . 
K 3 HOH 92  304 101 HOH HOH A . 
K 3 HOH 93  305 102 HOH HOH A . 
K 3 HOH 94  306 103 HOH HOH A . 
K 3 HOH 95  307 104 HOH HOH A . 
K 3 HOH 96  308 105 HOH HOH A . 
K 3 HOH 97  309 106 HOH HOH A . 
K 3 HOH 98  310 107 HOH HOH A . 
K 3 HOH 99  311 108 HOH HOH A . 
K 3 HOH 100 312 109 HOH HOH A . 
K 3 HOH 101 313 110 HOH HOH A . 
K 3 HOH 102 314 111 HOH HOH A . 
K 3 HOH 103 315 112 HOH HOH A . 
K 3 HOH 104 316 113 HOH HOH A . 
K 3 HOH 105 317 114 HOH HOH A . 
K 3 HOH 106 318 115 HOH HOH A . 
K 3 HOH 107 319 116 HOH HOH A . 
K 3 HOH 108 320 117 HOH HOH A . 
K 3 HOH 109 321 118 HOH HOH A . 
K 3 HOH 110 322 119 HOH HOH A . 
K 3 HOH 111 323 120 HOH HOH A . 
K 3 HOH 112 324 121 HOH HOH A . 
K 3 HOH 113 325 122 HOH HOH A . 
K 3 HOH 114 326 123 HOH HOH A . 
K 3 HOH 115 327 124 HOH HOH A . 
K 3 HOH 116 328 125 HOH HOH A . 
K 3 HOH 117 329 126 HOH HOH A . 
K 3 HOH 118 330 127 HOH HOH A . 
K 3 HOH 119 331 128 HOH HOH A . 
K 3 HOH 120 332 129 HOH HOH A . 
K 3 HOH 121 333 130 HOH HOH A . 
K 3 HOH 122 334 131 HOH HOH A . 
K 3 HOH 123 335 132 HOH HOH A . 
K 3 HOH 124 336 133 HOH HOH A . 
K 3 HOH 125 337 134 HOH HOH A . 
K 3 HOH 126 338 135 HOH HOH A . 
K 3 HOH 127 339 136 HOH HOH A . 
K 3 HOH 128 340 137 HOH HOH A . 
K 3 HOH 129 341 138 HOH HOH A . 
K 3 HOH 130 342 139 HOH HOH A . 
K 3 HOH 131 343 140 HOH HOH A . 
K 3 HOH 132 344 141 HOH HOH A . 
K 3 HOH 133 345 142 HOH HOH A . 
K 3 HOH 134 346 143 HOH HOH A . 
K 3 HOH 135 347 144 HOH HOH A . 
K 3 HOH 136 348 145 HOH HOH A . 
K 3 HOH 137 349 146 HOH HOH A . 
K 3 HOH 138 350 147 HOH HOH A . 
K 3 HOH 139 351 148 HOH HOH A . 
K 3 HOH 140 352 149 HOH HOH A . 
K 3 HOH 141 353 150 HOH HOH A . 
K 3 HOH 142 354 151 HOH HOH A . 
K 3 HOH 143 355 152 HOH HOH A . 
K 3 HOH 144 356 153 HOH HOH A . 
K 3 HOH 145 357 154 HOH HOH A . 
K 3 HOH 146 358 155 HOH HOH A . 
K 3 HOH 147 359 156 HOH HOH A . 
K 3 HOH 148 360 157 HOH HOH A . 
K 3 HOH 149 361 158 HOH HOH A . 
K 3 HOH 150 362 159 HOH HOH A . 
K 3 HOH 151 363 160 HOH HOH A . 
# 
loop_
_pdbx_unobs_or_zero_occ_atoms.id 
_pdbx_unobs_or_zero_occ_atoms.PDB_model_num 
_pdbx_unobs_or_zero_occ_atoms.polymer_flag 
_pdbx_unobs_or_zero_occ_atoms.occupancy_flag 
_pdbx_unobs_or_zero_occ_atoms.auth_asym_id 
_pdbx_unobs_or_zero_occ_atoms.auth_comp_id 
_pdbx_unobs_or_zero_occ_atoms.auth_seq_id 
_pdbx_unobs_or_zero_occ_atoms.PDB_ins_code 
_pdbx_unobs_or_zero_occ_atoms.auth_atom_id 
_pdbx_unobs_or_zero_occ_atoms.label_alt_id 
_pdbx_unobs_or_zero_occ_atoms.label_asym_id 
_pdbx_unobs_or_zero_occ_atoms.label_comp_id 
_pdbx_unobs_or_zero_occ_atoms.label_seq_id 
_pdbx_unobs_or_zero_occ_atoms.label_atom_id 
1  1 Y 1 A ASP 82  ? CG  ? A ASP 83  CG  
2  1 Y 1 A ASP 82  ? OD1 ? A ASP 83  OD1 
3  1 Y 1 A ASP 82  ? OD2 ? A ASP 83  OD2 
4  1 Y 1 A VAL 98  ? CG1 ? A VAL 99  CG1 
5  1 Y 1 A VAL 98  ? CG2 ? A VAL 99  CG2 
6  1 Y 1 A ARG 117 ? CG  ? A ARG 118 CG  
7  1 Y 1 A ARG 117 ? CD  ? A ARG 118 CD  
8  1 Y 1 A ARG 117 ? NE  ? A ARG 118 NE  
9  1 Y 1 A ARG 117 ? CZ  ? A ARG 118 CZ  
10 1 Y 1 A ARG 117 ? NH1 ? A ARG 118 NH1 
11 1 Y 1 A ARG 117 ? NH2 ? A ARG 118 NH2 
12 1 Y 1 A ASP 186 ? CG  ? A ASP 187 CG  
13 1 Y 1 A ASP 186 ? OD1 ? A ASP 187 OD1 
14 1 Y 1 A ASP 186 ? OD2 ? A ASP 187 OD2 
15 1 Y 1 A ASP 187 ? CG  ? A ASP 188 CG  
16 1 Y 1 A ASP 187 ? OD1 ? A ASP 188 OD1 
17 1 Y 1 A ASP 187 ? OD2 ? A ASP 188 OD2 
# 
loop_
_software.name 
_software.version 
_software.date 
_software.type 
_software.contact_author 
_software.contact_author_email 
_software.classification 
_software.location 
_software.language 
_software.citation_id 
_software.pdbx_ordinal 
MolProbity  3beta29  ?                package 'D.C. & J.S. Richardson lab' molprobity@kinemage.biochem.duke.edu 'model building'  
http://kinemage.biochem.duke.edu/molprobity/                       ?          ? 1  
REFMAC      5.2.0005 ?                program 'Murshudov, G.N.'            ccp4@dl.ac.uk                        refinement        
http://www.ccp4.ac.uk/main.html                                    Fortran_77 ? 2  
XSCALE      .        ?                package 'Wolfgang Kabsch'            ?                                    'data scaling'    
http://www.mpimf-heidelberg.mpg.de/~kabsch/xds/xscale_program.html ?          ? 3  
PDB_EXTRACT 2.000    'April. 3, 2006' package PDB                          sw-help@rcsb.rutgers.edu             'data extraction' 
http://pdb.rutgers.edu/software/                                   C++        ? 4  
Blu-Ice     'v 5.0'  ?                ?       ?                            ?                                    'data collection' 
?                                                                  ?          ? 5  
XDS         .        ?                ?       ?                            ?                                    'data reduction'  
?                                                                  ?          ? 6  
MOSFLM      .        ?                ?       ?                            ?                                    'data reduction'  
?                                                                  ?          ? 7  
SCALA       .        ?                ?       ?                            ?                                    'data scaling'    
?                                                                  ?          ? 8  
SHELXD      .        ?                ?       ?                            ?                                    phasing           
?                                                                  ?          ? 9  
autoSHARP   .        ?                ?       ?                            ?                                    phasing           
?                                                                  ?          ? 10 
PHASER      .        ?                ?       ?                            ?                                    phasing           
?                                                                  ?          ? 11 
# 
_cell.entry_id           2QEC 
_cell.length_a           79.070 
_cell.length_b           79.070 
_cell.length_c           181.260 
_cell.angle_alpha        90.000 
_cell.angle_beta         90.000 
_cell.angle_gamma        120.000 
_cell.pdbx_unique_axis   ? 
_cell.Z_PDB              12 
_cell.length_a_esd       ? 
_cell.length_b_esd       ? 
_cell.length_c_esd       ? 
_cell.angle_alpha_esd    ? 
_cell.angle_beta_esd     ? 
_cell.angle_gamma_esd    ? 
# 
_symmetry.entry_id                         2QEC 
_symmetry.Int_Tables_number                179 
_symmetry.space_group_name_H-M             'P 65 2 2' 
_symmetry.pdbx_full_space_group_name_H-M   ? 
_symmetry.cell_setting                     ? 
_symmetry.space_group_name_Hall            ? 
# 
_exptl.crystals_number   2 
_exptl.method            'X-RAY DIFFRACTION' 
_exptl.entry_id          2QEC 
# 
loop_
_exptl_crystal.id 
_exptl_crystal.density_Matthews 
_exptl_crystal.density_meas 
_exptl_crystal.density_percent_sol 
_exptl_crystal.description 
_exptl_crystal.F_000 
_exptl_crystal.preparation 
1 3.67 ? 66.50 
;DATA FROM A SE-MET CONTAINING CRYSTAL IN SPACEGROUP P6(2)22 WAS USED FOR THE MAD PHASING EXPERIMENTS AT 2.30 ANGSTROM RESOLUTION. THIS MAD STRUCTURE WAS USED AS A MOLECULAR REPLACEMENT MODEL TO PHASE THIS STRUCTURE AT 1.90 ANGSTROM RESOLUTION IN THE P6(5)22 SPACEGROUP.
;
? ? 
2 ?    ? ?     ? ? ? 
# 
loop_
_exptl_crystal_grow.crystal_id 
_exptl_crystal_grow.method 
_exptl_crystal_grow.pH 
_exptl_crystal_grow.temp 
_exptl_crystal_grow.pdbx_details 
_exptl_crystal_grow.temp_details 
_exptl_crystal_grow.pdbx_pH_range 
1 'VAPOR DIFFUSION, SITTING DROP' 4.6 277 
'NANODROP, 8.0% PEG 4000, 0.1M Acetate pH 4.6, VAPOR DIFFUSION, SITTING DROP, temperature 277K'               ? . 
2 'VAPOR DIFFUSION, SITTING DROP' 8.5 277 
'NANODROP, 0.2M Li2SO4, 40.0% PEG 400, 0.1M Tris-HCl pH 8.5, VAPOR DIFFUSION, SITTING DROP, temperature 277K' ? . 
# 
loop_
_diffrn.id 
_diffrn.ambient_temp 
_diffrn.ambient_temp_details 
_diffrn.crystal_id 
1 100 ? 1 
2 100 ? 2 
# 
loop_
_diffrn_detector.diffrn_id 
_diffrn_detector.detector 
_diffrn_detector.type 
_diffrn_detector.details 
_diffrn_detector.pdbx_collection_date 
1 CCD 'MARMOSAIC 325 mm CCD' 'Flat mirror (vertical focusing)' 2007-01-18 
2 CCD 'MARMOSAIC 325 mm CCD' 'Flat mirror (vertical focusing)' 2007-01-07 
# 
loop_
_diffrn_radiation.diffrn_id 
_diffrn_radiation.pdbx_monochromatic_or_laue_m_l 
_diffrn_radiation.monochromator 
_diffrn_radiation.pdbx_diffrn_protocol 
_diffrn_radiation.wavelength_id 
_diffrn_radiation.pdbx_scattering_type 
1 M 'Single crystal Si(111) bent (horizontal focusing)' 'SINGLE WAVELENGTH' 1 x-ray 
2 M 'Single crystal Si(111) bent (horizontal focusing)' MAD                 1 x-ray 
# 
loop_
_diffrn_radiation_wavelength.id 
_diffrn_radiation_wavelength.wavelength 
_diffrn_radiation_wavelength.wt 
1 0.91162 1.0 
2 0.97917 1.0 
3 0.91837 1.0 
4 0.97886 1.0 
# 
loop_
_diffrn_source.diffrn_id 
_diffrn_source.source 
_diffrn_source.pdbx_synchrotron_beamline 
_diffrn_source.type 
_diffrn_source.pdbx_wavelength_list 
_diffrn_source.pdbx_wavelength 
_diffrn_source.pdbx_synchrotron_site 
1 SYNCHROTRON BL11-1 'SSRL BEAMLINE BL11-1' 0.91162                     ? SSRL 
2 SYNCHROTRON BL11-1 'SSRL BEAMLINE BL11-1' '0.97917, 0.91837, 0.97886' ? SSRL 
# 
_reflns.entry_id                     2QEC 
_reflns.d_resolution_high            1.900 
_reflns.d_resolution_low             27.640 
_reflns.number_obs                   27197 
_reflns.pdbx_Rmerge_I_obs            0.071 
_reflns.pdbx_netI_over_sigmaI        17.36 
_reflns.percent_possible_obs         99.5 
_reflns.B_iso_Wilson_estimate        32.59 
_reflns.observed_criterion_sigma_F   ? 
_reflns.observed_criterion_sigma_I   ? 
_reflns.number_all                   ? 
_reflns.pdbx_Rsym_value              ? 
_reflns.pdbx_redundancy              17.62 
_reflns.R_free_details               ? 
_reflns.limit_h_max                  ? 
_reflns.limit_h_min                  ? 
_reflns.limit_k_max                  ? 
_reflns.limit_k_min                  ? 
_reflns.limit_l_max                  ? 
_reflns.limit_l_min                  ? 
_reflns.observed_criterion_F_max     ? 
_reflns.observed_criterion_F_min     ? 
_reflns.pdbx_chi_squared             ? 
_reflns.pdbx_scaling_rejects         ? 
_reflns.pdbx_ordinal                 1 
_reflns.pdbx_diffrn_id               1,2 
# 
loop_
_reflns_shell.d_res_high 
_reflns_shell.d_res_low 
_reflns_shell.number_measured_obs 
_reflns_shell.number_measured_all 
_reflns_shell.number_unique_obs 
_reflns_shell.Rmerge_I_obs 
_reflns_shell.meanI_over_sigI_obs 
_reflns_shell.pdbx_Rsym_value 
_reflns_shell.pdbx_chi_squared 
_reflns_shell.pdbx_redundancy 
_reflns_shell.percent_possible_obs 
_reflns_shell.number_unique_all 
_reflns_shell.percent_possible_all 
_reflns_shell.pdbx_ordinal 
_reflns_shell.pdbx_diffrn_id 
1.90 1.97  29060 ? ? 0.905 2.0  ? ? ? ? ? 99.3 1  1,2 
1.97 2.05  29134 ? ? 0.624 2.8  ? ? ? ? ? 99.0 2  1,2 
2.05 2.14  27573 ? ? 0.422 4.0  ? ? ? ? ? 99.3 3  1,2 
2.14 2.25  47227 ? ? 0.411 5.9  ? ? ? ? ? 99.5 4  1,2 
2.25 2.39  57039 ? ? 0.333 8.3  ? ? ? ? ? 99.4 5  1,2 
2.39 2.58  59495 ? ? 0.226 11.7 ? ? ? ? ? 99.6 6  1,2 
2.58 2.84  57836 ? ? 0.144 17.3 ? ? ? ? ? 99.8 7  1,2 
2.84 3.25  57913 ? ? 0.086 27.1 ? ? ? ? ? 99.8 8  1,2 
3.25 4.08  56376 ? ? 0.051 42.0 ? ? ? ? ? 99.9 9  1,2 
4.08 27.64 57459 ? ? 0.036 51.7 ? ? ? ? ? 99.5 10 1,2 
# 
_refine.entry_id                                 2QEC 
_refine.ls_d_res_high                            1.900 
_refine.ls_d_res_low                             27.640 
_refine.pdbx_ls_sigma_F                          0.00 
_refine.ls_percent_reflns_obs                    99.480 
_refine.ls_number_reflns_obs                     27120 
_refine.pdbx_ls_cross_valid_method               THROUGHOUT 
_refine.pdbx_R_Free_selection_details            RANDOM 
_refine.details                                  
;1. HYDROGENS HAVE BEEN ADDED IN THE RIDING POSITIONS.
 2. A MET-INHIBITION PROTOCOL WAS USED FOR SELENOMETHIONINE
 INCORPORATION DURING PROTEIN EXPRESSION. THE OCCUPANCY
 OF THE SE ATOMS IN THE MSE RESIDUES WAS REDUCED TO 0.75
 FOR THE REDUCED SCATTERING POWER DUE TO PARTIAL S-MET INCORPORATION.
 3. ATOM RECORD CONTAINS RESIDUAL B FACTORS ONLY.
 4. ETHYLENE GLYCOL WAS MODELED BASED ON CRYO CONDITIONS.
 5. RESIDUES 83-94, 103, 107-115 ARE DISORDERED AND WERE NOT
 MODELED.
 6. ASP 186 IS A RAMACHANDRAN OUTLIER AND IS LOCATED IN POOR DENSITY.
;
_refine.ls_R_factor_all                          0.195 
_refine.ls_R_factor_R_work                       0.193 
_refine.ls_R_factor_R_free                       0.242 
_refine.ls_percent_reflns_R_free                 5.000 
_refine.ls_number_reflns_R_free                  1363 
_refine.B_iso_mean                               41.353 
_refine.aniso_B[1][1]                            1.770 
_refine.aniso_B[2][2]                            1.770 
_refine.aniso_B[3][3]                            -2.660 
_refine.aniso_B[1][2]                            0.890 
_refine.aniso_B[1][3]                            0.000 
_refine.aniso_B[2][3]                            0.000 
_refine.correlation_coeff_Fo_to_Fc               0.960 
_refine.correlation_coeff_Fo_to_Fc_free          0.940 
_refine.pdbx_overall_ESU_R                       0.106 
_refine.pdbx_overall_ESU_R_Free                  0.116 
_refine.overall_SU_ML                            0.096 
_refine.overall_SU_B                             6.388 
_refine.solvent_model_details                    MASK 
_refine.pdbx_solvent_vdw_probe_radii             1.200 
_refine.pdbx_solvent_ion_probe_radii             0.800 
_refine.pdbx_solvent_shrinkage_radii             0.800 
_refine.pdbx_method_to_determine_struct          'MAD, MOLECULAR REPLACEMENT' 
_refine.pdbx_stereochemistry_target_values       'MAXIMUM LIKELIHOOD' 
_refine.pdbx_ls_sigma_I                          ? 
_refine.ls_number_reflns_all                     ? 
_refine.ls_R_factor_obs                          0.195 
_refine.ls_redundancy_reflns_obs                 ? 
_refine.pdbx_data_cutoff_high_absF               ? 
_refine.pdbx_data_cutoff_low_absF                ? 
_refine.ls_number_parameters                     ? 
_refine.ls_number_restraints                     ? 
_refine.ls_R_factor_R_free_error                 ? 
_refine.ls_R_factor_R_free_error_details         ? 
_refine.pdbx_starting_model                      ? 
_refine.pdbx_stereochem_target_val_spec_case     ? 
_refine.solvent_model_param_bsol                 ? 
_refine.solvent_model_param_ksol                 ? 
_refine.occupancy_max                            ? 
_refine.occupancy_min                            ? 
_refine.pdbx_isotropic_thermal_model             ? 
_refine.B_iso_min                                ? 
_refine.B_iso_max                                ? 
_refine.overall_SU_R_Cruickshank_DPI             ? 
_refine.overall_SU_R_free                        ? 
_refine.pdbx_data_cutoff_high_rms_absF           ? 
_refine.ls_wR_factor_R_free                      ? 
_refine.ls_wR_factor_R_work                      ? 
_refine.overall_FOM_free_R_set                   ? 
_refine.overall_FOM_work_R_set                   ? 
_refine.pdbx_refine_id                           'X-RAY DIFFRACTION' 
_refine.pdbx_TLS_residual_ADP_flag               'LIKELY RESIDUAL' 
_refine.pdbx_diffrn_id                           1 
_refine.pdbx_overall_phase_error                 ? 
_refine.pdbx_overall_SU_R_free_Cruickshank_DPI   ? 
_refine.pdbx_overall_SU_R_Blow_DPI               ? 
_refine.pdbx_overall_SU_R_free_Blow_DPI          ? 
# 
_refine_hist.pdbx_refine_id                   'X-RAY DIFFRACTION' 
_refine_hist.cycle_id                         LAST 
_refine_hist.pdbx_number_atoms_protein        1375 
_refine_hist.pdbx_number_atoms_nucleic_acid   0 
_refine_hist.pdbx_number_atoms_ligand         36 
_refine_hist.number_atoms_solvent             151 
_refine_hist.number_atoms_total               1562 
_refine_hist.d_res_high                       1.900 
_refine_hist.d_res_low                        27.640 
# 
loop_
_refine_ls_restr.type 
_refine_ls_restr.number 
_refine_ls_restr.dev_ideal 
_refine_ls_restr.dev_ideal_target 
_refine_ls_restr.weight 
_refine_ls_restr.pdbx_refine_id 
_refine_ls_restr.pdbx_restraint_function 
r_bond_refined_d         1457 0.016  0.022  ? 'X-RAY DIFFRACTION' ? 
r_bond_other_d           1357 0.001  0.020  ? 'X-RAY DIFFRACTION' ? 
r_angle_refined_deg      1977 1.609  1.975  ? 'X-RAY DIFFRACTION' ? 
r_angle_other_deg        3139 1.095  3.000  ? 'X-RAY DIFFRACTION' ? 
r_dihedral_angle_1_deg   183  6.529  5.000  ? 'X-RAY DIFFRACTION' ? 
r_dihedral_angle_2_deg   57   37.366 23.158 ? 'X-RAY DIFFRACTION' ? 
r_dihedral_angle_3_deg   206  12.391 15.000 ? 'X-RAY DIFFRACTION' ? 
r_dihedral_angle_4_deg   9    15.970 15.000 ? 'X-RAY DIFFRACTION' ? 
r_chiral_restr           220  0.149  0.200  ? 'X-RAY DIFFRACTION' ? 
r_gen_planes_refined     1595 0.006  0.020  ? 'X-RAY DIFFRACTION' ? 
r_gen_planes_other       290  0.001  0.020  ? 'X-RAY DIFFRACTION' ? 
r_nbd_refined            286  0.225  0.200  ? 'X-RAY DIFFRACTION' ? 
r_nbd_other              1311 0.187  0.200  ? 'X-RAY DIFFRACTION' ? 
r_nbtor_refined          691  0.181  0.200  ? 'X-RAY DIFFRACTION' ? 
r_nbtor_other            834  0.086  0.200  ? 'X-RAY DIFFRACTION' ? 
r_xyhbond_nbd_refined    105  0.205  0.200  ? 'X-RAY DIFFRACTION' ? 
r_symmetry_vdw_refined   6    0.037  0.200  ? 'X-RAY DIFFRACTION' ? 
r_symmetry_vdw_other     73   0.195  0.200  ? 'X-RAY DIFFRACTION' ? 
r_symmetry_hbond_refined 13   0.200  0.200  ? 'X-RAY DIFFRACTION' ? 
r_mcbond_it              942  2.370  3.000  ? 'X-RAY DIFFRACTION' ? 
r_mcbond_other           363  0.603  3.000  ? 'X-RAY DIFFRACTION' ? 
r_mcangle_it             1471 3.613  5.000  ? 'X-RAY DIFFRACTION' ? 
r_scbond_it              601  5.400  8.000  ? 'X-RAY DIFFRACTION' ? 
r_scangle_it             503  7.142  11.000 ? 'X-RAY DIFFRACTION' ? 
# 
_refine_ls_shell.d_res_high                       1.900 
_refine_ls_shell.d_res_low                        1.949 
_refine_ls_shell.pdbx_total_number_of_bins_used   20 
_refine_ls_shell.percent_reflns_obs               99.130 
_refine_ls_shell.number_reflns_R_work             1843 
_refine_ls_shell.R_factor_all                     ? 
_refine_ls_shell.R_factor_R_work                  0.285 
_refine_ls_shell.R_factor_R_free                  0.377 
_refine_ls_shell.percent_reflns_R_free            ? 
_refine_ls_shell.number_reflns_R_free             87 
_refine_ls_shell.R_factor_R_free_error            ? 
_refine_ls_shell.number_reflns_all                ? 
_refine_ls_shell.number_reflns_obs                1930 
_refine_ls_shell.redundancy_reflns_obs            ? 
_refine_ls_shell.pdbx_refine_id                   'X-RAY DIFFRACTION' 
# 
_struct.entry_id                  2QEC 
_struct.title                     
;Crystal structure of histone acetyltransferase HPA2 and related acetyltransferase (NP_600742.1) from Corynebacterium glutamicum ATCC 13032 at 1.90 A resolution
;
_struct.pdbx_model_details        ? 
_struct.pdbx_CASP_flag            ? 
_struct.pdbx_model_type_details   ? 
# 
_struct_keywords.text            
;NP_600742.1, histone acetyltransferase HPA2 and related acetyltransferase, Acetyltransferase (GNAT) family, Structural Genomics, Joint Center for Structural Genomics, JCSG, Protein Structure Initiative, PSI-2, TRANSFERASE
;
_struct_keywords.pdbx_keywords   TRANSFERASE 
_struct_keywords.entry_id        2QEC 
# 
loop_
_struct_asym.id 
_struct_asym.pdbx_blank_PDB_chainid_flag 
_struct_asym.pdbx_modified 
_struct_asym.entity_id 
_struct_asym.details 
A N N 1 ? 
B N N 2 ? 
C N N 2 ? 
D N N 2 ? 
E N N 2 ? 
F N N 2 ? 
G N N 2 ? 
H N N 2 ? 
I N N 2 ? 
J N N 2 ? 
K N N 3 ? 
# 
_struct_ref.id                         1 
_struct_ref.db_name                    UNP 
_struct_ref.db_code                    Q8NQB1_CORGL 
_struct_ref.pdbx_db_accession          Q8NQB1 
_struct_ref.entity_id                  1 
_struct_ref.pdbx_seq_one_letter_code   
;MSPTVLPATQADFPKIVDVLVEAFANDPAFLRWIPQPDPGSAKLRALFELQIEKQYAVAGNIDVARDSEGEIVGVALWDR
PDGNHSAKDQAAMLPRLVSIFGIKAAQVAWTDLSSARFHPKFPHWYLYTVATSSSARGTGVGSALLNHGIARAGDEAIYL
EATSTRAAQLYNRLGFVPLGYIPSDDDGTPELAMWKPPAMPTV
;
_struct_ref.pdbx_align_begin           1 
_struct_ref.pdbx_db_isoform            ? 
# 
_struct_ref_seq.align_id                      1 
_struct_ref_seq.ref_id                        1 
_struct_ref_seq.pdbx_PDB_id_code              2QEC 
_struct_ref_seq.pdbx_strand_id                A 
_struct_ref_seq.seq_align_beg                 2 
_struct_ref_seq.pdbx_seq_align_beg_ins_code   ? 
_struct_ref_seq.seq_align_end                 204 
_struct_ref_seq.pdbx_seq_align_end_ins_code   ? 
_struct_ref_seq.pdbx_db_accession             Q8NQB1 
_struct_ref_seq.db_align_beg                  1 
_struct_ref_seq.pdbx_db_align_beg_ins_code    ? 
_struct_ref_seq.db_align_end                  203 
_struct_ref_seq.pdbx_db_align_end_ins_code    ? 
_struct_ref_seq.pdbx_auth_seq_align_beg       1 
_struct_ref_seq.pdbx_auth_seq_align_end       203 
# 
loop_
_struct_ref_seq_dif.align_id 
_struct_ref_seq_dif.pdbx_pdb_id_code 
_struct_ref_seq_dif.mon_id 
_struct_ref_seq_dif.pdbx_pdb_strand_id 
_struct_ref_seq_dif.seq_num 
_struct_ref_seq_dif.pdbx_pdb_ins_code 
_struct_ref_seq_dif.pdbx_seq_db_name 
_struct_ref_seq_dif.pdbx_seq_db_accession_code 
_struct_ref_seq_dif.db_mon_id 
_struct_ref_seq_dif.pdbx_seq_db_seq_num 
_struct_ref_seq_dif.details 
_struct_ref_seq_dif.pdbx_auth_seq_num 
_struct_ref_seq_dif.pdbx_ordinal 
1 2QEC GLY A 1   ? UNP Q8NQB1 ?   ?   'expression tag'      0   1 
1 2QEC MSE A 2   ? UNP Q8NQB1 MET 1   'modified residue'    1   2 
1 2QEC THR A 30  ? UNP Q8NQB1 ALA 29  'engineered mutation' 29  3 
1 2QEC MSE A 94  ? UNP Q8NQB1 MET 93  'modified residue'    93  4 
1 2QEC MSE A 195 ? UNP Q8NQB1 MET 194 'modified residue'    194 5 
1 2QEC MSE A 201 ? UNP Q8NQB1 MET 200 'modified residue'    200 6 
# 
_pdbx_struct_assembly.id                   1 
_pdbx_struct_assembly.details              author_and_software_defined_assembly 
_pdbx_struct_assembly.method_details       PISA,PQS 
_pdbx_struct_assembly.oligomeric_details   dimeric 
_pdbx_struct_assembly.oligomeric_count     2 
# 
loop_
_pdbx_struct_assembly_prop.biol_id 
_pdbx_struct_assembly_prop.type 
_pdbx_struct_assembly_prop.value 
_pdbx_struct_assembly_prop.details 
1 'ABSA (A^2)' 5330  ? 
1 MORE         27    ? 
1 'SSA (A^2)'  18650 ? 
# 
_pdbx_struct_assembly_gen.assembly_id       1 
_pdbx_struct_assembly_gen.oper_expression   1,2 
_pdbx_struct_assembly_gen.asym_id_list      A,B,C,D,E,F,G,H,I,J,K 
# 
_pdbx_struct_assembly_auth_evidence.id                     1 
_pdbx_struct_assembly_auth_evidence.assembly_id            1 
_pdbx_struct_assembly_auth_evidence.experimental_support   'gel filtration' 
_pdbx_struct_assembly_auth_evidence.details                ? 
# 
loop_
_pdbx_struct_oper_list.id 
_pdbx_struct_oper_list.type 
_pdbx_struct_oper_list.name 
_pdbx_struct_oper_list.symmetry_operation 
_pdbx_struct_oper_list.matrix[1][1] 
_pdbx_struct_oper_list.matrix[1][2] 
_pdbx_struct_oper_list.matrix[1][3] 
_pdbx_struct_oper_list.vector[1] 
_pdbx_struct_oper_list.matrix[2][1] 
_pdbx_struct_oper_list.matrix[2][2] 
_pdbx_struct_oper_list.matrix[2][3] 
_pdbx_struct_oper_list.vector[2] 
_pdbx_struct_oper_list.matrix[3][1] 
_pdbx_struct_oper_list.matrix[3][2] 
_pdbx_struct_oper_list.matrix[3][3] 
_pdbx_struct_oper_list.vector[3] 
1 'identity operation'         1_555 x,y,z     1.0000000000  0.0000000000 0.0000000000 0.0000000000  0.0000000000 1.0000000000  0.0000000000 0.0000000000   0.0000000000 0.0000000000 1.0000000000 0.0000000000 
2 'crystal symmetry operation' 8_555 x-y,-y,-z -0.8615311084 0.1637379965 0.4805767553 16.7975831333 0.1637379965 -0.8063815547 0.5682769190 -33.9822370896 0.4805767553 0.5682769190 0.6679126632 6.7382383041 
# 
_struct_biol.id        1 
_struct_biol.details   
;SIZE EXCLUSION CHROMATOGRAPHY SUPPORTS THE ASSIGNMENT OF
A DIMER AS A SIGNIFICANT OLIGOMERIZATION STATE IN SOLUTION
;
# 
loop_
_struct_conf.conf_type_id 
_struct_conf.id 
_struct_conf.pdbx_PDB_helix_id 
_struct_conf.beg_label_comp_id 
_struct_conf.beg_label_asym_id 
_struct_conf.beg_label_seq_id 
_struct_conf.pdbx_beg_PDB_ins_code 
_struct_conf.end_label_comp_id 
_struct_conf.end_label_asym_id 
_struct_conf.end_label_seq_id 
_struct_conf.pdbx_end_PDB_ins_code 
_struct_conf.beg_auth_comp_id 
_struct_conf.beg_auth_asym_id 
_struct_conf.beg_auth_seq_id 
_struct_conf.end_auth_comp_id 
_struct_conf.end_auth_asym_id 
_struct_conf.end_auth_seq_id 
_struct_conf.pdbx_PDB_helix_class 
_struct_conf.details 
_struct_conf.pdbx_PDB_helix_length 
HELX_P HELX_P1  1  THR A 10  ? ALA A 12  ? THR A 9   ALA A 11  5 ? 3  
HELX_P HELX_P2  2  ASP A 13  ? ALA A 26  ? ASP A 12  ALA A 25  1 ? 14 
HELX_P HELX_P3  3  ASP A 28  ? ARG A 33  ? ASP A 27  ARG A 32  1 ? 6  
HELX_P HELX_P4  4  ASP A 39  ? GLY A 41  ? ASP A 38  GLY A 40  5 ? 3  
HELX_P HELX_P5  5  SER A 42  ? GLN A 56  ? SER A 41  GLN A 55  1 ? 15 
HELX_P HELX_P6  6  GLN A 56  ? ALA A 60  ? GLN A 55  ALA A 59  1 ? 5  
HELX_P HELX_P7  7  ARG A 97  ? GLY A 103 ? ARG A 96  GLY A 102 1 ? 7  
HELX_P HELX_P8  8  SER A 135 ? ARG A 138 ? SER A 134 ARG A 137 5 ? 4  
HELX_P HELX_P9  9  GLY A 141 ? GLY A 155 ? GLY A 140 GLY A 154 1 ? 15 
HELX_P HELX_P10 10 SER A 165 ? LEU A 175 ? SER A 164 LEU A 174 1 ? 11 
# 
_struct_conf_type.id          HELX_P 
_struct_conf_type.criteria    ? 
_struct_conf_type.reference   ? 
# 
loop_
_struct_conn.id 
_struct_conn.conn_type_id 
_struct_conn.pdbx_leaving_atom_flag 
_struct_conn.pdbx_PDB_id 
_struct_conn.ptnr1_label_asym_id 
_struct_conn.ptnr1_label_comp_id 
_struct_conn.ptnr1_label_seq_id 
_struct_conn.ptnr1_label_atom_id 
_struct_conn.pdbx_ptnr1_label_alt_id 
_struct_conn.pdbx_ptnr1_PDB_ins_code 
_struct_conn.pdbx_ptnr1_standard_comp_id 
_struct_conn.ptnr1_symmetry 
_struct_conn.ptnr2_label_asym_id 
_struct_conn.ptnr2_label_comp_id 
_struct_conn.ptnr2_label_seq_id 
_struct_conn.ptnr2_label_atom_id 
_struct_conn.pdbx_ptnr2_label_alt_id 
_struct_conn.pdbx_ptnr2_PDB_ins_code 
_struct_conn.ptnr1_auth_asym_id 
_struct_conn.ptnr1_auth_comp_id 
_struct_conn.ptnr1_auth_seq_id 
_struct_conn.ptnr2_auth_asym_id 
_struct_conn.ptnr2_auth_comp_id 
_struct_conn.ptnr2_auth_seq_id 
_struct_conn.ptnr2_symmetry 
_struct_conn.pdbx_ptnr3_label_atom_id 
_struct_conn.pdbx_ptnr3_label_seq_id 
_struct_conn.pdbx_ptnr3_label_comp_id 
_struct_conn.pdbx_ptnr3_label_asym_id 
_struct_conn.pdbx_ptnr3_label_alt_id 
_struct_conn.pdbx_ptnr3_PDB_ins_code 
_struct_conn.details 
_struct_conn.pdbx_dist_value 
_struct_conn.pdbx_value_order 
_struct_conn.pdbx_role 
covale1 covale both ? A MSE 2   C ? ? ? 1_555 A SER 3   N ? ? A MSE 1   A SER 2   1_555 ? ? ? ? ? ? ? 1.323 ? ? 
covale2 covale both ? A ALA 194 C ? ? ? 1_555 A MSE 195 N ? ? A ALA 193 A MSE 194 1_555 ? ? ? ? ? ? ? 1.331 ? ? 
covale3 covale both ? A MSE 195 C ? ? ? 1_555 A TRP 196 N ? ? A MSE 194 A TRP 195 1_555 ? ? ? ? ? ? ? 1.338 ? ? 
covale4 covale both ? A ALA 200 C ? ? ? 1_555 A MSE 201 N ? ? A ALA 199 A MSE 200 1_555 ? ? ? ? ? ? ? 1.329 ? ? 
covale5 covale both ? A MSE 201 C ? ? ? 1_555 A PRO 202 N ? ? A MSE 200 A PRO 201 1_555 ? ? ? ? ? ? ? 1.351 ? ? 
# 
_struct_conn_type.id          covale 
_struct_conn_type.criteria    ? 
_struct_conn_type.reference   ? 
# 
loop_
_pdbx_modification_feature.ordinal 
_pdbx_modification_feature.label_comp_id 
_pdbx_modification_feature.label_asym_id 
_pdbx_modification_feature.label_seq_id 
_pdbx_modification_feature.label_alt_id 
_pdbx_modification_feature.modified_residue_label_comp_id 
_pdbx_modification_feature.modified_residue_label_asym_id 
_pdbx_modification_feature.modified_residue_label_seq_id 
_pdbx_modification_feature.modified_residue_label_alt_id 
_pdbx_modification_feature.auth_comp_id 
_pdbx_modification_feature.auth_asym_id 
_pdbx_modification_feature.auth_seq_id 
_pdbx_modification_feature.PDB_ins_code 
_pdbx_modification_feature.symmetry 
_pdbx_modification_feature.modified_residue_auth_comp_id 
_pdbx_modification_feature.modified_residue_auth_asym_id 
_pdbx_modification_feature.modified_residue_auth_seq_id 
_pdbx_modification_feature.modified_residue_PDB_ins_code 
_pdbx_modification_feature.modified_residue_symmetry 
_pdbx_modification_feature.comp_id_linking_atom 
_pdbx_modification_feature.modified_residue_id_linking_atom 
_pdbx_modification_feature.modified_residue_id 
_pdbx_modification_feature.ref_pcm_id 
_pdbx_modification_feature.ref_comp_id 
_pdbx_modification_feature.type 
_pdbx_modification_feature.category 
1 MSE A 2   ? . . . . MSE A 1   ? 1_555 . . . . . . . MET 1 MSE Selenomethionine 'Named protein modification' 
2 MSE A 195 ? . . . . MSE A 194 ? 1_555 . . . . . . . MET 1 MSE Selenomethionine 'Named protein modification' 
3 MSE A 201 ? . . . . MSE A 200 ? 1_555 . . . . . . . MET 1 MSE Selenomethionine 'Named protein modification' 
# 
_struct_mon_prot_cis.pdbx_id                1 
_struct_mon_prot_cis.label_comp_id          GLN 
_struct_mon_prot_cis.label_seq_id           37 
_struct_mon_prot_cis.label_asym_id          A 
_struct_mon_prot_cis.label_alt_id           . 
_struct_mon_prot_cis.pdbx_PDB_ins_code      ? 
_struct_mon_prot_cis.auth_comp_id           GLN 
_struct_mon_prot_cis.auth_seq_id            36 
_struct_mon_prot_cis.auth_asym_id           A 
_struct_mon_prot_cis.pdbx_label_comp_id_2   PRO 
_struct_mon_prot_cis.pdbx_label_seq_id_2    38 
_struct_mon_prot_cis.pdbx_label_asym_id_2   A 
_struct_mon_prot_cis.pdbx_PDB_ins_code_2    ? 
_struct_mon_prot_cis.pdbx_auth_comp_id_2    PRO 
_struct_mon_prot_cis.pdbx_auth_seq_id_2     37 
_struct_mon_prot_cis.pdbx_auth_asym_id_2    A 
_struct_mon_prot_cis.pdbx_PDB_model_num     1 
_struct_mon_prot_cis.pdbx_omega_angle       -7.52 
# 
_struct_sheet.id               A 
_struct_sheet.type             ? 
_struct_sheet.number_strands   7 
_struct_sheet.details          ? 
# 
loop_
_struct_sheet_order.sheet_id 
_struct_sheet_order.range_id_1 
_struct_sheet_order.range_id_2 
_struct_sheet_order.offset 
_struct_sheet_order.sense 
A 1 2 ? anti-parallel 
A 2 3 ? anti-parallel 
A 3 4 ? anti-parallel 
A 4 5 ? parallel      
A 5 6 ? anti-parallel 
A 6 7 ? anti-parallel 
# 
loop_
_struct_sheet_range.sheet_id 
_struct_sheet_range.id 
_struct_sheet_range.beg_label_comp_id 
_struct_sheet_range.beg_label_asym_id 
_struct_sheet_range.beg_label_seq_id 
_struct_sheet_range.pdbx_beg_PDB_ins_code 
_struct_sheet_range.end_label_comp_id 
_struct_sheet_range.end_label_asym_id 
_struct_sheet_range.end_label_seq_id 
_struct_sheet_range.pdbx_end_PDB_ins_code 
_struct_sheet_range.beg_auth_comp_id 
_struct_sheet_range.beg_auth_asym_id 
_struct_sheet_range.beg_auth_seq_id 
_struct_sheet_range.end_auth_comp_id 
_struct_sheet_range.end_auth_asym_id 
_struct_sheet_range.end_auth_seq_id 
A 1 THR A 5   ? PRO A 8   ? THR A 4   PRO A 7   
A 2 GLY A 61  ? ARG A 67  ? GLY A 60  ARG A 66  
A 3 ILE A 73  ? ASP A 80  ? ILE A 72  ASP A 79  
A 4 TRP A 126 ? THR A 133 ? TRP A 125 THR A 132 
A 5 ILE A 159 ? ALA A 163 ? ILE A 158 ALA A 162 
A 6 GLU A 192 ? LYS A 197 ? GLU A 191 LYS A 196 
A 7 VAL A 178 ? ILE A 183 ? VAL A 177 ILE A 182 
# 
loop_
_pdbx_struct_sheet_hbond.sheet_id 
_pdbx_struct_sheet_hbond.range_id_1 
_pdbx_struct_sheet_hbond.range_id_2 
_pdbx_struct_sheet_hbond.range_1_label_atom_id 
_pdbx_struct_sheet_hbond.range_1_label_comp_id 
_pdbx_struct_sheet_hbond.range_1_label_asym_id 
_pdbx_struct_sheet_hbond.range_1_label_seq_id 
_pdbx_struct_sheet_hbond.range_1_PDB_ins_code 
_pdbx_struct_sheet_hbond.range_1_auth_atom_id 
_pdbx_struct_sheet_hbond.range_1_auth_comp_id 
_pdbx_struct_sheet_hbond.range_1_auth_asym_id 
_pdbx_struct_sheet_hbond.range_1_auth_seq_id 
_pdbx_struct_sheet_hbond.range_2_label_atom_id 
_pdbx_struct_sheet_hbond.range_2_label_comp_id 
_pdbx_struct_sheet_hbond.range_2_label_asym_id 
_pdbx_struct_sheet_hbond.range_2_label_seq_id 
_pdbx_struct_sheet_hbond.range_2_PDB_ins_code 
_pdbx_struct_sheet_hbond.range_2_auth_atom_id 
_pdbx_struct_sheet_hbond.range_2_auth_comp_id 
_pdbx_struct_sheet_hbond.range_2_auth_asym_id 
_pdbx_struct_sheet_hbond.range_2_auth_seq_id 
A 1 2 N LEU A 7   ? N LEU A 6   O VAL A 65  ? O VAL A 64  
A 2 3 N ALA A 66  ? N ALA A 65  O VAL A 74  ? O VAL A 73  
A 3 4 N VAL A 76  ? N VAL A 75  O ALA A 132 ? O ALA A 131 
A 4 5 N TRP A 126 ? N TRP A 125 O TYR A 160 ? O TYR A 159 
A 5 6 N ALA A 163 ? N ALA A 162 O LEU A 193 ? O LEU A 192 
A 6 7 O TRP A 196 ? O TRP A 195 N VAL A 178 ? N VAL A 177 
# 
loop_
_struct_site.id 
_struct_site.pdbx_evidence_code 
_struct_site.pdbx_auth_asym_id 
_struct_site.pdbx_auth_comp_id 
_struct_site.pdbx_auth_seq_id 
_struct_site.pdbx_auth_ins_code 
_struct_site.pdbx_num_residues 
_struct_site.details 
AC1 Software A EDO 204 ? 7 'BINDING SITE FOR RESIDUE EDO A 204' 
AC2 Software A EDO 205 ? 3 'BINDING SITE FOR RESIDUE EDO A 205' 
AC3 Software A EDO 206 ? 6 'BINDING SITE FOR RESIDUE EDO A 206' 
AC4 Software A EDO 207 ? 7 'BINDING SITE FOR RESIDUE EDO A 207' 
AC5 Software A EDO 208 ? 8 'BINDING SITE FOR RESIDUE EDO A 208' 
AC6 Software A EDO 209 ? 4 'BINDING SITE FOR RESIDUE EDO A 209' 
AC7 Software A EDO 210 ? 8 'BINDING SITE FOR RESIDUE EDO A 210' 
AC8 Software A EDO 211 ? 6 'BINDING SITE FOR RESIDUE EDO A 211' 
AC9 Software A EDO 212 ? 8 'BINDING SITE FOR RESIDUE EDO A 212' 
# 
loop_
_struct_site_gen.id 
_struct_site_gen.site_id 
_struct_site_gen.pdbx_num_res 
_struct_site_gen.label_comp_id 
_struct_site_gen.label_asym_id 
_struct_site_gen.label_seq_id 
_struct_site_gen.pdbx_auth_ins_code 
_struct_site_gen.auth_comp_id 
_struct_site_gen.auth_asym_id 
_struct_site_gen.auth_seq_id 
_struct_site_gen.label_atom_id 
_struct_site_gen.label_alt_id 
_struct_site_gen.symmetry 
_struct_site_gen.details 
1  AC1 7 ASP A 156 ? ASP A 155 . ? 1_555 ? 
2  AC1 7 GLU A 157 ? GLU A 156 . ? 1_555 ? 
3  AC1 7 ASP A 187 ? ASP A 186 . ? 5_555 ? 
4  AC1 7 ASP A 188 ? ASP A 187 . ? 5_555 ? 
5  AC1 7 GLY A 189 ? GLY A 188 . ? 5_555 ? 
6  AC1 7 ALA A 200 ? ALA A 199 . ? 1_555 ? 
7  AC1 7 HOH K .   ? HOH A 344 . ? 1_555 ? 
8  AC2 3 ALA A 9   ? ALA A 8   . ? 1_555 ? 
9  AC2 3 ALA A 58  ? ALA A 57  . ? 1_555 ? 
10 AC2 3 EDO H .   ? EDO A 210 . ? 1_555 ? 
11 AC3 6 TYR A 129 ? TYR A 128 . ? 1_555 ? 
12 AC3 6 THR A 130 ? THR A 129 . ? 1_555 ? 
13 AC3 6 VAL A 131 ? VAL A 130 . ? 1_555 ? 
14 AC3 6 GLU A 162 ? GLU A 161 . ? 1_555 ? 
15 AC3 6 TYR A 172 ? TYR A 171 . ? 1_555 ? 
16 AC3 6 HOH K .   ? HOH A 227 . ? 1_555 ? 
17 AC4 7 PRO A 179 ? PRO A 178 . ? 8_555 ? 
18 AC4 7 ASP A 188 ? ASP A 187 . ? 5_555 ? 
19 AC4 7 GLY A 189 ? GLY A 188 . ? 5_555 ? 
20 AC4 7 LEU A 193 ? LEU A 192 . ? 8_555 ? 
21 AC4 7 ALA A 200 ? ALA A 199 . ? 1_555 ? 
22 AC4 7 MSE A 201 ? MSE A 200 . ? 1_555 ? 
23 AC4 7 PRO A 202 ? PRO A 201 . ? 1_555 ? 
24 AC5 8 ILE A 151 ? ILE A 150 . ? 1_555 ? 
25 AC5 8 ALA A 154 ? ALA A 153 . ? 1_555 ? 
26 AC5 8 GLY A 155 ? GLY A 154 . ? 1_555 ? 
27 AC5 8 GLU A 157 ? GLU A 156 . ? 1_555 ? 
28 AC5 8 ILE A 159 ? ILE A 158 . ? 1_555 ? 
29 AC5 8 LYS A 197 ? LYS A 196 . ? 1_555 ? 
30 AC5 8 HOH K .   ? HOH A 248 . ? 1_555 ? 
31 AC5 8 HOH K .   ? HOH A 271 . ? 1_555 ? 
32 AC6 4 VAL A 131 ? VAL A 130 . ? 1_555 ? 
33 AC6 4 THR A 133 ? THR A 132 . ? 1_555 ? 
34 AC6 4 GLY A 143 ? GLY A 142 . ? 1_555 ? 
35 AC6 4 EDO I .   ? EDO A 211 . ? 1_555 ? 
36 AC7 8 PRO A 8   ? PRO A 7   . ? 1_555 ? 
37 AC7 8 ASN A 62  ? ASN A 61  . ? 1_555 ? 
38 AC7 8 ILE A 63  ? ILE A 62  . ? 1_555 ? 
39 AC7 8 ASP A 64  ? ASP A 63  . ? 1_555 ? 
40 AC7 8 ARG A 153 ? ARG A 152 . ? 1_555 ? 
41 AC7 8 EDO C .   ? EDO A 205 . ? 1_555 ? 
42 AC7 8 HOH K .   ? HOH A 316 . ? 1_555 ? 
43 AC7 8 HOH K .   ? HOH A 322 . ? 1_555 ? 
44 AC8 6 THR A 133 ? THR A 132 . ? 1_555 ? 
45 AC8 6 ARG A 138 ? ARG A 137 . ? 1_555 ? 
46 AC8 6 GLY A 139 ? GLY A 138 . ? 1_555 ? 
47 AC8 6 EDO G .   ? EDO A 209 . ? 1_555 ? 
48 AC8 6 HOH K .   ? HOH A 240 . ? 1_555 ? 
49 AC8 6 HOH K .   ? HOH A 329 . ? 1_555 ? 
50 AC9 8 LEU A 32  ? LEU A 31  . ? 5_555 ? 
51 AC9 8 GLN A 37  ? GLN A 36  . ? 5_555 ? 
52 AC9 8 ARG A 153 ? ARG A 152 . ? 1_555 ? 
53 AC9 8 ALA A 154 ? ALA A 153 . ? 1_555 ? 
54 AC9 8 GLY A 155 ? GLY A 154 . ? 1_555 ? 
55 AC9 8 ASP A 156 ? ASP A 155 . ? 1_555 ? 
56 AC9 8 GLU A 157 ? GLU A 156 . ? 1_555 ? 
57 AC9 8 HOH K .   ? HOH A 334 . ? 5_555 ? 
# 
_pdbx_entry_details.entry_id                   2QEC 
_pdbx_entry_details.sequence_details           
;1. THE CONSTRUCT WAS EXPRESSED WITH A PURIFICATION TAG
MGSDKIHHHHHHENLYFQG. THE TAG WAS REMOVED WITH TEV PROTEASE
LEAVING ONLY A GLYCINE, FOLLOWED BY THE TARGET SEQUENCE.
2. THE CONSTRUCT WAS ENGINEERED WITH THE FOLLOWING MUTATION:
A29T.
;
_pdbx_entry_details.compound_details           ? 
_pdbx_entry_details.source_details             ? 
_pdbx_entry_details.nonpolymer_details         ? 
_pdbx_entry_details.has_ligand_of_interest     ? 
_pdbx_entry_details.has_protein_modification   Y 
# 
loop_
_pdbx_validate_torsion.id 
_pdbx_validate_torsion.PDB_model_num 
_pdbx_validate_torsion.auth_comp_id 
_pdbx_validate_torsion.auth_asym_id 
_pdbx_validate_torsion.auth_seq_id 
_pdbx_validate_torsion.PDB_ins_code 
_pdbx_validate_torsion.label_alt_id 
_pdbx_validate_torsion.phi 
_pdbx_validate_torsion.psi 
1 1 GLN A 55  ? ? -125.07 -57.97  
2 1 ALA A 105 ? ? -131.83 -109.01 
3 1 ASP A 186 ? ? 50.67   -28.61  
# 
_pdbx_validate_chiral.id              1 
_pdbx_validate_chiral.PDB_model_num   1 
_pdbx_validate_chiral.auth_atom_id    CA 
_pdbx_validate_chiral.label_alt_id    ? 
_pdbx_validate_chiral.auth_asym_id    A 
_pdbx_validate_chiral.auth_comp_id    ALA 
_pdbx_validate_chiral.auth_seq_id     105 
_pdbx_validate_chiral.PDB_ins_code    ? 
_pdbx_validate_chiral.details         PLANAR 
_pdbx_validate_chiral.omega           . 
# 
_pdbx_SG_project.project_name          'PSI, Protein Structure Initiative' 
_pdbx_SG_project.full_name_of_center   'Joint Center for Structural Genomics' 
_pdbx_SG_project.id                    1 
_pdbx_SG_project.initial_of_center     JCSG 
# 
loop_
_pdbx_struct_mod_residue.id 
_pdbx_struct_mod_residue.label_asym_id 
_pdbx_struct_mod_residue.label_comp_id 
_pdbx_struct_mod_residue.label_seq_id 
_pdbx_struct_mod_residue.auth_asym_id 
_pdbx_struct_mod_residue.auth_comp_id 
_pdbx_struct_mod_residue.auth_seq_id 
_pdbx_struct_mod_residue.PDB_ins_code 
_pdbx_struct_mod_residue.parent_comp_id 
_pdbx_struct_mod_residue.details 
1 A MSE 2   A MSE 1   ? MET SELENOMETHIONINE 
2 A MSE 195 A MSE 194 ? MET SELENOMETHIONINE 
3 A MSE 201 A MSE 200 ? MET SELENOMETHIONINE 
# 
loop_
_pdbx_refine_tls.id 
_pdbx_refine_tls.details 
_pdbx_refine_tls.method 
_pdbx_refine_tls.origin_x 
_pdbx_refine_tls.origin_y 
_pdbx_refine_tls.origin_z 
_pdbx_refine_tls.T[1][1] 
_pdbx_refine_tls.T[2][2] 
_pdbx_refine_tls.T[3][3] 
_pdbx_refine_tls.T[1][2] 
_pdbx_refine_tls.T[1][3] 
_pdbx_refine_tls.T[2][3] 
_pdbx_refine_tls.L[1][1] 
_pdbx_refine_tls.L[2][2] 
_pdbx_refine_tls.L[3][3] 
_pdbx_refine_tls.L[1][2] 
_pdbx_refine_tls.L[1][3] 
_pdbx_refine_tls.L[2][3] 
_pdbx_refine_tls.S[1][1] 
_pdbx_refine_tls.S[2][2] 
_pdbx_refine_tls.S[3][3] 
_pdbx_refine_tls.S[1][2] 
_pdbx_refine_tls.S[1][3] 
_pdbx_refine_tls.S[2][3] 
_pdbx_refine_tls.S[2][1] 
_pdbx_refine_tls.S[3][1] 
_pdbx_refine_tls.S[3][2] 
_pdbx_refine_tls.pdbx_refine_id 
1 ? refined -1.3486 7.5222  0.6206  -0.0698 -0.2127 -0.0976 0.0446  0.0743 0.0862  1.7392  1.7008  2.6430  1.2391  -1.4925 -0.7756  0.0690 -0.0944 0.0254  -0.0800 0.0331  0.1983  0.4281 -0.2445 0.0847  'X-RAY DIFFRACTION' 
2 ? refined 1.7030  -8.6914 -2.2936 -0.1832 -0.1636 -0.0493 0.0626  0.0566 0.0804  1.0128  4.4239  1.1195  -0.4172 0.3462  -1.5689  0.0962 -0.0179 -0.0783 -0.0430 -0.0173 0.3560  0.1888 -0.0066 -0.0527 'X-RAY DIFFRACTION' 
3 ? refined 2.7625  8.8105  17.0291 0.8872  0.7314  0.6969  -0.0963 0.0120 -0.0393 29.0940 52.6206 37.5404 3.8379  1.6827  -34.6558 0.7753 -1.4033 0.6280  -1.2185 0.2392  -3.6270 1.7700 -0.6182 2.1266  'X-RAY DIFFRACTION' 
# 
loop_
_pdbx_refine_tls_group.id 
_pdbx_refine_tls_group.refine_tls_id 
_pdbx_refine_tls_group.beg_label_asym_id 
_pdbx_refine_tls_group.beg_label_seq_id 
_pdbx_refine_tls_group.end_label_asym_id 
_pdbx_refine_tls_group.end_label_seq_id 
_pdbx_refine_tls_group.selection 
_pdbx_refine_tls_group.beg_auth_asym_id 
_pdbx_refine_tls_group.beg_auth_seq_id 
_pdbx_refine_tls_group.end_auth_asym_id 
_pdbx_refine_tls_group.end_auth_seq_id 
_pdbx_refine_tls_group.pdbx_refine_id 
_pdbx_refine_tls_group.selection_details 
1 1 A 2   A 83  ALL A 1   A 82  'X-RAY DIFFRACTION' ? 
2 2 A 118 A 204 ALL A 117 A 203 'X-RAY DIFFRACTION' ? 
3 3 A 96  A 107 ALL A 95  A 106 'X-RAY DIFFRACTION' ? 
# 
loop_
_phasing.method 
MAD 
MR  
# 
loop_
_pdbx_unobs_or_zero_occ_residues.id 
_pdbx_unobs_or_zero_occ_residues.PDB_model_num 
_pdbx_unobs_or_zero_occ_residues.polymer_flag 
_pdbx_unobs_or_zero_occ_residues.occupancy_flag 
_pdbx_unobs_or_zero_occ_residues.auth_asym_id 
_pdbx_unobs_or_zero_occ_residues.auth_comp_id 
_pdbx_unobs_or_zero_occ_residues.auth_seq_id 
_pdbx_unobs_or_zero_occ_residues.PDB_ins_code 
_pdbx_unobs_or_zero_occ_residues.label_asym_id 
_pdbx_unobs_or_zero_occ_residues.label_comp_id 
_pdbx_unobs_or_zero_occ_residues.label_seq_id 
1  1 Y 1 A GLY 0   ? A GLY 1   
2  1 Y 1 A GLY 83  ? A GLY 84  
3  1 Y 1 A ASN 84  ? A ASN 85  
4  1 Y 1 A HIS 85  ? A HIS 86  
5  1 Y 1 A SER 86  ? A SER 87  
6  1 Y 1 A ALA 87  ? A ALA 88  
7  1 Y 1 A LYS 88  ? A LYS 89  
8  1 Y 1 A ASP 89  ? A ASP 90  
9  1 Y 1 A GLN 90  ? A GLN 91  
10 1 Y 1 A ALA 91  ? A ALA 92  
11 1 Y 1 A ALA 92  ? A ALA 93  
12 1 Y 1 A MSE 93  ? A MSE 94  
13 1 Y 1 A LEU 94  ? A LEU 95  
14 1 Y 1 A ILE 103 ? A ILE 104 
15 1 Y 1 A GLN 107 ? A GLN 108 
16 1 Y 1 A VAL 108 ? A VAL 109 
17 1 Y 1 A ALA 109 ? A ALA 110 
18 1 Y 1 A TRP 110 ? A TRP 111 
19 1 Y 1 A THR 111 ? A THR 112 
20 1 Y 1 A ASP 112 ? A ASP 113 
21 1 Y 1 A LEU 113 ? A LEU 114 
22 1 Y 1 A SER 114 ? A SER 115 
23 1 Y 1 A SER 115 ? A SER 116 
# 
loop_
_chem_comp_atom.comp_id 
_chem_comp_atom.atom_id 
_chem_comp_atom.type_symbol 
_chem_comp_atom.pdbx_aromatic_flag 
_chem_comp_atom.pdbx_stereo_config 
_chem_comp_atom.pdbx_ordinal 
ALA N    N  N N 1   
ALA CA   C  N S 2   
ALA C    C  N N 3   
ALA O    O  N N 4   
ALA CB   C  N N 5   
ALA OXT  O  N N 6   
ALA H    H  N N 7   
ALA H2   H  N N 8   
ALA HA   H  N N 9   
ALA HB1  H  N N 10  
ALA HB2  H  N N 11  
ALA HB3  H  N N 12  
ALA HXT  H  N N 13  
ARG N    N  N N 14  
ARG CA   C  N S 15  
ARG C    C  N N 16  
ARG O    O  N N 17  
ARG CB   C  N N 18  
ARG CG   C  N N 19  
ARG CD   C  N N 20  
ARG NE   N  N N 21  
ARG CZ   C  N N 22  
ARG NH1  N  N N 23  
ARG NH2  N  N N 24  
ARG OXT  O  N N 25  
ARG H    H  N N 26  
ARG H2   H  N N 27  
ARG HA   H  N N 28  
ARG HB2  H  N N 29  
ARG HB3  H  N N 30  
ARG HG2  H  N N 31  
ARG HG3  H  N N 32  
ARG HD2  H  N N 33  
ARG HD3  H  N N 34  
ARG HE   H  N N 35  
ARG HH11 H  N N 36  
ARG HH12 H  N N 37  
ARG HH21 H  N N 38  
ARG HH22 H  N N 39  
ARG HXT  H  N N 40  
ASN N    N  N N 41  
ASN CA   C  N S 42  
ASN C    C  N N 43  
ASN O    O  N N 44  
ASN CB   C  N N 45  
ASN CG   C  N N 46  
ASN OD1  O  N N 47  
ASN ND2  N  N N 48  
ASN OXT  O  N N 49  
ASN H    H  N N 50  
ASN H2   H  N N 51  
ASN HA   H  N N 52  
ASN HB2  H  N N 53  
ASN HB3  H  N N 54  
ASN HD21 H  N N 55  
ASN HD22 H  N N 56  
ASN HXT  H  N N 57  
ASP N    N  N N 58  
ASP CA   C  N S 59  
ASP C    C  N N 60  
ASP O    O  N N 61  
ASP CB   C  N N 62  
ASP CG   C  N N 63  
ASP OD1  O  N N 64  
ASP OD2  O  N N 65  
ASP OXT  O  N N 66  
ASP H    H  N N 67  
ASP H2   H  N N 68  
ASP HA   H  N N 69  
ASP HB2  H  N N 70  
ASP HB3  H  N N 71  
ASP HD2  H  N N 72  
ASP HXT  H  N N 73  
EDO C1   C  N N 74  
EDO O1   O  N N 75  
EDO C2   C  N N 76  
EDO O2   O  N N 77  
EDO H11  H  N N 78  
EDO H12  H  N N 79  
EDO HO1  H  N N 80  
EDO H21  H  N N 81  
EDO H22  H  N N 82  
EDO HO2  H  N N 83  
GLN N    N  N N 84  
GLN CA   C  N S 85  
GLN C    C  N N 86  
GLN O    O  N N 87  
GLN CB   C  N N 88  
GLN CG   C  N N 89  
GLN CD   C  N N 90  
GLN OE1  O  N N 91  
GLN NE2  N  N N 92  
GLN OXT  O  N N 93  
GLN H    H  N N 94  
GLN H2   H  N N 95  
GLN HA   H  N N 96  
GLN HB2  H  N N 97  
GLN HB3  H  N N 98  
GLN HG2  H  N N 99  
GLN HG3  H  N N 100 
GLN HE21 H  N N 101 
GLN HE22 H  N N 102 
GLN HXT  H  N N 103 
GLU N    N  N N 104 
GLU CA   C  N S 105 
GLU C    C  N N 106 
GLU O    O  N N 107 
GLU CB   C  N N 108 
GLU CG   C  N N 109 
GLU CD   C  N N 110 
GLU OE1  O  N N 111 
GLU OE2  O  N N 112 
GLU OXT  O  N N 113 
GLU H    H  N N 114 
GLU H2   H  N N 115 
GLU HA   H  N N 116 
GLU HB2  H  N N 117 
GLU HB3  H  N N 118 
GLU HG2  H  N N 119 
GLU HG3  H  N N 120 
GLU HE2  H  N N 121 
GLU HXT  H  N N 122 
GLY N    N  N N 123 
GLY CA   C  N N 124 
GLY C    C  N N 125 
GLY O    O  N N 126 
GLY OXT  O  N N 127 
GLY H    H  N N 128 
GLY H2   H  N N 129 
GLY HA2  H  N N 130 
GLY HA3  H  N N 131 
GLY HXT  H  N N 132 
HIS N    N  N N 133 
HIS CA   C  N S 134 
HIS C    C  N N 135 
HIS O    O  N N 136 
HIS CB   C  N N 137 
HIS CG   C  Y N 138 
HIS ND1  N  Y N 139 
HIS CD2  C  Y N 140 
HIS CE1  C  Y N 141 
HIS NE2  N  Y N 142 
HIS OXT  O  N N 143 
HIS H    H  N N 144 
HIS H2   H  N N 145 
HIS HA   H  N N 146 
HIS HB2  H  N N 147 
HIS HB3  H  N N 148 
HIS HD1  H  N N 149 
HIS HD2  H  N N 150 
HIS HE1  H  N N 151 
HIS HE2  H  N N 152 
HIS HXT  H  N N 153 
HOH O    O  N N 154 
HOH H1   H  N N 155 
HOH H2   H  N N 156 
ILE N    N  N N 157 
ILE CA   C  N S 158 
ILE C    C  N N 159 
ILE O    O  N N 160 
ILE CB   C  N S 161 
ILE CG1  C  N N 162 
ILE CG2  C  N N 163 
ILE CD1  C  N N 164 
ILE OXT  O  N N 165 
ILE H    H  N N 166 
ILE H2   H  N N 167 
ILE HA   H  N N 168 
ILE HB   H  N N 169 
ILE HG12 H  N N 170 
ILE HG13 H  N N 171 
ILE HG21 H  N N 172 
ILE HG22 H  N N 173 
ILE HG23 H  N N 174 
ILE HD11 H  N N 175 
ILE HD12 H  N N 176 
ILE HD13 H  N N 177 
ILE HXT  H  N N 178 
LEU N    N  N N 179 
LEU CA   C  N S 180 
LEU C    C  N N 181 
LEU O    O  N N 182 
LEU CB   C  N N 183 
LEU CG   C  N N 184 
LEU CD1  C  N N 185 
LEU CD2  C  N N 186 
LEU OXT  O  N N 187 
LEU H    H  N N 188 
LEU H2   H  N N 189 
LEU HA   H  N N 190 
LEU HB2  H  N N 191 
LEU HB3  H  N N 192 
LEU HG   H  N N 193 
LEU HD11 H  N N 194 
LEU HD12 H  N N 195 
LEU HD13 H  N N 196 
LEU HD21 H  N N 197 
LEU HD22 H  N N 198 
LEU HD23 H  N N 199 
LEU HXT  H  N N 200 
LYS N    N  N N 201 
LYS CA   C  N S 202 
LYS C    C  N N 203 
LYS O    O  N N 204 
LYS CB   C  N N 205 
LYS CG   C  N N 206 
LYS CD   C  N N 207 
LYS CE   C  N N 208 
LYS NZ   N  N N 209 
LYS OXT  O  N N 210 
LYS H    H  N N 211 
LYS H2   H  N N 212 
LYS HA   H  N N 213 
LYS HB2  H  N N 214 
LYS HB3  H  N N 215 
LYS HG2  H  N N 216 
LYS HG3  H  N N 217 
LYS HD2  H  N N 218 
LYS HD3  H  N N 219 
LYS HE2  H  N N 220 
LYS HE3  H  N N 221 
LYS HZ1  H  N N 222 
LYS HZ2  H  N N 223 
LYS HZ3  H  N N 224 
LYS HXT  H  N N 225 
MET N    N  N N 226 
MET CA   C  N S 227 
MET C    C  N N 228 
MET O    O  N N 229 
MET CB   C  N N 230 
MET CG   C  N N 231 
MET SD   S  N N 232 
MET CE   C  N N 233 
MET OXT  O  N N 234 
MET H    H  N N 235 
MET H2   H  N N 236 
MET HA   H  N N 237 
MET HB2  H  N N 238 
MET HB3  H  N N 239 
MET HG2  H  N N 240 
MET HG3  H  N N 241 
MET HE1  H  N N 242 
MET HE2  H  N N 243 
MET HE3  H  N N 244 
MET HXT  H  N N 245 
MSE N    N  N N 246 
MSE CA   C  N S 247 
MSE C    C  N N 248 
MSE O    O  N N 249 
MSE OXT  O  N N 250 
MSE CB   C  N N 251 
MSE CG   C  N N 252 
MSE SE   SE N N 253 
MSE CE   C  N N 254 
MSE H    H  N N 255 
MSE H2   H  N N 256 
MSE HA   H  N N 257 
MSE HXT  H  N N 258 
MSE HB2  H  N N 259 
MSE HB3  H  N N 260 
MSE HG2  H  N N 261 
MSE HG3  H  N N 262 
MSE HE1  H  N N 263 
MSE HE2  H  N N 264 
MSE HE3  H  N N 265 
PHE N    N  N N 266 
PHE CA   C  N S 267 
PHE C    C  N N 268 
PHE O    O  N N 269 
PHE CB   C  N N 270 
PHE CG   C  Y N 271 
PHE CD1  C  Y N 272 
PHE CD2  C  Y N 273 
PHE CE1  C  Y N 274 
PHE CE2  C  Y N 275 
PHE CZ   C  Y N 276 
PHE OXT  O  N N 277 
PHE H    H  N N 278 
PHE H2   H  N N 279 
PHE HA   H  N N 280 
PHE HB2  H  N N 281 
PHE HB3  H  N N 282 
PHE HD1  H  N N 283 
PHE HD2  H  N N 284 
PHE HE1  H  N N 285 
PHE HE2  H  N N 286 
PHE HZ   H  N N 287 
PHE HXT  H  N N 288 
PRO N    N  N N 289 
PRO CA   C  N S 290 
PRO C    C  N N 291 
PRO O    O  N N 292 
PRO CB   C  N N 293 
PRO CG   C  N N 294 
PRO CD   C  N N 295 
PRO OXT  O  N N 296 
PRO H    H  N N 297 
PRO HA   H  N N 298 
PRO HB2  H  N N 299 
PRO HB3  H  N N 300 
PRO HG2  H  N N 301 
PRO HG3  H  N N 302 
PRO HD2  H  N N 303 
PRO HD3  H  N N 304 
PRO HXT  H  N N 305 
SER N    N  N N 306 
SER CA   C  N S 307 
SER C    C  N N 308 
SER O    O  N N 309 
SER CB   C  N N 310 
SER OG   O  N N 311 
SER OXT  O  N N 312 
SER H    H  N N 313 
SER H2   H  N N 314 
SER HA   H  N N 315 
SER HB2  H  N N 316 
SER HB3  H  N N 317 
SER HG   H  N N 318 
SER HXT  H  N N 319 
THR N    N  N N 320 
THR CA   C  N S 321 
THR C    C  N N 322 
THR O    O  N N 323 
THR CB   C  N R 324 
THR OG1  O  N N 325 
THR CG2  C  N N 326 
THR OXT  O  N N 327 
THR H    H  N N 328 
THR H2   H  N N 329 
THR HA   H  N N 330 
THR HB   H  N N 331 
THR HG1  H  N N 332 
THR HG21 H  N N 333 
THR HG22 H  N N 334 
THR HG23 H  N N 335 
THR HXT  H  N N 336 
TRP N    N  N N 337 
TRP CA   C  N S 338 
TRP C    C  N N 339 
TRP O    O  N N 340 
TRP CB   C  N N 341 
TRP CG   C  Y N 342 
TRP CD1  C  Y N 343 
TRP CD2  C  Y N 344 
TRP NE1  N  Y N 345 
TRP CE2  C  Y N 346 
TRP CE3  C  Y N 347 
TRP CZ2  C  Y N 348 
TRP CZ3  C  Y N 349 
TRP CH2  C  Y N 350 
TRP OXT  O  N N 351 
TRP H    H  N N 352 
TRP H2   H  N N 353 
TRP HA   H  N N 354 
TRP HB2  H  N N 355 
TRP HB3  H  N N 356 
TRP HD1  H  N N 357 
TRP HE1  H  N N 358 
TRP HE3  H  N N 359 
TRP HZ2  H  N N 360 
TRP HZ3  H  N N 361 
TRP HH2  H  N N 362 
TRP HXT  H  N N 363 
TYR N    N  N N 364 
TYR CA   C  N S 365 
TYR C    C  N N 366 
TYR O    O  N N 367 
TYR CB   C  N N 368 
TYR CG   C  Y N 369 
TYR CD1  C  Y N 370 
TYR CD2  C  Y N 371 
TYR CE1  C  Y N 372 
TYR CE2  C  Y N 373 
TYR CZ   C  Y N 374 
TYR OH   O  N N 375 
TYR OXT  O  N N 376 
TYR H    H  N N 377 
TYR H2   H  N N 378 
TYR HA   H  N N 379 
TYR HB2  H  N N 380 
TYR HB3  H  N N 381 
TYR HD1  H  N N 382 
TYR HD2  H  N N 383 
TYR HE1  H  N N 384 
TYR HE2  H  N N 385 
TYR HH   H  N N 386 
TYR HXT  H  N N 387 
VAL N    N  N N 388 
VAL CA   C  N S 389 
VAL C    C  N N 390 
VAL O    O  N N 391 
VAL CB   C  N N 392 
VAL CG1  C  N N 393 
VAL CG2  C  N N 394 
VAL OXT  O  N N 395 
VAL H    H  N N 396 
VAL H2   H  N N 397 
VAL HA   H  N N 398 
VAL HB   H  N N 399 
VAL HG11 H  N N 400 
VAL HG12 H  N N 401 
VAL HG13 H  N N 402 
VAL HG21 H  N N 403 
VAL HG22 H  N N 404 
VAL HG23 H  N N 405 
VAL HXT  H  N N 406 
# 
loop_
_chem_comp_bond.comp_id 
_chem_comp_bond.atom_id_1 
_chem_comp_bond.atom_id_2 
_chem_comp_bond.value_order 
_chem_comp_bond.pdbx_aromatic_flag 
_chem_comp_bond.pdbx_stereo_config 
_chem_comp_bond.pdbx_ordinal 
ALA N   CA   sing N N 1   
ALA N   H    sing N N 2   
ALA N   H2   sing N N 3   
ALA CA  C    sing N N 4   
ALA CA  CB   sing N N 5   
ALA CA  HA   sing N N 6   
ALA C   O    doub N N 7   
ALA C   OXT  sing N N 8   
ALA CB  HB1  sing N N 9   
ALA CB  HB2  sing N N 10  
ALA CB  HB3  sing N N 11  
ALA OXT HXT  sing N N 12  
ARG N   CA   sing N N 13  
ARG N   H    sing N N 14  
ARG N   H2   sing N N 15  
ARG CA  C    sing N N 16  
ARG CA  CB   sing N N 17  
ARG CA  HA   sing N N 18  
ARG C   O    doub N N 19  
ARG C   OXT  sing N N 20  
ARG CB  CG   sing N N 21  
ARG CB  HB2  sing N N 22  
ARG CB  HB3  sing N N 23  
ARG CG  CD   sing N N 24  
ARG CG  HG2  sing N N 25  
ARG CG  HG3  sing N N 26  
ARG CD  NE   sing N N 27  
ARG CD  HD2  sing N N 28  
ARG CD  HD3  sing N N 29  
ARG NE  CZ   sing N N 30  
ARG NE  HE   sing N N 31  
ARG CZ  NH1  sing N N 32  
ARG CZ  NH2  doub N N 33  
ARG NH1 HH11 sing N N 34  
ARG NH1 HH12 sing N N 35  
ARG NH2 HH21 sing N N 36  
ARG NH2 HH22 sing N N 37  
ARG OXT HXT  sing N N 38  
ASN N   CA   sing N N 39  
ASN N   H    sing N N 40  
ASN N   H2   sing N N 41  
ASN CA  C    sing N N 42  
ASN CA  CB   sing N N 43  
ASN CA  HA   sing N N 44  
ASN C   O    doub N N 45  
ASN C   OXT  sing N N 46  
ASN CB  CG   sing N N 47  
ASN CB  HB2  sing N N 48  
ASN CB  HB3  sing N N 49  
ASN CG  OD1  doub N N 50  
ASN CG  ND2  sing N N 51  
ASN ND2 HD21 sing N N 52  
ASN ND2 HD22 sing N N 53  
ASN OXT HXT  sing N N 54  
ASP N   CA   sing N N 55  
ASP N   H    sing N N 56  
ASP N   H2   sing N N 57  
ASP CA  C    sing N N 58  
ASP CA  CB   sing N N 59  
ASP CA  HA   sing N N 60  
ASP C   O    doub N N 61  
ASP C   OXT  sing N N 62  
ASP CB  CG   sing N N 63  
ASP CB  HB2  sing N N 64  
ASP CB  HB3  sing N N 65  
ASP CG  OD1  doub N N 66  
ASP CG  OD2  sing N N 67  
ASP OD2 HD2  sing N N 68  
ASP OXT HXT  sing N N 69  
EDO C1  O1   sing N N 70  
EDO C1  C2   sing N N 71  
EDO C1  H11  sing N N 72  
EDO C1  H12  sing N N 73  
EDO O1  HO1  sing N N 74  
EDO C2  O2   sing N N 75  
EDO C2  H21  sing N N 76  
EDO C2  H22  sing N N 77  
EDO O2  HO2  sing N N 78  
GLN N   CA   sing N N 79  
GLN N   H    sing N N 80  
GLN N   H2   sing N N 81  
GLN CA  C    sing N N 82  
GLN CA  CB   sing N N 83  
GLN CA  HA   sing N N 84  
GLN C   O    doub N N 85  
GLN C   OXT  sing N N 86  
GLN CB  CG   sing N N 87  
GLN CB  HB2  sing N N 88  
GLN CB  HB3  sing N N 89  
GLN CG  CD   sing N N 90  
GLN CG  HG2  sing N N 91  
GLN CG  HG3  sing N N 92  
GLN CD  OE1  doub N N 93  
GLN CD  NE2  sing N N 94  
GLN NE2 HE21 sing N N 95  
GLN NE2 HE22 sing N N 96  
GLN OXT HXT  sing N N 97  
GLU N   CA   sing N N 98  
GLU N   H    sing N N 99  
GLU N   H2   sing N N 100 
GLU CA  C    sing N N 101 
GLU CA  CB   sing N N 102 
GLU CA  HA   sing N N 103 
GLU C   O    doub N N 104 
GLU C   OXT  sing N N 105 
GLU CB  CG   sing N N 106 
GLU CB  HB2  sing N N 107 
GLU CB  HB3  sing N N 108 
GLU CG  CD   sing N N 109 
GLU CG  HG2  sing N N 110 
GLU CG  HG3  sing N N 111 
GLU CD  OE1  doub N N 112 
GLU CD  OE2  sing N N 113 
GLU OE2 HE2  sing N N 114 
GLU OXT HXT  sing N N 115 
GLY N   CA   sing N N 116 
GLY N   H    sing N N 117 
GLY N   H2   sing N N 118 
GLY CA  C    sing N N 119 
GLY CA  HA2  sing N N 120 
GLY CA  HA3  sing N N 121 
GLY C   O    doub N N 122 
GLY C   OXT  sing N N 123 
GLY OXT HXT  sing N N 124 
HIS N   CA   sing N N 125 
HIS N   H    sing N N 126 
HIS N   H2   sing N N 127 
HIS CA  C    sing N N 128 
HIS CA  CB   sing N N 129 
HIS CA  HA   sing N N 130 
HIS C   O    doub N N 131 
HIS C   OXT  sing N N 132 
HIS CB  CG   sing N N 133 
HIS CB  HB2  sing N N 134 
HIS CB  HB3  sing N N 135 
HIS CG  ND1  sing Y N 136 
HIS CG  CD2  doub Y N 137 
HIS ND1 CE1  doub Y N 138 
HIS ND1 HD1  sing N N 139 
HIS CD2 NE2  sing Y N 140 
HIS CD2 HD2  sing N N 141 
HIS CE1 NE2  sing Y N 142 
HIS CE1 HE1  sing N N 143 
HIS NE2 HE2  sing N N 144 
HIS OXT HXT  sing N N 145 
HOH O   H1   sing N N 146 
HOH O   H2   sing N N 147 
ILE N   CA   sing N N 148 
ILE N   H    sing N N 149 
ILE N   H2   sing N N 150 
ILE CA  C    sing N N 151 
ILE CA  CB   sing N N 152 
ILE CA  HA   sing N N 153 
ILE C   O    doub N N 154 
ILE C   OXT  sing N N 155 
ILE CB  CG1  sing N N 156 
ILE CB  CG2  sing N N 157 
ILE CB  HB   sing N N 158 
ILE CG1 CD1  sing N N 159 
ILE CG1 HG12 sing N N 160 
ILE CG1 HG13 sing N N 161 
ILE CG2 HG21 sing N N 162 
ILE CG2 HG22 sing N N 163 
ILE CG2 HG23 sing N N 164 
ILE CD1 HD11 sing N N 165 
ILE CD1 HD12 sing N N 166 
ILE CD1 HD13 sing N N 167 
ILE OXT HXT  sing N N 168 
LEU N   CA   sing N N 169 
LEU N   H    sing N N 170 
LEU N   H2   sing N N 171 
LEU CA  C    sing N N 172 
LEU CA  CB   sing N N 173 
LEU CA  HA   sing N N 174 
LEU C   O    doub N N 175 
LEU C   OXT  sing N N 176 
LEU CB  CG   sing N N 177 
LEU CB  HB2  sing N N 178 
LEU CB  HB3  sing N N 179 
LEU CG  CD1  sing N N 180 
LEU CG  CD2  sing N N 181 
LEU CG  HG   sing N N 182 
LEU CD1 HD11 sing N N 183 
LEU CD1 HD12 sing N N 184 
LEU CD1 HD13 sing N N 185 
LEU CD2 HD21 sing N N 186 
LEU CD2 HD22 sing N N 187 
LEU CD2 HD23 sing N N 188 
LEU OXT HXT  sing N N 189 
LYS N   CA   sing N N 190 
LYS N   H    sing N N 191 
LYS N   H2   sing N N 192 
LYS CA  C    sing N N 193 
LYS CA  CB   sing N N 194 
LYS CA  HA   sing N N 195 
LYS C   O    doub N N 196 
LYS C   OXT  sing N N 197 
LYS CB  CG   sing N N 198 
LYS CB  HB2  sing N N 199 
LYS CB  HB3  sing N N 200 
LYS CG  CD   sing N N 201 
LYS CG  HG2  sing N N 202 
LYS CG  HG3  sing N N 203 
LYS CD  CE   sing N N 204 
LYS CD  HD2  sing N N 205 
LYS CD  HD3  sing N N 206 
LYS CE  NZ   sing N N 207 
LYS CE  HE2  sing N N 208 
LYS CE  HE3  sing N N 209 
LYS NZ  HZ1  sing N N 210 
LYS NZ  HZ2  sing N N 211 
LYS NZ  HZ3  sing N N 212 
LYS OXT HXT  sing N N 213 
MET N   CA   sing N N 214 
MET N   H    sing N N 215 
MET N   H2   sing N N 216 
MET CA  C    sing N N 217 
MET CA  CB   sing N N 218 
MET CA  HA   sing N N 219 
MET C   O    doub N N 220 
MET C   OXT  sing N N 221 
MET CB  CG   sing N N 222 
MET CB  HB2  sing N N 223 
MET CB  HB3  sing N N 224 
MET CG  SD   sing N N 225 
MET CG  HG2  sing N N 226 
MET CG  HG3  sing N N 227 
MET SD  CE   sing N N 228 
MET CE  HE1  sing N N 229 
MET CE  HE2  sing N N 230 
MET CE  HE3  sing N N 231 
MET OXT HXT  sing N N 232 
MSE N   CA   sing N N 233 
MSE N   H    sing N N 234 
MSE N   H2   sing N N 235 
MSE CA  C    sing N N 236 
MSE CA  CB   sing N N 237 
MSE CA  HA   sing N N 238 
MSE C   O    doub N N 239 
MSE C   OXT  sing N N 240 
MSE OXT HXT  sing N N 241 
MSE CB  CG   sing N N 242 
MSE CB  HB2  sing N N 243 
MSE CB  HB3  sing N N 244 
MSE CG  SE   sing N N 245 
MSE CG  HG2  sing N N 246 
MSE CG  HG3  sing N N 247 
MSE SE  CE   sing N N 248 
MSE CE  HE1  sing N N 249 
MSE CE  HE2  sing N N 250 
MSE CE  HE3  sing N N 251 
PHE N   CA   sing N N 252 
PHE N   H    sing N N 253 
PHE N   H2   sing N N 254 
PHE CA  C    sing N N 255 
PHE CA  CB   sing N N 256 
PHE CA  HA   sing N N 257 
PHE C   O    doub N N 258 
PHE C   OXT  sing N N 259 
PHE CB  CG   sing N N 260 
PHE CB  HB2  sing N N 261 
PHE CB  HB3  sing N N 262 
PHE CG  CD1  doub Y N 263 
PHE CG  CD2  sing Y N 264 
PHE CD1 CE1  sing Y N 265 
PHE CD1 HD1  sing N N 266 
PHE CD2 CE2  doub Y N 267 
PHE CD2 HD2  sing N N 268 
PHE CE1 CZ   doub Y N 269 
PHE CE1 HE1  sing N N 270 
PHE CE2 CZ   sing Y N 271 
PHE CE2 HE2  sing N N 272 
PHE CZ  HZ   sing N N 273 
PHE OXT HXT  sing N N 274 
PRO N   CA   sing N N 275 
PRO N   CD   sing N N 276 
PRO N   H    sing N N 277 
PRO CA  C    sing N N 278 
PRO CA  CB   sing N N 279 
PRO CA  HA   sing N N 280 
PRO C   O    doub N N 281 
PRO C   OXT  sing N N 282 
PRO CB  CG   sing N N 283 
PRO CB  HB2  sing N N 284 
PRO CB  HB3  sing N N 285 
PRO CG  CD   sing N N 286 
PRO CG  HG2  sing N N 287 
PRO CG  HG3  sing N N 288 
PRO CD  HD2  sing N N 289 
PRO CD  HD3  sing N N 290 
PRO OXT HXT  sing N N 291 
SER N   CA   sing N N 292 
SER N   H    sing N N 293 
SER N   H2   sing N N 294 
SER CA  C    sing N N 295 
SER CA  CB   sing N N 296 
SER CA  HA   sing N N 297 
SER C   O    doub N N 298 
SER C   OXT  sing N N 299 
SER CB  OG   sing N N 300 
SER CB  HB2  sing N N 301 
SER CB  HB3  sing N N 302 
SER OG  HG   sing N N 303 
SER OXT HXT  sing N N 304 
THR N   CA   sing N N 305 
THR N   H    sing N N 306 
THR N   H2   sing N N 307 
THR CA  C    sing N N 308 
THR CA  CB   sing N N 309 
THR CA  HA   sing N N 310 
THR C   O    doub N N 311 
THR C   OXT  sing N N 312 
THR CB  OG1  sing N N 313 
THR CB  CG2  sing N N 314 
THR CB  HB   sing N N 315 
THR OG1 HG1  sing N N 316 
THR CG2 HG21 sing N N 317 
THR CG2 HG22 sing N N 318 
THR CG2 HG23 sing N N 319 
THR OXT HXT  sing N N 320 
TRP N   CA   sing N N 321 
TRP N   H    sing N N 322 
TRP N   H2   sing N N 323 
TRP CA  C    sing N N 324 
TRP CA  CB   sing N N 325 
TRP CA  HA   sing N N 326 
TRP C   O    doub N N 327 
TRP C   OXT  sing N N 328 
TRP CB  CG   sing N N 329 
TRP CB  HB2  sing N N 330 
TRP CB  HB3  sing N N 331 
TRP CG  CD1  doub Y N 332 
TRP CG  CD2  sing Y N 333 
TRP CD1 NE1  sing Y N 334 
TRP CD1 HD1  sing N N 335 
TRP CD2 CE2  doub Y N 336 
TRP CD2 CE3  sing Y N 337 
TRP NE1 CE2  sing Y N 338 
TRP NE1 HE1  sing N N 339 
TRP CE2 CZ2  sing Y N 340 
TRP CE3 CZ3  doub Y N 341 
TRP CE3 HE3  sing N N 342 
TRP CZ2 CH2  doub Y N 343 
TRP CZ2 HZ2  sing N N 344 
TRP CZ3 CH2  sing Y N 345 
TRP CZ3 HZ3  sing N N 346 
TRP CH2 HH2  sing N N 347 
TRP OXT HXT  sing N N 348 
TYR N   CA   sing N N 349 
TYR N   H    sing N N 350 
TYR N   H2   sing N N 351 
TYR CA  C    sing N N 352 
TYR CA  CB   sing N N 353 
TYR CA  HA   sing N N 354 
TYR C   O    doub N N 355 
TYR C   OXT  sing N N 356 
TYR CB  CG   sing N N 357 
TYR CB  HB2  sing N N 358 
TYR CB  HB3  sing N N 359 
TYR CG  CD1  doub Y N 360 
TYR CG  CD2  sing Y N 361 
TYR CD1 CE1  sing Y N 362 
TYR CD1 HD1  sing N N 363 
TYR CD2 CE2  doub Y N 364 
TYR CD2 HD2  sing N N 365 
TYR CE1 CZ   doub Y N 366 
TYR CE1 HE1  sing N N 367 
TYR CE2 CZ   sing Y N 368 
TYR CE2 HE2  sing N N 369 
TYR CZ  OH   sing N N 370 
TYR OH  HH   sing N N 371 
TYR OXT HXT  sing N N 372 
VAL N   CA   sing N N 373 
VAL N   H    sing N N 374 
VAL N   H2   sing N N 375 
VAL CA  C    sing N N 376 
VAL CA  CB   sing N N 377 
VAL CA  HA   sing N N 378 
VAL C   O    doub N N 379 
VAL C   OXT  sing N N 380 
VAL CB  CG1  sing N N 381 
VAL CB  CG2  sing N N 382 
VAL CB  HB   sing N N 383 
VAL CG1 HG11 sing N N 384 
VAL CG1 HG12 sing N N 385 
VAL CG1 HG13 sing N N 386 
VAL CG2 HG21 sing N N 387 
VAL CG2 HG22 sing N N 388 
VAL CG2 HG23 sing N N 389 
VAL OXT HXT  sing N N 390 
# 
_atom_sites.entry_id                    2QEC 
_atom_sites.fract_transf_matrix[1][1]   -0.00726349 
_atom_sites.fract_transf_matrix[1][2]   0.00214095 
_atom_sites.fract_transf_matrix[1][3]   -0.01248881 
_atom_sites.fract_transf_matrix[2][1]   -0.00786994 
_atom_sites.fract_transf_matrix[2][2]   0.01215379 
_atom_sites.fract_transf_matrix[2][3]   -0.00187336 
_atom_sites.fract_transf_matrix[3][1]   0.00441671 
_atom_sites.fract_transf_matrix[3][2]   0.00253088 
_atom_sites.fract_transf_matrix[3][3]   -0.00213489 
_atom_sites.fract_transf_vector[1]      0.359611 
_atom_sites.fract_transf_vector[2]      0.278916 
_atom_sites.fract_transf_vector[3]      0.013100 
# 
loop_
_atom_type.symbol 
C  
N  
O  
SE 
# 
loop_
_atom_site.group_PDB 
_atom_site.id 
_atom_site.type_symbol 
_atom_site.label_atom_id 
_atom_site.label_alt_id 
_atom_site.label_comp_id 
_atom_site.label_asym_id 
_atom_site.label_entity_id 
_atom_site.label_seq_id 
_atom_site.pdbx_PDB_ins_code 
_atom_site.Cartn_x 
_atom_site.Cartn_y 
_atom_site.Cartn_z 
_atom_site.occupancy 
_atom_site.B_iso_or_equiv 
_atom_site.pdbx_formal_charge 
_atom_site.auth_seq_id 
_atom_site.auth_comp_id 
_atom_site.auth_asym_id 
_atom_site.auth_atom_id 
_atom_site.pdbx_PDB_model_num 
HETATM 1    N  N   . MSE A 1 2   ? -6.498  1.838   -22.619 1.00 98.23  ? 1   MSE A N   1 
HETATM 2    C  CA  . MSE A 1 2   ? -5.999  3.128   -22.038 1.00 96.36  ? 1   MSE A CA  1 
HETATM 3    C  C   . MSE A 1 2   ? -6.015  3.065   -20.509 1.00 90.66  ? 1   MSE A C   1 
HETATM 4    O  O   . MSE A 1 2   ? -6.748  3.791   -19.833 1.00 90.94  ? 1   MSE A O   1 
HETATM 5    C  CB  . MSE A 1 2   ? -6.828  4.324   -22.556 1.00 100.07 ? 1   MSE A CB  1 
HETATM 6    C  CG  . MSE A 1 2   ? -6.207  5.712   -22.299 1.00 103.06 ? 1   MSE A CG  1 
HETATM 7    SE SE  . MSE A 1 2   ? -4.420  5.987   -23.132 0.75 132.34 ? 1   MSE A SE  1 
HETATM 8    C  CE  . MSE A 1 2   ? -3.172  5.331   -21.658 1.00 118.85 ? 1   MSE A CE  1 
ATOM   9    N  N   . SER A 1 3   ? -5.192  2.184   -19.965 1.00 83.40  ? 2   SER A N   1 
ATOM   10   C  CA  . SER A 1 3   ? -5.075  2.072   -18.522 1.00 77.86  ? 2   SER A CA  1 
ATOM   11   C  C   . SER A 1 3   ? -4.245  3.250   -17.977 1.00 71.23  ? 2   SER A C   1 
ATOM   12   O  O   . SER A 1 3   ? -3.397  3.817   -18.692 1.00 72.34  ? 2   SER A O   1 
ATOM   13   C  CB  . SER A 1 3   ? -4.447  0.732   -18.139 1.00 77.46  ? 2   SER A CB  1 
ATOM   14   O  OG  . SER A 1 3   ? -3.205  0.558   -18.796 1.00 79.87  ? 2   SER A OG  1 
ATOM   15   N  N   . PRO A 1 4   ? -4.474  3.611   -16.705 1.00 61.74  ? 3   PRO A N   1 
ATOM   16   C  CA  . PRO A 1 4   ? -3.736  4.728   -16.137 1.00 58.36  ? 3   PRO A CA  1 
ATOM   17   C  C   . PRO A 1 4   ? -2.218  4.551   -16.199 1.00 57.27  ? 3   PRO A C   1 
ATOM   18   O  O   . PRO A 1 4   ? -1.696  3.426   -16.192 1.00 61.79  ? 3   PRO A O   1 
ATOM   19   C  CB  . PRO A 1 4   ? -4.219  4.763   -14.697 1.00 58.14  ? 3   PRO A CB  1 
ATOM   20   C  CG  . PRO A 1 4   ? -4.848  3.457   -14.449 1.00 59.22  ? 3   PRO A CG  1 
ATOM   21   C  CD  . PRO A 1 4   ? -5.400  3.016   -15.733 1.00 59.98  ? 3   PRO A CD  1 
ATOM   22   N  N   . THR A 1 5   ? -1.520  5.673   -16.223 1.00 51.93  ? 4   THR A N   1 
ATOM   23   C  CA  A THR A 1 5   ? -0.097  5.661   -16.368 0.50 49.31  ? 4   THR A CA  1 
ATOM   24   C  CA  B THR A 1 5   ? -0.055  5.730   -16.374 0.50 49.01  ? 4   THR A CA  1 
ATOM   25   C  C   . THR A 1 5   ? 0.546   5.904   -14.989 1.00 46.29  ? 4   THR A C   1 
ATOM   26   O  O   . THR A 1 5   ? 0.047   6.690   -14.208 1.00 47.27  ? 4   THR A O   1 
ATOM   27   C  CB  A THR A 1 5   ? 0.216   6.639   -17.467 0.50 48.45  ? 4   THR A CB  1 
ATOM   28   C  CB  B THR A 1 5   ? 0.457   6.921   -17.244 0.50 47.26  ? 4   THR A CB  1 
ATOM   29   O  OG1 A THR A 1 5   ? -0.293  6.060   -18.679 0.50 48.47  ? 4   THR A OG1 1 
ATOM   30   O  OG1 B THR A 1 5   ? -0.375  8.070   -17.060 0.50 47.81  ? 4   THR A OG1 1 
ATOM   31   C  CG2 A THR A 1 5   ? 1.666   6.904   -17.622 0.50 50.19  ? 4   THR A CG2 1 
ATOM   32   C  CG2 B THR A 1 5   ? 0.513   6.571   -18.739 0.50 51.41  ? 4   THR A CG2 1 
ATOM   33   N  N   . VAL A 1 6   ? 1.611   5.168   -14.700 1.00 43.55  ? 5   VAL A N   1 
ATOM   34   C  CA  . VAL A 1 6   ? 2.198   5.164   -13.372 1.00 42.06  ? 5   VAL A CA  1 
ATOM   35   C  C   . VAL A 1 6   ? 3.596   5.750   -13.391 1.00 40.47  ? 5   VAL A C   1 
ATOM   36   O  O   . VAL A 1 6   ? 4.416   5.374   -14.207 1.00 40.38  ? 5   VAL A O   1 
ATOM   37   C  CB  . VAL A 1 6   ? 2.162   3.744   -12.755 1.00 41.20  ? 5   VAL A CB  1 
ATOM   38   C  CG1 . VAL A 1 6   ? 2.780   3.758   -11.335 1.00 39.54  ? 5   VAL A CG1 1 
ATOM   39   C  CG2 . VAL A 1 6   ? 0.718   3.223   -12.665 1.00 42.87  ? 5   VAL A CG2 1 
ATOM   40   N  N   . LEU A 1 7   ? 3.847   6.692   -12.476 1.00 42.74  ? 6   LEU A N   1 
ATOM   41   C  CA  . LEU A 1 7   ? 5.132   7.351   -12.277 1.00 39.84  ? 6   LEU A CA  1 
ATOM   42   C  C   . LEU A 1 7   ? 5.381   7.631   -10.788 1.00 40.48  ? 6   LEU A C   1 
ATOM   43   O  O   . LEU A 1 7   ? 4.440   7.630   -9.958  1.00 38.93  ? 6   LEU A O   1 
ATOM   44   C  CB  . LEU A 1 7   ? 5.217   8.680   -13.000 1.00 38.24  ? 6   LEU A CB  1 
ATOM   45   C  CG  . LEU A 1 7   ? 5.074   8.672   -14.530 1.00 41.91  ? 6   LEU A CG  1 
ATOM   46   C  CD1 . LEU A 1 7   ? 4.846   10.067  -15.051 1.00 40.32  ? 6   LEU A CD1 1 
ATOM   47   C  CD2 . LEU A 1 7   ? 6.290   8.106   -15.184 1.00 43.04  ? 6   LEU A CD2 1 
ATOM   48   N  N   . PRO A 1 8   ? 6.646   7.870   -10.448 1.00 43.05  ? 7   PRO A N   1 
ATOM   49   C  CA  . PRO A 1 8   ? 6.920   8.320   -9.080  1.00 41.69  ? 7   PRO A CA  1 
ATOM   50   C  C   . PRO A 1 8   ? 6.232   9.642   -8.792  1.00 41.49  ? 7   PRO A C   1 
ATOM   51   O  O   . PRO A 1 8   ? 6.065   10.489  -9.695  1.00 41.16  ? 7   PRO A O   1 
ATOM   52   C  CB  . PRO A 1 8   ? 8.462   8.451   -9.060  1.00 43.96  ? 7   PRO A CB  1 
ATOM   53   C  CG  . PRO A 1 8   ? 8.944   7.543   -10.171 1.00 45.11  ? 7   PRO A CG  1 
ATOM   54   C  CD  . PRO A 1 8   ? 7.900   7.716   -11.227 1.00 41.97  ? 7   PRO A CD  1 
ATOM   55   N  N   . ALA A 1 9   ? 5.804   9.797   -7.533  1.00 40.93  ? 8   ALA A N   1 
ATOM   56   C  CA  . ALA A 1 9   ? 5.199   11.030  -7.054  1.00 40.15  ? 8   ALA A CA  1 
ATOM   57   C  C   . ALA A 1 9   ? 6.249   12.106  -6.932  1.00 41.92  ? 8   ALA A C   1 
ATOM   58   O  O   . ALA A 1 9   ? 7.424   11.823  -6.742  1.00 40.26  ? 8   ALA A O   1 
ATOM   59   C  CB  . ALA A 1 9   ? 4.557   10.812  -5.698  1.00 41.15  ? 8   ALA A CB  1 
ATOM   60   N  N   . THR A 1 10  ? 5.793   13.352  -6.984  1.00 40.27  ? 9   THR A N   1 
ATOM   61   C  CA  . THR A 1 10  ? 6.621   14.483  -6.649  1.00 43.04  ? 9   THR A CA  1 
ATOM   62   C  C   . THR A 1 10  ? 6.001   15.140  -5.414  1.00 41.57  ? 9   THR A C   1 
ATOM   63   O  O   . THR A 1 10  ? 4.862   14.845  -5.016  1.00 38.04  ? 9   THR A O   1 
ATOM   64   C  CB  . THR A 1 10  ? 6.711   15.519  -7.791  1.00 44.76  ? 9   THR A CB  1 
ATOM   65   O  OG1 . THR A 1 10  ? 5.466   16.164  -7.907  1.00 41.46  ? 9   THR A OG1 1 
ATOM   66   C  CG2 . THR A 1 10  ? 7.013   14.875  -9.093  1.00 43.76  ? 9   THR A CG2 1 
ATOM   67   N  N   . GLN A 1 11  ? 6.770   15.995  -4.771  1.00 45.57  ? 10  GLN A N   1 
ATOM   68   C  CA  . GLN A 1 11  ? 6.323   16.600  -3.525  1.00 46.31  ? 10  GLN A CA  1 
ATOM   69   C  C   . GLN A 1 11  ? 5.017   17.345  -3.660  1.00 45.56  ? 10  GLN A C   1 
ATOM   70   O  O   . GLN A 1 11  ? 4.174   17.270  -2.771  1.00 46.59  ? 10  GLN A O   1 
ATOM   71   C  CB  . GLN A 1 11  ? 7.393   17.522  -2.954  1.00 48.60  ? 10  GLN A CB  1 
ATOM   72   C  CG  . GLN A 1 11  ? 7.327   17.597  -1.442  1.00 59.30  ? 10  GLN A CG  1 
ATOM   73   C  CD  . GLN A 1 11  ? 8.672   17.841  -0.840  1.00 70.74  ? 10  GLN A CD  1 
ATOM   74   O  OE1 . GLN A 1 11  ? 9.218   18.944  -0.940  1.00 78.34  ? 10  GLN A OE1 1 
ATOM   75   N  NE2 . GLN A 1 11  ? 9.233   16.809  -0.214  1.00 81.68  ? 10  GLN A NE2 1 
ATOM   76   N  N   . ALA A 1 12  ? 4.833   18.011  -4.789  1.00 45.34  ? 11  ALA A N   1 
ATOM   77   C  CA  . ALA A 1 12  ? 3.605   18.792  -5.080  1.00 44.05  ? 11  ALA A CA  1 
ATOM   78   C  C   . ALA A 1 12  ? 2.335   17.923  -5.029  1.00 43.47  ? 11  ALA A C   1 
ATOM   79   O  O   . ALA A 1 12  ? 1.215   18.425  -4.804  1.00 44.85  ? 11  ALA A O   1 
ATOM   80   C  CB  . ALA A 1 12  ? 3.720   19.401  -6.422  1.00 44.09  ? 11  ALA A CB  1 
ATOM   81   N  N   . ASP A 1 13  ? 2.528   16.631  -5.262  1.00 41.98  ? 12  ASP A N   1 
ATOM   82   C  CA  . ASP A 1 13  ? 1.437   15.645  -5.287  1.00 44.25  ? 12  ASP A CA  1 
ATOM   83   C  C   . ASP A 1 13  ? 1.023   15.127  -3.912  1.00 42.40  ? 12  ASP A C   1 
ATOM   84   O  O   . ASP A 1 13  ? 0.017   14.433  -3.801  1.00 42.88  ? 12  ASP A O   1 
ATOM   85   C  CB  . ASP A 1 13  ? 1.848   14.402  -6.103  1.00 39.90  ? 12  ASP A CB  1 
ATOM   86   C  CG  . ASP A 1 13  ? 2.247   14.734  -7.555  1.00 50.71  ? 12  ASP A CG  1 
ATOM   87   O  OD1 . ASP A 1 13  ? 1.522   15.489  -8.208  1.00 44.69  ? 12  ASP A OD1 1 
ATOM   88   O  OD2 . ASP A 1 13  ? 3.228   14.182  -8.050  1.00 46.20  ? 12  ASP A OD2 1 
ATOM   89   N  N   . PHE A 1 14  ? 1.794   15.408  -2.872  1.00 43.34  ? 13  PHE A N   1 
ATOM   90   C  CA  . PHE A 1 14  ? 1.529   14.777  -1.572  1.00 46.63  ? 13  PHE A CA  1 
ATOM   91   C  C   . PHE A 1 14  ? 0.119   15.064  -0.991  1.00 45.13  ? 13  PHE A C   1 
ATOM   92   O  O   . PHE A 1 14  ? -0.521  14.131  -0.517  1.00 44.56  ? 13  PHE A O   1 
ATOM   93   C  CB  . PHE A 1 14  ? 2.637   15.072  -0.543  1.00 49.00  ? 13  PHE A CB  1 
ATOM   94   C  CG  . PHE A 1 14  ? 3.985   14.422  -0.850  1.00 53.84  ? 13  PHE A CG  1 
ATOM   95   C  CD1 . PHE A 1 14  ? 4.170   13.554  -1.933  1.00 51.15  ? 13  PHE A CD1 1 
ATOM   96   C  CD2 . PHE A 1 14  ? 5.066   14.664  -0.021  1.00 55.28  ? 13  PHE A CD2 1 
ATOM   97   C  CE1 . PHE A 1 14  ? 5.386   12.969  -2.172  1.00 49.36  ? 13  PHE A CE1 1 
ATOM   98   C  CE2 . PHE A 1 14  ? 6.296   14.082  -0.275  1.00 52.95  ? 13  PHE A CE2 1 
ATOM   99   C  CZ  . PHE A 1 14  ? 6.454   13.231  -1.361  1.00 52.38  ? 13  PHE A CZ  1 
ATOM   100  N  N   . PRO A 1 15  ? -0.376  16.329  -1.015  1.00 45.89  ? 14  PRO A N   1 
ATOM   101  C  CA  . PRO A 1 15  ? -1.754  16.524  -0.558  1.00 45.19  ? 14  PRO A CA  1 
ATOM   102  C  C   . PRO A 1 15  ? -2.809  15.628  -1.200  1.00 44.28  ? 14  PRO A C   1 
ATOM   103  O  O   . PRO A 1 15  ? -3.656  15.077  -0.497  1.00 41.57  ? 14  PRO A O   1 
ATOM   104  C  CB  . PRO A 1 15  ? -2.014  17.995  -0.858  1.00 46.76  ? 14  PRO A CB  1 
ATOM   105  C  CG  . PRO A 1 15  ? -0.702  18.616  -0.746  1.00 50.01  ? 14  PRO A CG  1 
ATOM   106  C  CD  . PRO A 1 15  ? 0.256   17.613  -1.318  1.00 45.44  ? 14  PRO A CD  1 
ATOM   107  N  N   . LYS A 1 16  ? -2.764  15.473  -2.519  1.00 43.72  ? 15  LYS A N   1 
ATOM   108  C  CA  . LYS A 1 16  ? -3.758  14.668  -3.222  1.00 43.53  ? 15  LYS A CA  1 
ATOM   109  C  C   . LYS A 1 16  ? -3.568  13.207  -2.896  1.00 41.50  ? 15  LYS A C   1 
ATOM   110  O  O   . LYS A 1 16  ? -4.509  12.424  -2.765  1.00 44.93  ? 15  LYS A O   1 
ATOM   111  C  CB  . LYS A 1 16  ? -3.633  14.885  -4.738  1.00 42.85  ? 15  LYS A CB  1 
ATOM   112  C  CG  . LYS A 1 16  ? -4.604  14.048  -5.558  1.00 46.28  ? 15  LYS A CG  1 
ATOM   113  C  CD  . LYS A 1 16  ? -6.030  14.591  -5.442  1.00 52.46  ? 15  LYS A CD  1 
ATOM   114  C  CE  . LYS A 1 16  ? -7.034  13.587  -6.001  1.00 50.88  ? 15  LYS A CE  1 
ATOM   115  N  NZ  . LYS A 1 16  ? -6.740  13.379  -7.446  1.00 61.67  ? 15  LYS A NZ  1 
ATOM   116  N  N   . ILE A 1 17  ? -2.330  12.833  -2.780  1.00 41.80  ? 16  ILE A N   1 
ATOM   117  C  CA  . ILE A 1 17  ? -1.982  11.442  -2.413  1.00 40.28  ? 16  ILE A CA  1 
ATOM   118  C  C   . ILE A 1 17  ? -2.652  11.073  -1.061  1.00 42.46  ? 16  ILE A C   1 
ATOM   119  O  O   . ILE A 1 17  ? -3.323  10.041  -0.940  1.00 41.89  ? 16  ILE A O   1 
ATOM   120  C  CB  . ILE A 1 17  ? -0.473  11.297  -2.384  1.00 44.34  ? 16  ILE A CB  1 
ATOM   121  C  CG1 . ILE A 1 17  ? 0.072   11.166  -3.810  1.00 48.84  ? 16  ILE A CG1 1 
ATOM   122  C  CG2 . ILE A 1 17  ? -0.039  10.080  -1.605  1.00 40.87  ? 16  ILE A CG2 1 
ATOM   123  C  CD1 . ILE A 1 17  ? 1.529   11.241  -3.898  1.00 50.90  ? 16  ILE A CD1 1 
ATOM   124  N  N   . VAL A 1 18  ? -2.510  11.955  -0.080  1.00 44.61  ? 17  VAL A N   1 
ATOM   125  C  CA  . VAL A 1 18  ? -3.114  11.751  1.251   1.00 43.37  ? 17  VAL A CA  1 
ATOM   126  C  C   . VAL A 1 18  ? -4.630  11.727  1.136   1.00 42.12  ? 17  VAL A C   1 
ATOM   127  O  O   . VAL A 1 18  ? -5.285  10.889  1.740   1.00 42.60  ? 17  VAL A O   1 
ATOM   128  C  CB  . VAL A 1 18  ? -2.638  12.806  2.230   1.00 43.01  ? 17  VAL A CB  1 
ATOM   129  C  CG1 . VAL A 1 18  ? -3.446  12.753  3.546   1.00 46.45  ? 17  VAL A CG1 1 
ATOM   130  C  CG2 . VAL A 1 18  ? -1.131  12.672  2.488   1.00 46.71  ? 17  VAL A CG2 1 
ATOM   131  N  N   . ASP A 1 19  ? -5.204  12.646  0.360   1.00 45.26  ? 18  ASP A N   1 
ATOM   132  C  CA  . ASP A 1 19  ? -6.649  12.646  0.101   1.00 44.93  ? 18  ASP A CA  1 
ATOM   133  C  C   . ASP A 1 19  ? -7.109  11.303  -0.425  1.00 43.44  ? 18  ASP A C   1 
ATOM   134  O  O   . ASP A 1 19  ? -8.171  10.799  -0.030  1.00 42.51  ? 18  ASP A O   1 
ATOM   135  C  CB  . ASP A 1 19  ? -7.062  13.671  -0.946  1.00 43.08  ? 18  ASP A CB  1 
ATOM   136  C  CG  . ASP A 1 19  ? -6.993  15.093  -0.455  1.00 47.58  ? 18  ASP A CG  1 
ATOM   137  O  OD1 . ASP A 1 19  ? -6.934  15.334  0.770   1.00 49.39  ? 18  ASP A OD1 1 
ATOM   138  O  OD2 . ASP A 1 19  ? -6.976  15.972  -1.327  1.00 48.21  ? 18  ASP A OD2 1 
ATOM   139  N  N   . VAL A 1 20  ? -6.350  10.748  -1.358  1.00 43.84  ? 19  VAL A N   1 
ATOM   140  C  CA  . VAL A 1 20  ? -6.691  9.423   -1.951  1.00 40.64  ? 19  VAL A CA  1 
ATOM   141  C  C   . VAL A 1 20  ? -6.603  8.251   -0.937  1.00 43.92  ? 19  VAL A C   1 
ATOM   142  O  O   . VAL A 1 20  ? -7.488  7.384   -0.863  1.00 43.10  ? 19  VAL A O   1 
ATOM   143  C  CB  . VAL A 1 20  ? -5.833  9.123   -3.212  1.00 46.75  ? 19  VAL A CB  1 
ATOM   144  C  CG1 . VAL A 1 20  ? -6.089  7.747   -3.709  1.00 39.72  ? 19  VAL A CG1 1 
ATOM   145  C  CG2 . VAL A 1 20  ? -6.203  10.121  -4.350  1.00 42.03  ? 19  VAL A CG2 1 
ATOM   146  N  N   . LEU A 1 21  ? -5.546  8.230   -0.146  1.00 41.87  ? 20  LEU A N   1 
ATOM   147  C  CA  . LEU A 1 21  ? -5.411  7.243   0.922   1.00 40.68  ? 20  LEU A CA  1 
ATOM   148  C  C   . LEU A 1 21  ? -6.567  7.300   1.931   1.00 43.32  ? 20  LEU A C   1 
ATOM   149  O  O   . LEU A 1 21  ? -7.107  6.281   2.342   1.00 45.05  ? 20  LEU A O   1 
ATOM   150  C  CB  . LEU A 1 21  ? -4.067  7.446   1.621   1.00 43.31  ? 20  LEU A CB  1 
ATOM   151  C  CG  . LEU A 1 21  ? -2.843  7.075   0.779   1.00 44.66  ? 20  LEU A CG  1 
ATOM   152  C  CD1 . LEU A 1 21  ? -1.547  7.716   1.319   1.00 43.56  ? 20  LEU A CD1 1 
ATOM   153  C  CD2 . LEU A 1 21  ? -2.721  5.614   0.663   1.00 44.11  ? 20  LEU A CD2 1 
ATOM   154  N  N   . VAL A 1 22  ? -6.908  8.507   2.351   1.00 44.48  ? 21  VAL A N   1 
ATOM   155  C  CA  . VAL A 1 22  ? -7.971  8.715   3.326   1.00 44.15  ? 21  VAL A CA  1 
ATOM   156  C  C   . VAL A 1 22  ? -9.314  8.238   2.762   1.00 47.03  ? 21  VAL A C   1 
ATOM   157  O  O   . VAL A 1 22  ? -10.074 7.566   3.457   1.00 47.21  ? 21  VAL A O   1 
ATOM   158  C  CB  . VAL A 1 22  ? -8.049  10.197  3.745   1.00 44.76  ? 21  VAL A CB  1 
ATOM   159  C  CG1 . VAL A 1 22  ? -9.301  10.459  4.580   1.00 44.92  ? 21  VAL A CG1 1 
ATOM   160  C  CG2 . VAL A 1 22  ? -6.782  10.602  4.513   1.00 41.88  ? 21  VAL A CG2 1 
ATOM   161  N  N   . GLU A 1 23  ? -9.619  8.608   1.518   1.00 44.10  ? 22  GLU A N   1 
ATOM   162  C  CA  . GLU A 1 23  ? -10.874 8.210   0.899   1.00 44.13  ? 22  GLU A CA  1 
ATOM   163  C  C   . GLU A 1 23  ? -10.901 6.713   0.814   1.00 47.40  ? 22  GLU A C   1 
ATOM   164  O  O   . GLU A 1 23  ? -11.900 6.106   1.130   1.00 49.58  ? 22  GLU A O   1 
ATOM   165  C  CB  . GLU A 1 23  ? -11.041 8.835   -0.487  1.00 46.51  ? 22  GLU A CB  1 
ATOM   166  C  CG  . GLU A 1 23  ? -12.382 8.522   -1.134  1.00 51.12  ? 22  GLU A CG  1 
ATOM   167  C  CD  . GLU A 1 23  ? -12.398 8.800   -2.613  1.00 62.88  ? 22  GLU A CD  1 
ATOM   168  O  OE1 . GLU A 1 23  ? -11.835 7.983   -3.360  1.00 63.11  ? 22  GLU A OE1 1 
ATOM   169  O  OE2 . GLU A 1 23  ? -12.990 9.812   -3.037  1.00 64.65  ? 22  GLU A OE2 1 
ATOM   170  N  N   . ALA A 1 24  ? -9.795  6.097   0.421   1.00 45.54  ? 23  ALA A N   1 
ATOM   171  C  CA  . ALA A 1 24  ? -9.785  4.667   0.258   1.00 45.79  ? 23  ALA A CA  1 
ATOM   172  C  C   . ALA A 1 24  ? -9.961  3.968   1.625   1.00 46.93  ? 23  ALA A C   1 
ATOM   173  O  O   . ALA A 1 24  ? -10.660 2.976   1.736   1.00 48.51  ? 23  ALA A O   1 
ATOM   174  C  CB  . ALA A 1 24  ? -8.504  4.213   -0.422  1.00 45.88  ? 23  ALA A CB  1 
ATOM   175  N  N   . PHE A 1 25  ? -9.338  4.491   2.671   1.00 46.44  ? 24  PHE A N   1 
ATOM   176  C  CA  . PHE A 1 25  ? -9.200  3.708   3.902   1.00 44.82  ? 24  PHE A CA  1 
ATOM   177  C  C   . PHE A 1 25  ? -10.019 4.244   5.080   1.00 43.88  ? 24  PHE A C   1 
ATOM   178  O  O   . PHE A 1 25  ? -9.889  3.738   6.176   1.00 45.79  ? 24  PHE A O   1 
ATOM   179  C  CB  . PHE A 1 25  ? -7.721  3.558   4.243   1.00 42.24  ? 24  PHE A CB  1 
ATOM   180  C  CG  . PHE A 1 25  ? -6.948  2.763   3.213   1.00 50.47  ? 24  PHE A CG  1 
ATOM   181  C  CD1 . PHE A 1 25  ? -7.364  1.481   2.844   1.00 53.47  ? 24  PHE A CD1 1 
ATOM   182  C  CD2 . PHE A 1 25  ? -5.833  3.296   2.593   1.00 44.46  ? 24  PHE A CD2 1 
ATOM   183  C  CE1 . PHE A 1 25  ? -6.685  0.769   1.877   1.00 58.19  ? 24  PHE A CE1 1 
ATOM   184  C  CE2 . PHE A 1 25  ? -5.155  2.587   1.625   1.00 46.48  ? 24  PHE A CE2 1 
ATOM   185  C  CZ  . PHE A 1 25  ? -5.567  1.331   1.263   1.00 49.28  ? 24  PHE A CZ  1 
ATOM   186  N  N   . ALA A 1 26  ? -10.864 5.247   4.842   1.00 45.26  ? 25  ALA A N   1 
ATOM   187  C  CA  . ALA A 1 26  ? -11.614 5.893   5.896   1.00 46.44  ? 25  ALA A CA  1 
ATOM   188  C  C   . ALA A 1 26  ? -12.448 4.908   6.703   1.00 49.03  ? 25  ALA A C   1 
ATOM   189  O  O   . ALA A 1 26  ? -12.687 5.132   7.889   1.00 48.72  ? 25  ALA A O   1 
ATOM   190  C  CB  . ALA A 1 26  ? -12.514 6.982   5.323   1.00 48.35  ? 25  ALA A CB  1 
ATOM   191  N  N   . ASN A 1 27  ? -12.906 3.830   6.070   1.00 49.10  ? 26  ASN A N   1 
ATOM   192  C  CA  . ASN A 1 27  ? -13.766 2.866   6.756   1.00 53.03  ? 26  ASN A CA  1 
ATOM   193  C  C   . ASN A 1 27  ? -13.193 1.492   6.782   1.00 52.99  ? 26  ASN A C   1 
ATOM   194  O  O   . ASN A 1 27  ? -13.912 0.552   7.061   1.00 54.18  ? 26  ASN A O   1 
ATOM   195  C  CB  . ASN A 1 27  ? -15.155 2.823   6.123   1.00 54.99  ? 26  ASN A CB  1 
ATOM   196  C  CG  . ASN A 1 27  ? -15.894 4.115   6.310   1.00 61.00  ? 26  ASN A CG  1 
ATOM   197  O  OD1 . ASN A 1 27  ? -16.096 4.871   5.360   1.00 72.69  ? 26  ASN A OD1 1 
ATOM   198  N  ND2 . ASN A 1 27  ? -16.266 4.408   7.557   1.00 70.66  ? 26  ASN A ND2 1 
ATOM   199  N  N   . ASP A 1 28  ? -11.896 1.388   6.537   1.00 49.34  ? 27  ASP A N   1 
ATOM   200  C  CA  . ASP A 1 28  ? -11.229 0.107   6.494   1.00 49.08  ? 27  ASP A CA  1 
ATOM   201  C  C   . ASP A 1 28  ? -10.774 -0.378  7.876   1.00 51.15  ? 27  ASP A C   1 
ATOM   202  O  O   . ASP A 1 28  ? -9.894  0.227   8.465   1.00 50.48  ? 27  ASP A O   1 
ATOM   203  C  CB  . ASP A 1 28  ? -10.013 0.225   5.589   1.00 49.36  ? 27  ASP A CB  1 
ATOM   204  C  CG  . ASP A 1 28  ? -9.443  -1.117  5.199   1.00 54.10  ? 27  ASP A CG  1 
ATOM   205  O  OD1 . ASP A 1 28  ? -9.334  -1.999  6.056   1.00 58.90  ? 27  ASP A OD1 1 
ATOM   206  O  OD2 . ASP A 1 28  ? -9.091  -1.275  4.017   1.00 56.40  ? 27  ASP A OD2 1 
ATOM   207  N  N   . PRO A 1 29  ? -11.286 -1.544  8.348   1.00 53.35  ? 28  PRO A N   1 
ATOM   208  C  CA  . PRO A 1 29  ? -10.888 -2.137  9.639   1.00 53.71  ? 28  PRO A CA  1 
ATOM   209  C  C   . PRO A 1 29  ? -9.387  -2.249  9.828   1.00 52.65  ? 28  PRO A C   1 
ATOM   210  O  O   . PRO A 1 29  ? -8.899  -2.194  10.948  1.00 52.77  ? 28  PRO A O   1 
ATOM   211  C  CB  . PRO A 1 29  ? -11.477 -3.565  9.573   1.00 54.26  ? 28  PRO A CB  1 
ATOM   212  C  CG  . PRO A 1 29  ? -12.601 -3.466  8.652   1.00 57.67  ? 28  PRO A CG  1 
ATOM   213  C  CD  . PRO A 1 29  ? -12.281 -2.384  7.657   1.00 54.52  ? 28  PRO A CD  1 
ATOM   214  N  N   . THR A 1 30  ? -8.681  -2.474  8.741   1.00 57.01  ? 29  THR A N   1 
ATOM   215  C  CA  . THR A 1 30  ? -7.232  -2.557  8.767   1.00 62.73  ? 29  THR A CA  1 
ATOM   216  C  C   . THR A 1 30  ? -6.607  -1.294  9.386   1.00 63.28  ? 29  THR A C   1 
ATOM   217  O  O   . THR A 1 30  ? -5.645  -1.395  10.142  1.00 67.19  ? 29  THR A O   1 
ATOM   218  C  CB  . THR A 1 30  ? -6.703  -2.847  7.353   1.00 65.79  ? 29  THR A CB  1 
ATOM   219  O  OG1 . THR A 1 30  ? -7.001  -4.219  7.046   1.00 73.45  ? 29  THR A OG1 1 
ATOM   220  C  CG2 . THR A 1 30  ? -5.184  -2.627  7.239   1.00 73.19  ? 29  THR A CG2 1 
ATOM   221  N  N   . PHE A 1 31  ? -7.191  -0.126  9.118   1.00 59.17  ? 30  PHE A N   1 
ATOM   222  C  CA  . PHE A 1 31  ? -6.679  1.125   9.676   1.00 57.27  ? 30  PHE A CA  1 
ATOM   223  C  C   . PHE A 1 31  ? -7.412  1.572   10.913  1.00 55.49  ? 30  PHE A C   1 
ATOM   224  O  O   . PHE A 1 31  ? -6.788  1.994   11.867  1.00 56.49  ? 30  PHE A O   1 
ATOM   225  C  CB  . PHE A 1 31  ? -6.664  2.200   8.600   1.00 56.30  ? 30  PHE A CB  1 
ATOM   226  C  CG  . PHE A 1 31  ? -5.576  2.005   7.617   1.00 57.12  ? 30  PHE A CG  1 
ATOM   227  C  CD1 . PHE A 1 31  ? -4.303  2.465   7.895   1.00 51.74  ? 30  PHE A CD1 1 
ATOM   228  C  CD2 . PHE A 1 31  ? -5.810  1.322   6.423   1.00 48.20  ? 30  PHE A CD2 1 
ATOM   229  C  CE1 . PHE A 1 31  ? -3.291  2.267   6.993   1.00 54.00  ? 30  PHE A CE1 1 
ATOM   230  C  CE2 . PHE A 1 31  ? -4.798  1.127   5.504   1.00 56.45  ? 30  PHE A CE2 1 
ATOM   231  C  CZ  . PHE A 1 31  ? -3.532  1.590   5.787   1.00 56.81  ? 30  PHE A CZ  1 
ATOM   232  N  N   . LEU A 1 32  ? -8.734  1.417   10.921  1.00 56.33  ? 31  LEU A N   1 
ATOM   233  C  CA  . LEU A 1 32  ? -9.560  1.750   12.084  1.00 55.37  ? 31  LEU A CA  1 
ATOM   234  C  C   . LEU A 1 32  ? -9.081  1.120   13.406  1.00 57.21  ? 31  LEU A C   1 
ATOM   235  O  O   . LEU A 1 32  ? -9.208  1.743   14.456  1.00 56.26  ? 31  LEU A O   1 
ATOM   236  C  CB  . LEU A 1 32  ? -11.031 1.351   11.833  1.00 55.17  ? 31  LEU A CB  1 
ATOM   237  C  CG  . LEU A 1 32  ? -11.833 2.050   10.725  1.00 57.21  ? 31  LEU A CG  1 
ATOM   238  C  CD1 . LEU A 1 32  ? -13.247 1.480   10.592  1.00 61.27  ? 31  LEU A CD1 1 
ATOM   239  C  CD2 . LEU A 1 32  ? -11.913 3.499   11.001  1.00 54.66  ? 31  LEU A CD2 1 
ATOM   240  N  N   . ARG A 1 33  ? -8.552  -0.106  13.349  1.00 57.84  ? 32  ARG A N   1 
ATOM   241  C  CA  . ARG A 1 33  ? -7.987  -0.798  14.524  1.00 60.46  ? 32  ARG A CA  1 
ATOM   242  C  C   . ARG A 1 33  ? -6.827  -0.086  15.216  1.00 58.34  ? 32  ARG A C   1 
ATOM   243  O  O   . ARG A 1 33  ? -6.647  -0.268  16.409  1.00 59.59  ? 32  ARG A O   1 
ATOM   244  C  CB  . ARG A 1 33  ? -7.470  -2.187  14.134  1.00 62.40  ? 32  ARG A CB  1 
ATOM   245  C  CG  . ARG A 1 33  ? -6.296  -2.148  13.098  1.00 68.87  ? 32  ARG A CG  1 
ATOM   246  C  CD  . ARG A 1 33  ? -5.722  -3.537  12.810  1.00 68.42  ? 32  ARG A CD  1 
ATOM   247  N  NE  . ARG A 1 33  ? -4.816  -3.573  11.653  1.00 73.02  ? 32  ARG A NE  1 
ATOM   248  C  CZ  . ARG A 1 33  ? -4.234  -4.692  11.210  1.00 75.14  ? 32  ARG A CZ  1 
ATOM   249  N  NH1 . ARG A 1 33  ? -4.453  -5.855  11.831  1.00 71.76  ? 32  ARG A NH1 1 
ATOM   250  N  NH2 . ARG A 1 33  ? -3.420  -4.652  10.153  1.00 75.40  ? 32  ARG A NH2 1 
ATOM   251  N  N   . TRP A 1 34  ? -6.015  0.669   14.471  1.00 58.26  ? 33  TRP A N   1 
ATOM   252  C  CA  . TRP A 1 34  ? -4.896  1.418   15.063  1.00 59.39  ? 33  TRP A CA  1 
ATOM   253  C  C   . TRP A 1 34  ? -5.321  2.791   15.579  1.00 55.39  ? 33  TRP A C   1 
ATOM   254  O  O   . TRP A 1 34  ? -4.735  3.318   16.519  1.00 55.80  ? 33  TRP A O   1 
ATOM   255  C  CB  . TRP A 1 34  ? -3.747  1.632   14.059  1.00 64.24  ? 33  TRP A CB  1 
ATOM   256  C  CG  . TRP A 1 34  ? -3.172  0.380   13.520  1.00 71.03  ? 33  TRP A CG  1 
ATOM   257  C  CD1 . TRP A 1 34  ? -3.020  0.055   12.201  1.00 75.45  ? 33  TRP A CD1 1 
ATOM   258  C  CD2 . TRP A 1 34  ? -2.687  -0.741  14.272  1.00 74.71  ? 33  TRP A CD2 1 
ATOM   259  N  NE1 . TRP A 1 34  ? -2.466  -1.197  12.085  1.00 77.16  ? 33  TRP A NE1 1 
ATOM   260  C  CE2 . TRP A 1 34  ? -2.254  -1.712  13.339  1.00 79.45  ? 33  TRP A CE2 1 
ATOM   261  C  CE3 . TRP A 1 34  ? -2.576  -1.025  15.645  1.00 78.57  ? 33  TRP A CE3 1 
ATOM   262  C  CZ2 . TRP A 1 34  ? -1.712  -2.950  13.735  1.00 78.14  ? 33  TRP A CZ2 1 
ATOM   263  C  CZ3 . TRP A 1 34  ? -2.049  -2.263  16.040  1.00 76.69  ? 33  TRP A CZ3 1 
ATOM   264  C  CH2 . TRP A 1 34  ? -1.623  -3.207  15.082  1.00 76.71  ? 33  TRP A CH2 1 
ATOM   265  N  N   . ILE A 1 35  ? -6.318  3.389   14.955  1.00 49.68  ? 34  ILE A N   1 
ATOM   266  C  CA  . ILE A 1 35  ? -6.672  4.758   15.310  1.00 45.39  ? 34  ILE A CA  1 
ATOM   267  C  C   . ILE A 1 35  ? -7.833  4.734   16.326  1.00 46.00  ? 34  ILE A C   1 
ATOM   268  O  O   . ILE A 1 35  ? -8.860  4.130   16.052  1.00 45.62  ? 34  ILE A O   1 
ATOM   269  C  CB  . ILE A 1 35  ? -6.985  5.528   14.047  1.00 44.76  ? 34  ILE A CB  1 
ATOM   270  C  CG1 . ILE A 1 35  ? -5.671  5.721   13.259  1.00 46.95  ? 34  ILE A CG1 1 
ATOM   271  C  CG2 . ILE A 1 35  ? -7.592  6.901   14.347  1.00 42.49  ? 34  ILE A CG2 1 
ATOM   272  C  CD1 . ILE A 1 35  ? -5.871  5.762   11.888  1.00 48.19  ? 34  ILE A CD1 1 
ATOM   273  N  N   . PRO A 1 36  ? -7.648  5.340   17.515  1.00 44.56  ? 35  PRO A N   1 
ATOM   274  C  CA  . PRO A 1 36  ? -8.774  5.516   18.442  1.00 45.29  ? 35  PRO A CA  1 
ATOM   275  C  C   . PRO A 1 36  ? -9.999  6.168   17.811  1.00 41.23  ? 35  PRO A C   1 
ATOM   276  O  O   . PRO A 1 36  ? -9.894  7.182   17.119  1.00 38.78  ? 35  PRO A O   1 
ATOM   277  C  CB  . PRO A 1 36  ? -8.196  6.408   19.549  1.00 45.75  ? 35  PRO A CB  1 
ATOM   278  C  CG  . PRO A 1 36  ? -6.753  6.058   19.556  1.00 47.86  ? 35  PRO A CG  1 
ATOM   279  C  CD  . PRO A 1 36  ? -6.394  5.840   18.101  1.00 46.64  ? 35  PRO A CD  1 
ATOM   280  N  N   . GLN A 1 37  ? -11.156 5.557   18.067  1.00 40.69  ? 36  GLN A N   1 
ATOM   281  C  CA  . GLN A 1 37  ? -12.401 5.972   17.466  1.00 38.46  ? 36  GLN A CA  1 
ATOM   282  C  C   . GLN A 1 37  ? -13.309 6.606   18.509  1.00 36.56  ? 36  GLN A C   1 
ATOM   283  O  O   . GLN A 1 37  ? -13.156 6.373   19.710  1.00 34.83  ? 36  GLN A O   1 
ATOM   284  C  CB  . GLN A 1 37  ? -13.102 4.790   16.806  1.00 38.62  ? 36  GLN A CB  1 
ATOM   285  C  CG  . GLN A 1 37  ? -12.323 4.136   15.723  1.00 38.45  ? 36  GLN A CG  1 
ATOM   286  C  CD  . GLN A 1 37  ? -12.119 5.001   14.540  1.00 40.53  ? 36  GLN A CD  1 
ATOM   287  O  OE1 . GLN A 1 37  ? -13.084 5.495   13.959  1.00 39.00  ? 36  GLN A OE1 1 
ATOM   288  N  NE2 . GLN A 1 37  ? -10.855 5.242   14.178  1.00 36.93  ? 36  GLN A NE2 1 
ATOM   289  N  N   . PRO A 1 38  ? -14.237 7.458   18.058  1.00 36.03  ? 37  PRO A N   1 
ATOM   290  C  CA  . PRO A 1 38  ? -14.367 7.951   16.704  1.00 36.09  ? 37  PRO A CA  1 
ATOM   291  C  C   . PRO A 1 38  ? -13.254 8.888   16.254  1.00 38.04  ? 37  PRO A C   1 
ATOM   292  O  O   . PRO A 1 38  ? -12.495 9.428   17.068  1.00 39.16  ? 37  PRO A O   1 
ATOM   293  C  CB  . PRO A 1 38  ? -15.701 8.697   16.719  1.00 37.66  ? 37  PRO A CB  1 
ATOM   294  C  CG  . PRO A 1 38  ? -16.029 8.914   18.070  1.00 35.72  ? 37  PRO A CG  1 
ATOM   295  C  CD  . PRO A 1 38  ? -15.303 7.959   18.929  1.00 35.81  ? 37  PRO A CD  1 
ATOM   296  N  N   . ASP A 1 39  ? -13.197 9.085   14.946  1.00 39.29  ? 38  ASP A N   1 
ATOM   297  C  CA  . ASP A 1 39  ? -12.202 9.934   14.311  1.00 40.53  ? 38  ASP A CA  1 
ATOM   298  C  C   . ASP A 1 39  ? -12.923 10.873  13.349  1.00 43.57  ? 38  ASP A C   1 
ATOM   299  O  O   . ASP A 1 39  ? -12.891 10.643  12.133  1.00 43.92  ? 38  ASP A O   1 
ATOM   300  C  CB  . ASP A 1 39  ? -11.217 9.047   13.542  1.00 40.98  ? 38  ASP A CB  1 
ATOM   301  C  CG  . ASP A 1 39  ? -10.046 9.823   12.948  1.00 44.87  ? 38  ASP A CG  1 
ATOM   302  O  OD1 . ASP A 1 39  ? -9.817  10.958  13.354  1.00 37.84  ? 38  ASP A OD1 1 
ATOM   303  O  OD2 . ASP A 1 39  ? -9.301  9.269   12.119  1.00 36.83  ? 38  ASP A OD2 1 
ATOM   304  N  N   . PRO A 1 40  ? -13.566 11.930  13.878  1.00 42.40  ? 39  PRO A N   1 
ATOM   305  C  CA  . PRO A 1 40  ? -14.332 12.845  13.030  1.00 43.83  ? 39  PRO A CA  1 
ATOM   306  C  C   . PRO A 1 40  ? -13.538 13.390  11.846  1.00 44.86  ? 39  PRO A C   1 
ATOM   307  O  O   . PRO A 1 40  ? -12.462 13.981  12.034  1.00 46.03  ? 39  PRO A O   1 
ATOM   308  C  CB  . PRO A 1 40  ? -14.712 13.983  13.990  1.00 42.79  ? 39  PRO A CB  1 
ATOM   309  C  CG  . PRO A 1 40  ? -14.742 13.337  15.322  1.00 41.20  ? 39  PRO A CG  1 
ATOM   310  C  CD  . PRO A 1 40  ? -13.659 12.304  15.300  1.00 43.49  ? 39  PRO A CD  1 
ATOM   311  N  N   . GLY A 1 41  ? -14.060 13.161  10.641  1.00 43.83  ? 40  GLY A N   1 
ATOM   312  C  CA  . GLY A 1 41  ? -13.434 13.630  9.408   1.00 44.02  ? 40  GLY A CA  1 
ATOM   313  C  C   . GLY A 1 41  ? -12.182 12.865  9.040   1.00 44.97  ? 40  GLY A C   1 
ATOM   314  O  O   . GLY A 1 41  ? -11.407 13.316  8.203   1.00 46.12  ? 40  GLY A O   1 
ATOM   315  N  N   . SER A 1 42  ? -11.978 11.711  9.660   1.00 41.50  ? 41  SER A N   1 
ATOM   316  C  CA  . SER A 1 42  ? -10.766 10.930  9.476   1.00 40.08  ? 41  SER A CA  1 
ATOM   317  C  C   . SER A 1 42  ? -9.486  11.727  9.698   1.00 40.30  ? 41  SER A C   1 
ATOM   318  O  O   . SER A 1 42  ? -8.475  11.464  9.048   1.00 41.52  ? 41  SER A O   1 
ATOM   319  C  CB  . SER A 1 42  ? -10.753 10.268  8.090   1.00 41.22  ? 41  SER A CB  1 
ATOM   320  O  OG  . SER A 1 42  ? -11.860 9.388   7.981   1.00 44.42  ? 41  SER A OG  1 
ATOM   321  N  N   . ALA A 1 43  ? -9.523  12.651  10.658  1.00 37.50  ? 42  ALA A N   1 
ATOM   322  C  CA  . ALA A 1 43  ? -8.425  13.602  10.863  1.00 39.90  ? 42  ALA A CA  1 
ATOM   323  C  C   . ALA A 1 43  ? -7.155  12.947  11.391  1.00 40.96  ? 42  ALA A C   1 
ATOM   324  O  O   . ALA A 1 43  ? -6.045  13.317  11.014  1.00 41.11  ? 42  ALA A O   1 
ATOM   325  C  CB  . ALA A 1 43  ? -8.891  14.718  11.822  1.00 42.23  ? 42  ALA A CB  1 
ATOM   326  N  N   . LYS A 1 44  ? -7.322  11.973  12.274  1.00 38.33  ? 43  LYS A N   1 
ATOM   327  C  CA  . LYS A 1 44  ? -6.188  11.256  12.837  1.00 42.02  ? 43  LYS A CA  1 
ATOM   328  C  C   . LYS A 1 44  ? -5.605  10.289  11.782  1.00 38.18  ? 43  LYS A C   1 
ATOM   329  O  O   . LYS A 1 44  ? -4.390  10.191  11.636  1.00 38.63  ? 43  LYS A O   1 
ATOM   330  C  CB  . LYS A 1 44  ? -6.581  10.519  14.116  1.00 43.67  ? 43  LYS A CB  1 
ATOM   331  C  CG  . LYS A 1 44  ? -6.941  11.463  15.269  1.00 44.32  ? 43  LYS A CG  1 
ATOM   332  C  CD  . LYS A 1 44  ? -7.378  10.708  16.551  1.00 45.96  ? 43  LYS A CD  1 
ATOM   333  C  CE  . LYS A 1 44  ? -8.824  10.188  16.491  1.00 48.83  ? 43  LYS A CE  1 
ATOM   334  N  NZ  . LYS A 1 44  ? -9.397  9.841   17.868  1.00 43.56  ? 43  LYS A NZ  1 
ATOM   335  N  N   . LEU A 1 45  ? -6.466  9.651   10.998  1.00 40.56  ? 44  LEU A N   1 
ATOM   336  C  CA  . LEU A 1 45  ? -5.996  8.789   9.889   1.00 40.29  ? 44  LEU A CA  1 
ATOM   337  C  C   . LEU A 1 45  ? -5.201  9.589   8.864   1.00 41.53  ? 44  LEU A C   1 
ATOM   338  O  O   . LEU A 1 45  ? -4.155  9.137   8.378   1.00 43.26  ? 44  LEU A O   1 
ATOM   339  C  CB  . LEU A 1 45  ? -7.182  8.148   9.183   1.00 41.67  ? 44  LEU A CB  1 
ATOM   340  C  CG  . LEU A 1 45  ? -6.921  7.222   7.970   1.00 40.03  ? 44  LEU A CG  1 
ATOM   341  C  CD1 . LEU A 1 45  ? -6.093  6.077   8.396   1.00 42.06  ? 44  LEU A CD1 1 
ATOM   342  C  CD2 . LEU A 1 45  ? -8.205  6.725   7.394   1.00 41.78  ? 44  LEU A CD2 1 
ATOM   343  N  N   . ARG A 1 46  ? -5.747  10.745  8.496   1.00 40.49  ? 45  ARG A N   1 
ATOM   344  C  CA  . ARG A 1 46  ? -5.061  11.710  7.652   1.00 38.99  ? 45  ARG A CA  1 
ATOM   345  C  C   . ARG A 1 46  ? -3.672  12.092  8.170   1.00 39.66  ? 45  ARG A C   1 
ATOM   346  O  O   . ARG A 1 46  ? -2.693  12.034  7.427   1.00 44.65  ? 45  ARG A O   1 
ATOM   347  C  CB  . ARG A 1 46  ? -5.908  12.952  7.485   1.00 36.50  ? 45  ARG A CB  1 
ATOM   348  C  CG  . ARG A 1 46  ? -5.216  13.976  6.556   1.00 44.13  ? 45  ARG A CG  1 
ATOM   349  C  CD  . ARG A 1 46  ? -6.079  15.198  6.315   1.00 44.05  ? 45  ARG A CD  1 
ATOM   350  N  NE  . ARG A 1 46  ? -7.315  14.805  5.651   1.00 49.49  ? 45  ARG A NE  1 
ATOM   351  C  CZ  . ARG A 1 46  ? -7.471  14.642  4.339   1.00 52.80  ? 45  ARG A CZ  1 
ATOM   352  N  NH1 . ARG A 1 46  ? -6.469  14.872  3.482   1.00 44.93  ? 45  ARG A NH1 1 
ATOM   353  N  NH2 . ARG A 1 46  ? -8.677  14.267  3.893   1.00 54.11  ? 45  ARG A NH2 1 
ATOM   354  N  N   . ALA A 1 47  ? -3.576  12.421  9.458   1.00 40.96  ? 46  ALA A N   1 
ATOM   355  C  CA  . ALA A 1 47  ? -2.297  12.731  10.093  1.00 43.43  ? 46  ALA A CA  1 
ATOM   356  C  C   . ALA A 1 47  ? -1.334  11.548  10.000  1.00 43.61  ? 46  ALA A C   1 
ATOM   357  O  O   . ALA A 1 47  ? -0.156  11.746  9.748   1.00 45.71  ? 46  ALA A O   1 
ATOM   358  C  CB  . ALA A 1 47  ? -2.500  13.132  11.551  1.00 44.00  ? 46  ALA A CB  1 
ATOM   359  N  N   . LEU A 1 48  ? -1.841  10.331  10.147  1.00 43.44  ? 47  LEU A N   1 
ATOM   360  C  CA  . LEU A 1 48  ? -0.987  9.129   10.073  1.00 43.80  ? 47  LEU A CA  1 
ATOM   361  C  C   . LEU A 1 48  ? -0.344  8.998   8.707   1.00 43.53  ? 47  LEU A C   1 
ATOM   362  O  O   . LEU A 1 48  ? 0.866   8.820   8.601   1.00 46.05  ? 47  LEU A O   1 
ATOM   363  C  CB  . LEU A 1 48  ? -1.777  7.849   10.390  1.00 42.50  ? 47  LEU A CB  1 
ATOM   364  C  CG  . LEU A 1 48  ? -0.995  6.520   10.193  1.00 45.72  ? 47  LEU A CG  1 
ATOM   365  C  CD1 . LEU A 1 48  ? 0.251   6.485   11.093  1.00 47.73  ? 47  LEU A CD1 1 
ATOM   366  C  CD2 . LEU A 1 48  ? -1.817  5.293   10.416  1.00 44.39  ? 47  LEU A CD2 1 
ATOM   367  N  N   . PHE A 1 49  ? -1.174  9.045   7.671   1.00 42.55  ? 48  PHE A N   1 
ATOM   368  C  CA  . PHE A 1 49  ? -0.704  9.008   6.289   1.00 43.11  ? 48  PHE A CA  1 
ATOM   369  C  C   . PHE A 1 49  ? 0.263   10.155  5.944   1.00 46.59  ? 48  PHE A C   1 
ATOM   370  O  O   . PHE A 1 49  ? 1.261   9.927   5.271   1.00 50.49  ? 48  PHE A O   1 
ATOM   371  C  CB  . PHE A 1 49  ? -1.889  8.990   5.309   1.00 43.04  ? 48  PHE A CB  1 
ATOM   372  C  CG  . PHE A 1 49  ? -2.652  7.679   5.269   1.00 41.07  ? 48  PHE A CG  1 
ATOM   373  C  CD1 . PHE A 1 49  ? -1.983  6.473   5.187   1.00 46.07  ? 48  PHE A CD1 1 
ATOM   374  C  CD2 . PHE A 1 49  ? -4.034  7.654   5.267   1.00 41.11  ? 48  PHE A CD2 1 
ATOM   375  C  CE1 . PHE A 1 49  ? -2.672  5.289   5.115   1.00 44.30  ? 48  PHE A CE1 1 
ATOM   376  C  CE2 . PHE A 1 49  ? -4.733  6.445   5.194   1.00 38.60  ? 48  PHE A CE2 1 
ATOM   377  C  CZ  . PHE A 1 49  ? -4.040  5.272   5.122   1.00 44.83  ? 48  PHE A CZ  1 
ATOM   378  N  N   . GLU A 1 50  ? -0.018  11.377  6.405   1.00 47.25  ? 49  GLU A N   1 
ATOM   379  C  CA  . GLU A 1 50  ? 0.906   12.497  6.188   1.00 46.54  ? 49  GLU A CA  1 
ATOM   380  C  C   . GLU A 1 50  ? 2.292   12.222  6.763   1.00 48.00  ? 49  GLU A C   1 
ATOM   381  O  O   . GLU A 1 50  ? 3.291   12.503  6.113   1.00 48.59  ? 49  GLU A O   1 
ATOM   382  C  CB  . GLU A 1 50  ? 0.343   13.779  6.767   1.00 46.55  ? 49  GLU A CB  1 
ATOM   383  C  CG  . GLU A 1 50  ? -0.843  14.270  5.994   1.00 50.01  ? 49  GLU A CG  1 
ATOM   384  C  CD  . GLU A 1 50  ? -1.555  15.438  6.630   1.00 50.64  ? 49  GLU A CD  1 
ATOM   385  O  OE1 . GLU A 1 50  ? -1.443  15.638  7.874   1.00 55.16  ? 49  GLU A OE1 1 
ATOM   386  O  OE2 . GLU A 1 50  ? -2.257  16.146  5.869   1.00 58.61  ? 49  GLU A OE2 1 
ATOM   387  N  N   . LEU A 1 51  ? 2.335   11.648  7.952   1.00 48.73  ? 50  LEU A N   1 
ATOM   388  C  CA  . LEU A 1 51  ? 3.572   11.297  8.644   1.00 51.82  ? 50  LEU A CA  1 
ATOM   389  C  C   . LEU A 1 51  ? 4.337   10.139  7.980   1.00 52.76  ? 50  LEU A C   1 
ATOM   390  O  O   . LEU A 1 51  ? 5.558   10.201  7.846   1.00 53.51  ? 50  LEU A O   1 
ATOM   391  C  CB  . LEU A 1 51  ? 3.243   10.915  10.083  1.00 52.81  ? 50  LEU A CB  1 
ATOM   392  C  CG  . LEU A 1 51  ? 4.400   10.489  10.991  1.00 58.22  ? 50  LEU A CG  1 
ATOM   393  C  CD1 . LEU A 1 51  ? 5.234   11.689  11.404  1.00 62.62  ? 50  LEU A CD1 1 
ATOM   394  C  CD2 . LEU A 1 51  ? 3.866   9.786   12.197  1.00 57.38  ? 50  LEU A CD2 1 
ATOM   395  N  N   . GLN A 1 52  ? 3.620   9.088   7.592   1.00 49.40  ? 51  GLN A N   1 
ATOM   396  C  CA  . GLN A 1 52  ? 4.224   7.949   6.903   1.00 50.18  ? 51  GLN A CA  1 
ATOM   397  C  C   . GLN A 1 52  ? 4.867   8.397   5.577   1.00 51.77  ? 51  GLN A C   1 
ATOM   398  O  O   . GLN A 1 52  ? 5.990   8.035   5.287   1.00 55.79  ? 51  GLN A O   1 
ATOM   399  C  CB  . GLN A 1 52  ? 3.200   6.823   6.674   1.00 48.35  ? 51  GLN A CB  1 
ATOM   400  C  CG  . GLN A 1 52  ? 3.007   5.894   7.872   1.00 49.70  ? 51  GLN A CG  1 
ATOM   401  C  CD  . GLN A 1 52  ? 1.819   4.970   7.728   1.00 45.00  ? 51  GLN A CD  1 
ATOM   402  O  OE1 . GLN A 1 52  ? 0.930   5.199   6.927   1.00 50.77  ? 51  GLN A OE1 1 
ATOM   403  N  NE2 . GLN A 1 52  ? 1.810   3.905   8.501   1.00 51.97  ? 51  GLN A NE2 1 
ATOM   404  N  N   . ILE A 1 53  ? 4.164   9.193   4.791   1.00 54.82  ? 52  ILE A N   1 
ATOM   405  C  CA  . ILE A 1 53  ? 4.720   9.709   3.541   1.00 57.24  ? 52  ILE A CA  1 
ATOM   406  C  C   . ILE A 1 53  ? 5.942   10.585  3.776   1.00 61.07  ? 52  ILE A C   1 
ATOM   407  O  O   . ILE A 1 53  ? 6.966   10.441  3.116   1.00 61.30  ? 52  ILE A O   1 
ATOM   408  C  CB  . ILE A 1 53  ? 3.661   10.510  2.775   1.00 58.97  ? 52  ILE A CB  1 
ATOM   409  C  CG1 . ILE A 1 53  ? 2.639   9.553   2.169   1.00 54.57  ? 52  ILE A CG1 1 
ATOM   410  C  CG2 . ILE A 1 53  ? 4.297   11.420  1.671   1.00 60.51  ? 52  ILE A CG2 1 
ATOM   411  C  CD1 . ILE A 1 53  ? 1.415   10.273  1.674   1.00 56.66  ? 52  ILE A CD1 1 
ATOM   412  N  N   . GLU A 1 54  ? 5.829   11.484  4.739   1.00 62.39  ? 53  GLU A N   1 
ATOM   413  C  CA  . GLU A 1 54  ? 6.836   12.507  4.962   1.00 65.03  ? 53  GLU A CA  1 
ATOM   414  C  C   . GLU A 1 54  ? 8.126   11.909  5.514   1.00 64.30  ? 53  GLU A C   1 
ATOM   415  O  O   . GLU A 1 54  ? 9.218   12.272  5.069   1.00 65.43  ? 53  GLU A O   1 
ATOM   416  C  CB  . GLU A 1 54  ? 6.255   13.558  5.904   1.00 66.24  ? 53  GLU A CB  1 
ATOM   417  C  CG  . GLU A 1 54  ? 7.172   14.677  6.316   1.00 76.44  ? 53  GLU A CG  1 
ATOM   418  C  CD  . GLU A 1 54  ? 6.680   15.346  7.587   1.00 85.21  ? 53  GLU A CD  1 
ATOM   419  O  OE1 . GLU A 1 54  ? 5.553   15.894  7.572   1.00 89.61  ? 53  GLU A OE1 1 
ATOM   420  O  OE2 . GLU A 1 54  ? 7.418   15.303  8.595   1.00 86.52  ? 53  GLU A OE2 1 
ATOM   421  N  N   . LYS A 1 55  ? 7.989   10.969  6.446   1.00 62.03  ? 54  LYS A N   1 
ATOM   422  C  CA  . LYS A 1 55  ? 9.121   10.452  7.214   1.00 61.33  ? 54  LYS A CA  1 
ATOM   423  C  C   . LYS A 1 55  ? 9.571   9.050   6.830   1.00 58.86  ? 54  LYS A C   1 
ATOM   424  O  O   . LYS A 1 55  ? 10.611  8.608   7.279   1.00 59.07  ? 54  LYS A O   1 
ATOM   425  C  CB  . LYS A 1 55  ? 8.774   10.460  8.710   1.00 62.94  ? 54  LYS A CB  1 
ATOM   426  C  CG  . LYS A 1 55  ? 8.532   11.854  9.297   1.00 66.45  ? 54  LYS A CG  1 
ATOM   427  C  CD  . LYS A 1 55  ? 9.843   12.577  9.581   1.00 73.47  ? 54  LYS A CD  1 
ATOM   428  C  CE  . LYS A 1 55  ? 9.642   13.863  10.393  1.00 76.00  ? 54  LYS A CE  1 
ATOM   429  N  NZ  . LYS A 1 55  ? 10.883  14.280  11.130  1.00 79.45  ? 54  LYS A NZ  1 
ATOM   430  N  N   . GLN A 1 56  ? 8.802   8.339   6.017   1.00 56.07  ? 55  GLN A N   1 
ATOM   431  C  CA  . GLN A 1 56  ? 9.173   6.978   5.651   1.00 55.42  ? 55  GLN A CA  1 
ATOM   432  C  C   . GLN A 1 56  ? 9.242   6.775   4.144   1.00 54.79  ? 55  GLN A C   1 
ATOM   433  O  O   . GLN A 1 56  ? 10.273  6.372   3.622   1.00 57.58  ? 55  GLN A O   1 
ATOM   434  C  CB  . GLN A 1 56  ? 8.170   6.011   6.237   1.00 55.88  ? 55  GLN A CB  1 
ATOM   435  C  CG  . GLN A 1 56  ? 8.560   4.556   6.165   1.00 63.47  ? 55  GLN A CG  1 
ATOM   436  C  CD  . GLN A 1 56  ? 7.574   3.689   6.937   1.00 75.03  ? 55  GLN A CD  1 
ATOM   437  O  OE1 . GLN A 1 56  ? 6.734   4.196   7.709   1.00 76.12  ? 55  GLN A OE1 1 
ATOM   438  N  NE2 . GLN A 1 56  ? 7.678   2.371   6.749   1.00 87.92  ? 55  GLN A NE2 1 
ATOM   439  N  N   . TYR A 1 57  ? 8.142   7.032   3.450   1.00 51.13  ? 56  TYR A N   1 
ATOM   440  C  CA  . TYR A 1 57  ? 8.042   6.618   2.050   1.00 51.65  ? 56  TYR A CA  1 
ATOM   441  C  C   . TYR A 1 57  ? 8.719   7.587   1.098   1.00 52.51  ? 56  TYR A C   1 
ATOM   442  O  O   . TYR A 1 57  ? 9.328   7.155   0.104   1.00 54.15  ? 56  TYR A O   1 
ATOM   443  C  CB  . TYR A 1 57  ? 6.582   6.310   1.682   1.00 50.31  ? 56  TYR A CB  1 
ATOM   444  C  CG  . TYR A 1 57  ? 6.180   5.045   2.351   1.00 49.79  ? 56  TYR A CG  1 
ATOM   445  C  CD1 . TYR A 1 57  ? 6.631   3.838   1.871   1.00 40.54  ? 56  TYR A CD1 1 
ATOM   446  C  CD2 . TYR A 1 57  ? 5.421   5.042   3.512   1.00 44.60  ? 56  TYR A CD2 1 
ATOM   447  C  CE1 . TYR A 1 57  ? 6.322   2.651   2.499   1.00 48.58  ? 56  TYR A CE1 1 
ATOM   448  C  CE2 . TYR A 1 57  ? 5.109   3.866   4.146   1.00 44.71  ? 56  TYR A CE2 1 
ATOM   449  C  CZ  . TYR A 1 57  ? 5.564   2.668   3.629   1.00 53.71  ? 56  TYR A CZ  1 
ATOM   450  O  OH  . TYR A 1 57  ? 5.268   1.490   4.247   1.00 48.09  ? 56  TYR A OH  1 
ATOM   451  N  N   . ALA A 1 58  ? 8.649   8.880   1.409   1.00 51.45  ? 57  ALA A N   1 
ATOM   452  C  CA  . ALA A 1 58  ? 9.259   9.905   0.580   1.00 53.68  ? 57  ALA A CA  1 
ATOM   453  C  C   . ALA A 1 58  ? 10.757  9.782   0.678   1.00 58.43  ? 57  ALA A C   1 
ATOM   454  O  O   . ALA A 1 58  ? 11.479  9.914   -0.299  1.00 61.88  ? 57  ALA A O   1 
ATOM   455  C  CB  . ALA A 1 58  ? 8.826   11.296  1.038   1.00 52.56  ? 57  ALA A CB  1 
ATOM   456  N  N   . VAL A 1 59  ? 11.184  9.483   1.892   1.00 60.50  ? 58  VAL A N   1 
ATOM   457  C  CA  . VAL A 1 59  ? 12.572  9.428   2.283   1.00 63.22  ? 58  VAL A CA  1 
ATOM   458  C  C   . VAL A 1 59  ? 13.224  8.170   1.733   1.00 61.29  ? 58  VAL A C   1 
ATOM   459  O  O   . VAL A 1 59  ? 14.036  8.231   0.826   1.00 66.10  ? 58  VAL A O   1 
ATOM   460  C  CB  . VAL A 1 59  ? 12.655  9.435   3.829   1.00 63.29  ? 58  VAL A CB  1 
ATOM   461  C  CG1 . VAL A 1 59  ? 14.103  9.221   4.320   1.00 68.71  ? 58  VAL A CG1 1 
ATOM   462  C  CG2 . VAL A 1 59  ? 12.041  10.739  4.378   1.00 64.67  ? 58  VAL A CG2 1 
ATOM   463  N  N   . ALA A 1 60  ? 12.819  7.025   2.253   1.00 58.52  ? 59  ALA A N   1 
ATOM   464  C  CA  . ALA A 1 60  ? 13.528  5.790   2.006   1.00 55.32  ? 59  ALA A CA  1 
ATOM   465  C  C   . ALA A 1 60  ? 12.767  4.796   1.149   1.00 53.31  ? 59  ALA A C   1 
ATOM   466  O  O   . ALA A 1 60  ? 13.230  3.684   0.968   1.00 56.15  ? 59  ALA A O   1 
ATOM   467  C  CB  . ALA A 1 60  ? 13.879  5.151   3.340   1.00 54.81  ? 59  ALA A CB  1 
ATOM   468  N  N   . GLY A 1 61  ? 11.603  5.163   0.624   1.00 50.41  ? 60  GLY A N   1 
ATOM   469  C  CA  . GLY A 1 61  ? 10.791  4.187   -0.071  1.00 46.99  ? 60  GLY A CA  1 
ATOM   470  C  C   . GLY A 1 61  ? 10.494  4.601   -1.495  1.00 44.38  ? 60  GLY A C   1 
ATOM   471  O  O   . GLY A 1 61  ? 11.272  5.309   -2.129  1.00 41.62  ? 60  GLY A O   1 
ATOM   472  N  N   . ASN A 1 62  ? 9.381   4.097   -2.006  1.00 41.98  ? 61  ASN A N   1 
ATOM   473  C  CA  . ASN A 1 62  ? 8.805   4.540   -3.294  1.00 41.27  ? 61  ASN A CA  1 
ATOM   474  C  C   . ASN A 1 62  ? 7.322   4.840   -3.159  1.00 42.50  ? 61  ASN A C   1 
ATOM   475  O  O   . ASN A 1 62  ? 6.548   4.034   -2.653  1.00 41.66  ? 61  ASN A O   1 
ATOM   476  C  CB  . ASN A 1 62  ? 8.992   3.472   -4.393  1.00 44.64  ? 61  ASN A CB  1 
ATOM   477  C  CG  . ASN A 1 62  ? 10.444  3.366   -4.897  1.00 46.60  ? 61  ASN A CG  1 
ATOM   478  O  OD1 . ASN A 1 62  ? 11.228  2.651   -4.330  1.00 47.05  ? 61  ASN A OD1 1 
ATOM   479  N  ND2 . ASN A 1 62  ? 10.781  4.119   -5.976  1.00 44.64  ? 61  ASN A ND2 1 
ATOM   480  N  N   . ILE A 1 63  ? 6.916   5.974   -3.735  1.00 39.98  ? 62  ILE A N   1 
ATOM   481  C  CA  . ILE A 1 63  ? 5.537   6.369   -3.854  1.00 40.31  ? 62  ILE A CA  1 
ATOM   482  C  C   . ILE A 1 63  ? 5.223   6.481   -5.334  1.00 38.92  ? 62  ILE A C   1 
ATOM   483  O  O   . ILE A 1 63  ? 5.858   7.262   -6.052  1.00 38.02  ? 62  ILE A O   1 
ATOM   484  C  CB  . ILE A 1 63  ? 5.296   7.732   -3.167  1.00 40.14  ? 62  ILE A CB  1 
ATOM   485  C  CG1 . ILE A 1 63  ? 5.783   7.689   -1.713  1.00 42.16  ? 62  ILE A CG1 1 
ATOM   486  C  CG2 . ILE A 1 63  ? 3.814   8.145   -3.256  1.00 44.82  ? 62  ILE A CG2 1 
ATOM   487  C  CD1 . ILE A 1 63  ? 5.826   9.109   -1.059  1.00 46.48  ? 62  ILE A CD1 1 
ATOM   488  N  N   . ASP A 1 64  ? 4.317   5.630   -5.794  1.00 38.92  ? 63  ASP A N   1 
ATOM   489  C  CA  . ASP A 1 64  ? 3.869   5.633   -7.191  1.00 40.62  ? 63  ASP A CA  1 
ATOM   490  C  C   . ASP A 1 64  ? 2.480   6.242   -7.260  1.00 39.28  ? 63  ASP A C   1 
ATOM   491  O  O   . ASP A 1 64  ? 1.641   6.010   -6.379  1.00 39.73  ? 63  ASP A O   1 
ATOM   492  C  CB  . ASP A 1 64  ? 3.846   4.211   -7.737  1.00 41.43  ? 63  ASP A CB  1 
ATOM   493  C  CG  . ASP A 1 64  ? 5.226   3.594   -7.857  1.00 42.54  ? 63  ASP A CG  1 
ATOM   494  O  OD1 . ASP A 1 64  ? 6.246   4.343   -7.927  1.00 48.19  ? 63  ASP A OD1 1 
ATOM   495  O  OD2 . ASP A 1 64  ? 5.266   2.344   -7.961  1.00 47.39  ? 63  ASP A OD2 1 
ATOM   496  N  N   . VAL A 1 65  ? 2.215   7.026   -8.303  1.00 41.96  ? 64  VAL A N   1 
ATOM   497  C  CA  . VAL A 1 65  ? 0.878   7.480   -8.565  1.00 40.14  ? 64  VAL A CA  1 
ATOM   498  C  C   . VAL A 1 65  ? 0.437   7.050   -9.953  1.00 40.34  ? 64  VAL A C   1 
ATOM   499  O  O   . VAL A 1 65  ? 1.239   7.021   -10.882 1.00 41.09  ? 64  VAL A O   1 
ATOM   500  C  CB  . VAL A 1 65  ? 0.710   9.041   -8.509  1.00 41.45  ? 64  VAL A CB  1 
ATOM   501  C  CG1 . VAL A 1 65  ? 0.845   9.521   -7.109  1.00 46.09  ? 64  VAL A CG1 1 
ATOM   502  C  CG2 . VAL A 1 65  ? 1.699   9.772   -9.404  1.00 39.44  ? 64  VAL A CG2 1 
ATOM   503  N  N   . ALA A 1 66  ? -0.866  6.805   -10.070 1.00 41.93  ? 65  ALA A N   1 
ATOM   504  C  CA  . ALA A 1 66  ? -1.556  6.545   -11.328 1.00 37.69  ? 65  ALA A CA  1 
ATOM   505  C  C   . ALA A 1 66  ? -2.411  7.755   -11.641 1.00 36.44  ? 65  ALA A C   1 
ATOM   506  O  O   . ALA A 1 66  ? -3.107  8.230   -10.758 1.00 37.65  ? 65  ALA A O   1 
ATOM   507  C  CB  . ALA A 1 66  ? -2.449  5.346   -11.150 1.00 39.71  ? 65  ALA A CB  1 
ATOM   508  N  N   . ARG A 1 67  ? -2.403  8.204   -12.889 1.00 36.91  ? 66  ARG A N   1 
ATOM   509  C  CA  . ARG A 1 67  ? -3.189  9.314   -13.316 1.00 38.32  ? 66  ARG A CA  1 
ATOM   510  C  C   . ARG A 1 67  ? -4.080  8.841   -14.430 1.00 42.46  ? 66  ARG A C   1 
ATOM   511  O  O   . ARG A 1 67  ? -3.674  7.979   -15.238 1.00 45.05  ? 66  ARG A O   1 
ATOM   512  C  CB  . ARG A 1 67  ? -2.293  10.463  -13.798 1.00 39.42  ? 66  ARG A CB  1 
ATOM   513  C  CG  . ARG A 1 67  ? -1.390  11.082  -12.679 1.00 37.24  ? 66  ARG A CG  1 
ATOM   514  C  CD  . ARG A 1 67  ? -0.591  12.252  -13.235 1.00 39.75  ? 66  ARG A CD  1 
ATOM   515  N  NE  . ARG A 1 67  ? 0.116   12.992  -12.183 1.00 35.53  ? 66  ARG A NE  1 
ATOM   516  C  CZ  . ARG A 1 67  ? 1.360   12.742  -11.784 1.00 43.11  ? 66  ARG A CZ  1 
ATOM   517  N  NH1 . ARG A 1 67  ? 2.090   11.781  -12.344 1.00 40.71  ? 66  ARG A NH1 1 
ATOM   518  N  NH2 . ARG A 1 67  ? 1.883   13.476  -10.814 1.00 37.40  ? 66  ARG A NH2 1 
ATOM   519  N  N   . ASP A 1 68  ? -5.260  9.442   -14.504 1.00 41.87  ? 67  ASP A N   1 
ATOM   520  C  CA  . ASP A 1 68  ? -6.167  9.164   -15.598 1.00 44.40  ? 67  ASP A CA  1 
ATOM   521  C  C   . ASP A 1 68  ? -5.870  10.075  -16.794 1.00 46.06  ? 67  ASP A C   1 
ATOM   522  O  O   . ASP A 1 68  ? -4.914  10.862  -16.773 1.00 44.25  ? 67  ASP A O   1 
ATOM   523  C  CB  . ASP A 1 68  ? -7.617  9.208   -15.116 1.00 41.10  ? 67  ASP A CB  1 
ATOM   524  C  CG  . ASP A 1 68  ? -8.068  10.567  -14.664 1.00 47.67  ? 67  ASP A CG  1 
ATOM   525  O  OD1 . ASP A 1 68  ? -7.453  11.582  -14.972 1.00 44.10  ? 67  ASP A OD1 1 
ATOM   526  O  OD2 . ASP A 1 68  ? -9.105  10.608  -14.016 1.00 42.58  ? 67  ASP A OD2 1 
ATOM   527  N  N   . SER A 1 69  ? -6.690  9.973   -17.838 1.00 46.34  ? 68  SER A N   1 
ATOM   528  C  CA  . SER A 1 69  ? -6.428  10.692  -19.090 1.00 45.60  ? 68  SER A CA  1 
ATOM   529  C  C   . SER A 1 69  ? -6.693  12.173  -18.929 1.00 44.88  ? 68  SER A C   1 
ATOM   530  O  O   . SER A 1 69  ? -6.238  12.959  -19.730 1.00 47.59  ? 68  SER A O   1 
ATOM   531  C  CB  . SER A 1 69  ? -7.281  10.118  -20.232 1.00 46.75  ? 68  SER A CB  1 
ATOM   532  O  OG  . SER A 1 69  ? -8.638  10.437  -20.036 1.00 49.46  ? 68  SER A OG  1 
ATOM   533  N  N   . GLU A 1 70  ? -7.425  12.552  -17.884 1.00 42.64  ? 69  GLU A N   1 
ATOM   534  C  CA  . GLU A 1 70  ? -7.638  13.963  -17.542 1.00 42.12  ? 69  GLU A CA  1 
ATOM   535  C  C   . GLU A 1 70  ? -6.506  14.569  -16.630 1.00 41.23  ? 69  GLU A C   1 
ATOM   536  O  O   . GLU A 1 70  ? -6.562  15.732  -16.254 1.00 42.78  ? 69  GLU A O   1 
ATOM   537  C  CB  . GLU A 1 70  ? -9.008  14.102  -16.891 1.00 45.91  ? 69  GLU A CB  1 
ATOM   538  C  CG  . GLU A 1 70  ? -10.155 13.519  -17.766 1.00 54.72  ? 69  GLU A CG  1 
ATOM   539  C  CD  . GLU A 1 70  ? -10.607 12.060  -17.383 1.00 64.45  ? 69  GLU A CD  1 
ATOM   540  O  OE1 . GLU A 1 70  ? -9.800  11.192  -16.925 1.00 65.35  ? 69  GLU A OE1 1 
ATOM   541  O  OE2 . GLU A 1 70  ? -11.815 11.780  -17.553 1.00 75.04  ? 69  GLU A OE2 1 
ATOM   542  N  N   . GLY A 1 71  ? -5.502  13.765  -16.307 1.00 39.35  ? 70  GLY A N   1 
ATOM   543  C  CA  . GLY A 1 71  ? -4.310  14.209  -15.545 1.00 39.12  ? 70  GLY A CA  1 
ATOM   544  C  C   . GLY A 1 71  ? -4.394  14.119  -14.025 1.00 38.26  ? 70  GLY A C   1 
ATOM   545  O  O   . GLY A 1 71  ? -3.476  14.553  -13.328 1.00 35.68  ? 70  GLY A O   1 
ATOM   546  N  N   . GLU A 1 72  ? -5.494  13.585  -13.506 1.00 38.94  ? 71  GLU A N   1 
ATOM   547  C  CA  A GLU A 1 72  ? -5.676  13.552  -12.057 0.50 38.13  ? 71  GLU A CA  1 
ATOM   548  C  CA  B GLU A 1 72  ? -5.733  13.519  -12.063 0.50 38.61  ? 71  GLU A CA  1 
ATOM   549  C  C   . GLU A 1 72  ? -5.182  12.246  -11.493 1.00 38.25  ? 71  GLU A C   1 
ATOM   550  O  O   . GLU A 1 72  ? -5.268  11.201  -12.133 1.00 38.12  ? 71  GLU A O   1 
ATOM   551  C  CB  A GLU A 1 72  ? -7.138  13.793  -11.644 0.50 39.93  ? 71  GLU A CB  1 
ATOM   552  C  CB  B GLU A 1 72  ? -7.239  13.601  -11.760 0.50 39.56  ? 71  GLU A CB  1 
ATOM   553  C  CG  A GLU A 1 72  ? -7.748  15.119  -12.116 0.50 39.12  ? 71  GLU A CG  1 
ATOM   554  C  CG  B GLU A 1 72  ? -7.941  14.618  -12.613 0.50 35.40  ? 71  GLU A CG  1 
ATOM   555  C  CD  A GLU A 1 72  ? -7.395  16.373  -11.271 0.50 49.29  ? 71  GLU A CD  1 
ATOM   556  C  CD  B GLU A 1 72  ? -9.323  15.049  -12.118 0.50 43.48  ? 71  GLU A CD  1 
ATOM   557  O  OE1 A GLU A 1 72  ? -6.968  16.242  -10.096 0.50 38.49  ? 71  GLU A OE1 1 
ATOM   558  O  OE1 B GLU A 1 72  ? -10.172 14.177  -11.885 0.50 49.64  ? 71  GLU A OE1 1 
ATOM   559  O  OE2 A GLU A 1 72  ? -7.555  17.512  -11.814 0.50 43.81  ? 71  GLU A OE2 1 
ATOM   560  O  OE2 B GLU A 1 72  ? -9.572  16.273  -12.017 0.50 52.40  ? 71  GLU A OE2 1 
ATOM   561  N  N   . ILE A 1 73  ? -4.680  12.334  -10.267 1.00 37.61  ? 72  ILE A N   1 
ATOM   562  C  CA  . ILE A 1 73  ? -4.203  11.176  -9.539  1.00 37.32  ? 72  ILE A CA  1 
ATOM   563  C  C   . ILE A 1 73  ? -5.419  10.389  -9.080  1.00 37.43  ? 72  ILE A C   1 
ATOM   564  O  O   . ILE A 1 73  ? -6.347  10.942  -8.465  1.00 37.29  ? 72  ILE A O   1 
ATOM   565  C  CB  . ILE A 1 73  ? -3.304  11.584  -8.346  1.00 36.55  ? 72  ILE A CB  1 
ATOM   566  C  CG1 . ILE A 1 73  ? -1.992  12.199  -8.872  1.00 39.32  ? 72  ILE A CG1 1 
ATOM   567  C  CG2 . ILE A 1 73  ? -3.059  10.402  -7.422  1.00 40.06  ? 72  ILE A CG2 1 
ATOM   568  C  CD1 . ILE A 1 73  ? -1.246  13.018  -7.845  1.00 40.57  ? 72  ILE A CD1 1 
ATOM   569  N  N   . VAL A 1 74  ? -5.473  9.133   -9.517  1.00 35.74  ? 73  VAL A N   1 
ATOM   570  C  CA  . VAL A 1 74  ? -6.586  8.225   -9.227  1.00 38.32  ? 73  VAL A CA  1 
ATOM   571  C  C   . VAL A 1 74  ? -6.163  6.984   -8.428  1.00 39.95  ? 73  VAL A C   1 
ATOM   572  O  O   . VAL A 1 74  ? -6.995  6.173   -8.030  1.00 39.26  ? 73  VAL A O   1 
ATOM   573  C  CB  . VAL A 1 74  ? -7.315  7.774   -10.537 1.00 39.61  ? 73  VAL A CB  1 
ATOM   574  C  CG1 . VAL A 1 74  ? -8.089  8.923   -11.111 1.00 43.26  ? 73  VAL A CG1 1 
ATOM   575  C  CG2 . VAL A 1 74  ? -6.355  7.196   -11.561 1.00 44.04  ? 73  VAL A CG2 1 
ATOM   576  N  N   . GLY A 1 75  ? -4.880  6.866   -8.168  1.00 40.12  ? 74  GLY A N   1 
ATOM   577  C  CA  . GLY A 1 75  ? -4.382  5.781   -7.321  1.00 41.29  ? 74  GLY A CA  1 
ATOM   578  C  C   . GLY A 1 75  ? -2.990  6.066   -6.839  1.00 42.83  ? 74  GLY A C   1 
ATOM   579  O  O   . GLY A 1 75  ? -2.266  6.886   -7.423  1.00 43.43  ? 74  GLY A O   1 
ATOM   580  N  N   . VAL A 1 76  ? -2.645  5.394   -5.753  1.00 40.74  ? 75  VAL A N   1 
ATOM   581  C  CA  A VAL A 1 76  ? -1.341  5.516   -5.141  0.50 41.10  ? 75  VAL A CA  1 
ATOM   582  C  CA  B VAL A 1 76  ? -1.394  5.546   -5.028  0.50 41.53  ? 75  VAL A CA  1 
ATOM   583  C  C   . VAL A 1 76  ? -0.925  4.163   -4.562  1.00 40.54  ? 75  VAL A C   1 
ATOM   584  O  O   . VAL A 1 76  ? -1.762  3.382   -4.076  1.00 42.12  ? 75  VAL A O   1 
ATOM   585  C  CB  A VAL A 1 76  ? -1.290  6.678   -4.083  0.50 42.18  ? 75  VAL A CB  1 
ATOM   586  C  CB  B VAL A 1 76  ? -1.603  6.369   -3.735  0.50 42.51  ? 75  VAL A CB  1 
ATOM   587  C  CG1 A VAL A 1 76  ? -2.206  6.430   -2.875  0.50 38.65  ? 75  VAL A CG1 1 
ATOM   588  C  CG1 B VAL A 1 76  ? -0.328  6.425   -2.918  0.50 47.53  ? 75  VAL A CG1 1 
ATOM   589  C  CG2 A VAL A 1 76  ? 0.139   6.964   -3.632  0.50 43.41  ? 75  VAL A CG2 1 
ATOM   590  C  CG2 B VAL A 1 76  ? -2.134  7.795   -4.036  0.50 42.51  ? 75  VAL A CG2 1 
ATOM   591  N  N   . ALA A 1 77  ? 0.378   3.871   -4.666  1.00 41.18  ? 76  ALA A N   1 
ATOM   592  C  CA  . ALA A 1 77  ? 0.999   2.723   -4.005  1.00 39.48  ? 76  ALA A CA  1 
ATOM   593  C  C   . ALA A 1 77  ? 2.254   3.145   -3.201  1.00 42.14  ? 76  ALA A C   1 
ATOM   594  O  O   . ALA A 1 77  ? 3.096   3.951   -3.666  1.00 43.38  ? 76  ALA A O   1 
ATOM   595  C  CB  . ALA A 1 77  ? 1.315   1.640   -5.008  1.00 41.38  ? 76  ALA A CB  1 
ATOM   596  N  N   . LEU A 1 78  ? 2.401   2.555   -2.005  1.00 41.79  ? 77  LEU A N   1 
ATOM   597  C  CA  . LEU A 1 78  ? 3.527   2.833   -1.096  1.00 37.34  ? 77  LEU A CA  1 
ATOM   598  C  C   . LEU A 1 78  ? 4.304   1.552   -0.927  1.00 38.32  ? 77  LEU A C   1 
ATOM   599  O  O   . LEU A 1 78  ? 3.722   0.552   -0.569  1.00 35.45  ? 77  LEU A O   1 
ATOM   600  C  CB  . LEU A 1 78  ? 3.029   3.318   0.257   1.00 38.55  ? 77  LEU A CB  1 
ATOM   601  C  CG  . LEU A 1 78  ? 2.128   4.601   0.187   1.00 39.69  ? 77  LEU A CG  1 
ATOM   602  C  CD1 . LEU A 1 78  ? 1.652   4.962   1.585   1.00 46.28  ? 77  LEU A CD1 1 
ATOM   603  C  CD2 . LEU A 1 78  ? 2.865   5.785   -0.305  1.00 47.00  ? 77  LEU A CD2 1 
ATOM   604  N  N   . TRP A 1 79  ? 5.588   1.633   -1.256  1.00 39.50  ? 78  TRP A N   1 
ATOM   605  C  CA  . TRP A 1 79  ? 6.525   0.520   -1.241  1.00 40.05  ? 78  TRP A CA  1 
ATOM   606  C  C   . TRP A 1 79  ? 7.744   0.837   -0.358  1.00 39.62  ? 78  TRP A C   1 
ATOM   607  O  O   . TRP A 1 79  ? 8.277   1.973   -0.372  1.00 39.40  ? 78  TRP A O   1 
ATOM   608  C  CB  . TRP A 1 79  ? 7.006   0.305   -2.662  1.00 40.87  ? 78  TRP A CB  1 
ATOM   609  C  CG  . TRP A 1 79  ? 5.989   -0.115  -3.699  1.00 35.76  ? 78  TRP A CG  1 
ATOM   610  C  CD1 . TRP A 1 79  ? 5.144   0.698   -4.416  1.00 38.44  ? 78  TRP A CD1 1 
ATOM   611  C  CD2 . TRP A 1 79  ? 5.802   -1.431  -4.205  1.00 37.30  ? 78  TRP A CD2 1 
ATOM   612  N  NE1 . TRP A 1 79  ? 4.433   -0.042  -5.306  1.00 39.14  ? 78  TRP A NE1 1 
ATOM   613  C  CE2 . TRP A 1 79  ? 4.828   -1.355  -5.210  1.00 38.20  ? 78  TRP A CE2 1 
ATOM   614  C  CE3 . TRP A 1 79  ? 6.381   -2.668  -3.915  1.00 39.43  ? 78  TRP A CE3 1 
ATOM   615  C  CZ2 . TRP A 1 79  ? 4.377   -2.475  -5.886  1.00 40.52  ? 78  TRP A CZ2 1 
ATOM   616  C  CZ3 . TRP A 1 79  ? 5.958   -3.784  -4.606  1.00 41.51  ? 78  TRP A CZ3 1 
ATOM   617  C  CH2 . TRP A 1 79  ? 4.969   -3.672  -5.597  1.00 38.68  ? 78  TRP A CH2 1 
ATOM   618  N  N   . ASP A 1 80  ? 8.197   -0.159  0.401   1.00 41.18  ? 79  ASP A N   1 
ATOM   619  C  CA  . ASP A 1 80  ? 9.482   -0.141  1.066   1.00 43.12  ? 79  ASP A CA  1 
ATOM   620  C  C   . ASP A 1 80  ? 10.436  -1.000  0.257   1.00 45.66  ? 79  ASP A C   1 
ATOM   621  O  O   . ASP A 1 80  ? 10.081  -2.065  -0.252  1.00 41.46  ? 79  ASP A O   1 
ATOM   622  C  CB  . ASP A 1 80  ? 9.420   -0.731  2.489   1.00 44.83  ? 79  ASP A CB  1 
ATOM   623  C  CG  . ASP A 1 80  ? 8.616   0.124   3.436   1.00 53.65  ? 79  ASP A CG  1 
ATOM   624  O  OD1 . ASP A 1 80  ? 9.104   1.192   3.835   1.00 64.74  ? 79  ASP A OD1 1 
ATOM   625  O  OD2 . ASP A 1 80  ? 7.485   -0.267  3.789   1.00 69.18  ? 79  ASP A OD2 1 
ATOM   626  N  N   . ARG A 1 81  ? 11.672  -0.517  0.171   1.00 45.67  ? 80  ARG A N   1 
ATOM   627  C  CA  . ARG A 1 81  ? 12.717  -1.134  -0.614  1.00 45.25  ? 80  ARG A CA  1 
ATOM   628  C  C   . ARG A 1 81  ? 13.428  -2.169  0.226   1.00 41.51  ? 80  ARG A C   1 
ATOM   629  O  O   . ARG A 1 81  ? 13.349  -2.132  1.462   1.00 43.79  ? 80  ARG A O   1 
ATOM   630  C  CB  . ARG A 1 81  ? 13.703  -0.037  -1.102  1.00 45.02  ? 80  ARG A CB  1 
ATOM   631  C  CG  . ARG A 1 81  ? 12.999  1.068   -1.880  1.00 46.64  ? 80  ARG A CG  1 
ATOM   632  C  CD  . ARG A 1 81  ? 13.904  2.301   -2.133  1.00 52.88  ? 80  ARG A CD  1 
ATOM   633  N  NE  . ARG A 1 81  ? 15.036  1.902   -2.958  1.00 57.98  ? 80  ARG A NE  1 
ATOM   634  C  CZ  . ARG A 1 81  ? 15.064  1.908   -4.294  1.00 61.81  ? 80  ARG A CZ  1 
ATOM   635  N  NH1 . ARG A 1 81  ? 14.023  2.328   -5.018  1.00 53.06  ? 80  ARG A NH1 1 
ATOM   636  N  NH2 . ARG A 1 81  ? 16.167  1.488   -4.910  1.00 60.81  ? 80  ARG A NH2 1 
ATOM   637  N  N   . PRO A 1 82  ? 14.102  -3.117  -0.422  1.00 40.91  ? 81  PRO A N   1 
ATOM   638  C  CA  . PRO A 1 82  ? 14.863  -4.045  0.392   1.00 42.70  ? 81  PRO A CA  1 
ATOM   639  C  C   . PRO A 1 82  ? 15.953  -3.415  1.290   1.00 49.04  ? 81  PRO A C   1 
ATOM   640  O  O   . PRO A 1 82  ? 16.592  -2.431  0.913   1.00 45.96  ? 81  PRO A O   1 
ATOM   641  C  CB  . PRO A 1 82  ? 15.502  -5.012  -0.633  1.00 43.54  ? 81  PRO A CB  1 
ATOM   642  C  CG  . PRO A 1 82  ? 14.796  -4.851  -1.852  1.00 41.46  ? 81  PRO A CG  1 
ATOM   643  C  CD  . PRO A 1 82  ? 14.209  -3.432  -1.860  1.00 41.59  ? 81  PRO A CD  1 
ATOM   644  N  N   . ASP A 1 83  ? 16.152  -4.006  2.468   1.00 55.25  ? 82  ASP A N   1 
ATOM   645  C  CA  . ASP A 1 83  ? 17.190  -3.565  3.416   1.00 62.51  ? 82  ASP A CA  1 
ATOM   646  C  C   . ASP A 1 83  ? 17.462  -4.685  4.434   1.00 65.51  ? 82  ASP A C   1 
ATOM   647  O  O   . ASP A 1 83  ? 18.082  -4.464  5.480   1.00 70.68  ? 82  ASP A O   1 
ATOM   648  C  CB  . ASP A 1 83  ? 16.780  -2.265  4.139   1.00 63.29  ? 82  ASP A CB  1 
ATOM   649  N  N   . PRO A 1 96  ? 5.805   11.326  19.484  1.00 16.99  ? 95  PRO A N   1 
ATOM   650  C  CA  . PRO A 1 96  ? 5.540   12.761  19.640  1.00 17.63  ? 95  PRO A CA  1 
ATOM   651  C  C   . PRO A 1 96  ? 4.270   13.196  18.887  1.00 18.37  ? 95  PRO A C   1 
ATOM   652  O  O   . PRO A 1 96  ? 3.257   13.529  19.515  1.00 18.20  ? 95  PRO A O   1 
ATOM   653  C  CB  . PRO A 1 96  ? 6.805   13.423  19.069  1.00 17.10  ? 95  PRO A CB  1 
ATOM   654  C  CG  . PRO A 1 96  ? 7.504   12.350  18.278  1.00 16.46  ? 95  PRO A CG  1 
ATOM   655  C  CD  . PRO A 1 96  ? 7.130   11.053  18.904  1.00 16.29  ? 95  PRO A CD  1 
ATOM   656  N  N   . ARG A 1 97  ? 4.332   13.174  17.555  1.00 18.83  ? 96  ARG A N   1 
ATOM   657  C  CA  . ARG A 1 97  ? 3.155   13.362  16.696  1.00 18.78  ? 96  ARG A CA  1 
ATOM   658  C  C   . ARG A 1 97  ? 2.326   12.088  16.736  1.00 16.70  ? 96  ARG A C   1 
ATOM   659  O  O   . ARG A 1 97  ? 1.136   12.081  16.412  1.00 17.00  ? 96  ARG A O   1 
ATOM   660  C  CB  . ARG A 1 97  ? 3.587   13.642  15.253  1.00 18.71  ? 96  ARG A CB  1 
ATOM   661  C  CG  . ARG A 1 97  ? 2.586   14.449  14.441  1.00 20.67  ? 96  ARG A CG  1 
ATOM   662  C  CD  . ARG A 1 97  ? 2.949   14.478  12.955  1.00 21.12  ? 96  ARG A CD  1 
ATOM   663  N  NE  . ARG A 1 97  ? 4.333   14.879  12.696  1.00 20.68  ? 96  ARG A NE  1 
ATOM   664  C  CZ  . ARG A 1 97  ? 4.846   15.081  11.483  1.00 20.38  ? 96  ARG A CZ  1 
ATOM   665  N  NH1 . ARG A 1 97  ? 4.103   14.942  10.385  1.00 19.62  ? 96  ARG A NH1 1 
ATOM   666  N  NH2 . ARG A 1 97  ? 6.114   15.437  11.366  1.00 20.38  ? 96  ARG A NH2 1 
ATOM   667  N  N   . LEU A 1 98  ? 2.986   11.006  17.129  1.00 14.73  ? 97  LEU A N   1 
ATOM   668  C  CA  . LEU A 1 98  ? 2.345   9.727   17.309  1.00 13.58  ? 97  LEU A CA  1 
ATOM   669  C  C   . LEU A 1 98  ? 1.424   9.744   18.524  1.00 12.91  ? 97  LEU A C   1 
ATOM   670  O  O   . LEU A 1 98  ? 0.395   9.067   18.527  1.00 11.16  ? 97  LEU A O   1 
ATOM   671  C  CB  . LEU A 1 98  ? 3.403   8.639   17.453  1.00 13.43  ? 97  LEU A CB  1 
ATOM   672  C  CG  . LEU A 1 98  ? 4.338   8.513   16.254  1.00 11.07  ? 97  LEU A CG  1 
ATOM   673  C  CD1 . LEU A 1 98  ? 5.617   7.776   16.656  1.00 14.17  ? 97  LEU A CD1 1 
ATOM   674  C  CD2 . LEU A 1 98  ? 3.621   7.828   15.099  1.00 6.10   ? 97  LEU A CD2 1 
ATOM   675  N  N   . VAL A 1 99  ? 1.791   10.511  19.555  1.00 14.04  ? 98  VAL A N   1 
ATOM   676  C  CA  . VAL A 1 99  ? 0.901   10.734  20.698  1.00 14.30  ? 98  VAL A CA  1 
ATOM   677  C  C   . VAL A 1 99  ? -0.411  11.384  20.232  1.00 15.29  ? 98  VAL A C   1 
ATOM   678  O  O   . VAL A 1 99  ? -1.466  11.166  20.837  1.00 16.15  ? 98  VAL A O   1 
ATOM   679  C  CB  . VAL A 1 99  ? 1.556   11.622  21.792  1.00 12.61  ? 98  VAL A CB  1 
ATOM   680  N  N   . SER A 1 100 ? -0.331  12.171  19.157  1.00 14.61  ? 99  SER A N   1 
ATOM   681  C  CA  . SER A 1 100 ? -1.486  12.878  18.601  1.00 14.64  ? 99  SER A CA  1 
ATOM   682  C  C   . SER A 1 100 ? -2.390  11.975  17.766  1.00 13.52  ? 99  SER A C   1 
ATOM   683  O  O   . SER A 1 100 ? -3.587  12.216  17.662  1.00 12.69  ? 99  SER A O   1 
ATOM   684  C  CB  . SER A 1 100 ? -1.011  14.050  17.739  1.00 15.42  ? 99  SER A CB  1 
ATOM   685  O  OG  . SER A 1 100 ? -0.093  14.862  18.461  1.00 17.22  ? 99  SER A OG  1 
ATOM   686  N  N   . ILE A 1 101 ? -1.804  10.949  17.160  1.00 13.62  ? 100 ILE A N   1 
ATOM   687  C  CA  . ILE A 1 101 ? -2.542  9.997   16.321  1.00 12.31  ? 100 ILE A CA  1 
ATOM   688  C  C   . ILE A 1 101 ? -3.123  8.832   17.147  1.00 12.37  ? 100 ILE A C   1 
ATOM   689  O  O   . ILE A 1 101 ? -4.276  8.443   16.942  1.00 12.62  ? 100 ILE A O   1 
ATOM   690  C  CB  . ILE A 1 101 ? -1.626  9.471   15.186  1.00 11.43  ? 100 ILE A CB  1 
ATOM   691  C  CG1 . ILE A 1 101 ? -1.274  10.631  14.224  1.00 12.12  ? 100 ILE A CG1 1 
ATOM   692  C  CG2 . ILE A 1 101 ? -2.282  8.302   14.449  1.00 9.08   ? 100 ILE A CG2 1 
ATOM   693  C  CD1 . ILE A 1 101 ? 0.125   10.564  13.607  1.00 4.26   ? 100 ILE A CD1 1 
ATOM   694  N  N   . PHE A 1 102 ? -2.330  8.310   18.091  1.00 12.64  ? 101 PHE A N   1 
ATOM   695  C  CA  . PHE A 1 102 ? -2.687  7.111   18.868  1.00 11.91  ? 101 PHE A CA  1 
ATOM   696  C  C   . PHE A 1 102 ? -2.932  7.349   20.378  1.00 11.31  ? 101 PHE A C   1 
ATOM   697  O  O   . PHE A 1 102 ? -3.485  6.481   21.053  1.00 8.38   ? 101 PHE A O   1 
ATOM   698  C  CB  . PHE A 1 102 ? -1.577  6.047   18.740  1.00 12.54  ? 101 PHE A CB  1 
ATOM   699  C  CG  . PHE A 1 102 ? -1.155  5.747   17.315  1.00 12.68  ? 101 PHE A CG  1 
ATOM   700  C  CD1 . PHE A 1 102 ? -1.958  4.983   16.489  1.00 8.22   ? 101 PHE A CD1 1 
ATOM   701  C  CD2 . PHE A 1 102 ? 0.061   6.213   16.817  1.00 13.83  ? 101 PHE A CD2 1 
ATOM   702  C  CE1 . PHE A 1 102 ? -1.572  4.695   15.183  1.00 8.60   ? 101 PHE A CE1 1 
ATOM   703  C  CE2 . PHE A 1 102 ? 0.451   5.935   15.517  1.00 11.89  ? 101 PHE A CE2 1 
ATOM   704  C  CZ  . PHE A 1 102 ? -0.363  5.168   14.700  1.00 10.53  ? 101 PHE A CZ  1 
ATOM   705  N  N   . GLY A 1 103 ? -2.515  8.498   20.907  1.00 11.06  ? 102 GLY A N   1 
ATOM   706  C  CA  . GLY A 1 103 ? -2.432  8.683   22.357  1.00 10.25  ? 102 GLY A CA  1 
ATOM   707  C  C   . GLY A 1 103 ? -1.218  7.981   22.938  1.00 9.81   ? 102 GLY A C   1 
ATOM   708  O  O   . GLY A 1 103 ? -1.080  7.879   24.166  1.00 12.32  ? 102 GLY A O   1 
ATOM   709  N  N   . LYS A 1 105 ? 2.013   5.444   20.100  1.00 29.01  ? 104 LYS A N   1 
ATOM   710  C  CA  . LYS A 1 105 ? 1.994   4.039   20.505  1.00 29.98  ? 104 LYS A CA  1 
ATOM   711  C  C   . LYS A 1 105 ? 1.735   3.047   19.344  1.00 30.97  ? 104 LYS A C   1 
ATOM   712  O  O   . LYS A 1 105 ? 0.635   2.495   19.215  1.00 31.72  ? 104 LYS A O   1 
ATOM   713  C  CB  . LYS A 1 105 ? 0.942   3.834   21.597  1.00 30.15  ? 104 LYS A CB  1 
ATOM   714  C  CG  . LYS A 1 105 ? 1.261   4.523   22.904  1.00 29.91  ? 104 LYS A CG  1 
ATOM   715  C  CD  . LYS A 1 105 ? 0.114   4.374   23.884  1.00 28.57  ? 104 LYS A CD  1 
ATOM   716  C  CE  . LYS A 1 105 ? 0.466   4.945   25.242  1.00 25.14  ? 104 LYS A CE  1 
ATOM   717  N  NZ  . LYS A 1 105 ? 0.764   6.401   25.184  1.00 22.54  ? 104 LYS A NZ  1 
ATOM   718  N  N   . ALA A 1 106 ? 2.751   2.832   18.504  1.00 30.83  ? 105 ALA A N   1 
ATOM   719  C  CA  . ALA A 1 106 ? 2.736   1.751   17.486  1.00 29.24  ? 105 ALA A CA  1 
ATOM   720  C  C   . ALA A 1 106 ? 3.859   0.729   17.210  1.00 28.79  ? 105 ALA A C   1 
ATOM   721  O  O   . ALA A 1 106 ? 4.086   -0.169  18.031  1.00 28.31  ? 105 ALA A O   1 
ATOM   722  C  CB  . ALA A 1 106 ? 1.655   1.866   16.392  1.00 28.20  ? 105 ALA A CB  1 
ATOM   723  N  N   . ALA A 1 107 ? 4.547   0.859   16.070  1.00 27.72  ? 106 ALA A N   1 
ATOM   724  C  CA  . ALA A 1 107 ? 5.670   -0.024  15.723  1.00 27.14  ? 106 ALA A CA  1 
ATOM   725  C  C   . ALA A 1 107 ? 5.328   -1.511  15.844  1.00 26.58  ? 106 ALA A C   1 
ATOM   726  O  O   . ALA A 1 107 ? 4.344   -1.987  15.277  1.00 26.03  ? 106 ALA A O   1 
ATOM   727  C  CB  . ALA A 1 107 ? 6.885   0.304   16.585  1.00 26.78  ? 106 ALA A CB  1 
ATOM   728  N  N   . ALA A 1 117 ? 6.393   -5.813  11.028  1.00 58.76  ? 116 ALA A N   1 
ATOM   729  C  CA  . ALA A 1 117 ? 7.736   -6.361  10.866  1.00 55.21  ? 116 ALA A CA  1 
ATOM   730  C  C   . ALA A 1 117 ? 7.762   -7.879  11.055  1.00 50.08  ? 116 ALA A C   1 
ATOM   731  O  O   . ALA A 1 117 ? 8.434   -8.597  10.301  1.00 49.06  ? 116 ALA A O   1 
ATOM   732  C  CB  . ALA A 1 117 ? 8.673   -5.712  11.882  1.00 55.97  ? 116 ALA A CB  1 
ATOM   733  N  N   . ARG A 1 118 ? 7.069   -8.358  12.088  1.00 48.46  ? 117 ARG A N   1 
ATOM   734  C  CA  . ARG A 1 118 ? 7.370   -9.692  12.653  1.00 45.31  ? 117 ARG A CA  1 
ATOM   735  C  C   . ARG A 1 118 ? 7.060   -10.900 11.743  1.00 40.80  ? 117 ARG A C   1 
ATOM   736  O  O   . ARG A 1 118 ? 7.729   -11.964 11.819  1.00 40.48  ? 117 ARG A O   1 
ATOM   737  C  CB  . ARG A 1 118 ? 6.681   -9.875  14.023  1.00 50.69  ? 117 ARG A CB  1 
ATOM   738  N  N   . PHE A 1 119 ? 6.102   -10.732 10.845  1.00 39.07  ? 118 PHE A N   1 
ATOM   739  C  CA  . PHE A 1 119 ? 5.688   -11.817 9.950   1.00 39.29  ? 118 PHE A CA  1 
ATOM   740  C  C   . PHE A 1 119 ? 6.352   -11.754 8.576   1.00 38.45  ? 118 PHE A C   1 
ATOM   741  O  O   . PHE A 1 119 ? 6.179   -12.663 7.777   1.00 38.52  ? 118 PHE A O   1 
ATOM   742  C  CB  . PHE A 1 119 ? 4.170   -11.792 9.825   1.00 37.87  ? 118 PHE A CB  1 
ATOM   743  C  CG  . PHE A 1 119 ? 3.467   -12.177 11.090  1.00 33.76  ? 118 PHE A CG  1 
ATOM   744  C  CD1 . PHE A 1 119 ? 3.281   -13.503 11.417  1.00 35.38  ? 118 PHE A CD1 1 
ATOM   745  C  CD2 . PHE A 1 119 ? 3.002   -11.205 11.976  1.00 37.75  ? 118 PHE A CD2 1 
ATOM   746  C  CE1 . PHE A 1 119 ? 2.650   -13.876 12.573  1.00 40.19  ? 118 PHE A CE1 1 
ATOM   747  C  CE2 . PHE A 1 119 ? 2.371   -11.582 13.157  1.00 38.83  ? 118 PHE A CE2 1 
ATOM   748  C  CZ  . PHE A 1 119 ? 2.183   -12.918 13.447  1.00 38.42  ? 118 PHE A CZ  1 
ATOM   749  N  N   . HIS A 1 120 ? 7.140   -10.706 8.313   1.00 34.85  ? 119 HIS A N   1 
ATOM   750  C  CA  . HIS A 1 120 ? 7.943   -10.627 7.116   1.00 32.02  ? 119 HIS A CA  1 
ATOM   751  C  C   . HIS A 1 120 ? 9.063   -11.660 7.173   1.00 38.95  ? 119 HIS A C   1 
ATOM   752  O  O   . HIS A 1 120 ? 9.803   -11.748 8.153   1.00 35.96  ? 119 HIS A O   1 
ATOM   753  C  CB  . HIS A 1 120 ? 8.610   -9.266  6.917   1.00 38.45  ? 119 HIS A CB  1 
ATOM   754  C  CG  . HIS A 1 120 ? 7.656   -8.133  6.736   1.00 36.57  ? 119 HIS A CG  1 
ATOM   755  N  ND1 . HIS A 1 120 ? 7.809   -7.174  5.751   1.00 40.51  ? 119 HIS A ND1 1 
ATOM   756  C  CD2 . HIS A 1 120 ? 6.552   -7.777  7.438   1.00 46.23  ? 119 HIS A CD2 1 
ATOM   757  C  CE1 . HIS A 1 120 ? 6.832   -6.301  5.840   1.00 39.44  ? 119 HIS A CE1 1 
ATOM   758  N  NE2 . HIS A 1 120 ? 6.058   -6.634  6.853   1.00 39.19  ? 119 HIS A NE2 1 
ATOM   759  N  N   . PRO A 1 121 ? 9.214   -12.417 6.113   1.00 36.40  ? 120 PRO A N   1 
ATOM   760  C  CA  . PRO A 1 121 ? 10.372  -13.322 6.067   1.00 39.07  ? 120 PRO A CA  1 
ATOM   761  C  C   . PRO A 1 121 ? 11.720  -12.585 6.249   1.00 36.67  ? 120 PRO A C   1 
ATOM   762  O  O   . PRO A 1 121 ? 11.853  -11.405 5.941   1.00 34.62  ? 120 PRO A O   1 
ATOM   763  C  CB  . PRO A 1 121 ? 10.221  -14.020 4.703   1.00 41.74  ? 120 PRO A CB  1 
ATOM   764  C  CG  . PRO A 1 121 ? 8.717   -13.840 4.369   1.00 38.84  ? 120 PRO A CG  1 
ATOM   765  C  CD  . PRO A 1 121 ? 8.381   -12.506 4.903   1.00 42.84  ? 120 PRO A CD  1 
ATOM   766  N  N   . LYS A 1 122 ? 12.692  -13.257 6.855   1.00 36.03  ? 121 LYS A N   1 
ATOM   767  C  CA  . LYS A 1 122 ? 13.936  -12.586 7.229   1.00 36.76  ? 121 LYS A CA  1 
ATOM   768  C  C   . LYS A 1 122 ? 14.927  -12.679 6.090   1.00 37.34  ? 121 LYS A C   1 
ATOM   769  O  O   . LYS A 1 122 ? 16.026  -13.200 6.237   1.00 38.38  ? 121 LYS A O   1 
ATOM   770  C  CB  . LYS A 1 122 ? 14.529  -13.221 8.485   1.00 33.91  ? 121 LYS A CB  1 
ATOM   771  C  CG  . LYS A 1 122 ? 13.583  -13.216 9.686   1.00 44.96  ? 121 LYS A CG  1 
ATOM   772  C  CD  . LYS A 1 122 ? 13.375  -11.801 10.235  1.00 57.46  ? 121 LYS A CD  1 
ATOM   773  C  CE  . LYS A 1 122 ? 12.650  -11.795 11.601  1.00 61.85  ? 121 LYS A CE  1 
ATOM   774  N  NZ  . LYS A 1 122 ? 12.377  -10.392 12.054  1.00 72.06  ? 121 LYS A NZ  1 
ATOM   775  N  N   . PHE A 1 123 ? 14.508  -12.191 4.946   1.00 35.36  ? 122 PHE A N   1 
ATOM   776  C  CA  . PHE A 1 123 ? 15.305  -12.191 3.730   1.00 39.44  ? 122 PHE A CA  1 
ATOM   777  C  C   . PHE A 1 123 ? 14.943  -10.899 3.021   1.00 40.30  ? 122 PHE A C   1 
ATOM   778  O  O   . PHE A 1 123 ? 13.839  -10.404 3.203   1.00 41.05  ? 122 PHE A O   1 
ATOM   779  C  CB  . PHE A 1 123 ? 14.914  -13.375 2.849   1.00 35.14  ? 122 PHE A CB  1 
ATOM   780  C  CG  . PHE A 1 123 ? 15.112  -14.698 3.524   1.00 38.97  ? 122 PHE A CG  1 
ATOM   781  C  CD1 . PHE A 1 123 ? 16.359  -15.261 3.557   1.00 40.05  ? 122 PHE A CD1 1 
ATOM   782  C  CD2 . PHE A 1 123 ? 14.062  -15.339 4.181   1.00 43.65  ? 122 PHE A CD2 1 
ATOM   783  C  CE1 . PHE A 1 123 ? 16.575  -16.480 4.216   1.00 36.63  ? 122 PHE A CE1 1 
ATOM   784  C  CE2 . PHE A 1 123 ? 14.255  -16.527 4.826   1.00 40.84  ? 122 PHE A CE2 1 
ATOM   785  C  CZ  . PHE A 1 123 ? 15.522  -17.107 4.826   1.00 36.90  ? 122 PHE A CZ  1 
ATOM   786  N  N   . PRO A 1 124 ? 15.871  -10.343 2.220   1.00 41.86  ? 123 PRO A N   1 
ATOM   787  C  CA  . PRO A 1 124 ? 15.599  -9.034  1.590   1.00 41.36  ? 123 PRO A CA  1 
ATOM   788  C  C   . PRO A 1 124 ? 14.411  -9.081  0.671   1.00 37.11  ? 123 PRO A C   1 
ATOM   789  O  O   . PRO A 1 124 ? 14.209  -10.064 -0.063  1.00 37.58  ? 123 PRO A O   1 
ATOM   790  C  CB  . PRO A 1 124 ? 16.887  -8.734  0.806   1.00 45.20  ? 123 PRO A CB  1 
ATOM   791  C  CG  . PRO A 1 124 ? 17.937  -9.642  1.428   1.00 46.72  ? 123 PRO A CG  1 
ATOM   792  C  CD  . PRO A 1 124 ? 17.215  -10.860 1.893   1.00 46.23  ? 123 PRO A CD  1 
ATOM   793  N  N   . HIS A 1 125 ? 13.577  -8.044  0.741   1.00 37.76  ? 124 HIS A N   1 
ATOM   794  C  CA  . HIS A 1 125 ? 12.406  -8.007  -0.070  1.00 38.23  ? 124 HIS A CA  1 
ATOM   795  C  C   . HIS A 1 125 ? 11.883  -6.605  -0.182  1.00 36.98  ? 124 HIS A C   1 
ATOM   796  O  O   . HIS A 1 125 ? 12.088  -5.783  0.722   1.00 38.29  ? 124 HIS A O   1 
ATOM   797  C  CB  . HIS A 1 125 ? 11.284  -8.891  0.534   1.00 38.69  ? 124 HIS A CB  1 
ATOM   798  C  CG  . HIS A 1 125 ? 10.857  -8.487  1.918   1.00 36.31  ? 124 HIS A CG  1 
ATOM   799  N  ND1 . HIS A 1 125 ? 11.509  -8.948  3.043   1.00 36.67  ? 124 HIS A ND1 1 
ATOM   800  C  CD2 . HIS A 1 125 ? 9.847   -7.695  2.364   1.00 36.80  ? 124 HIS A CD2 1 
ATOM   801  C  CE1 . HIS A 1 125 ? 10.931  -8.433  4.119   1.00 39.48  ? 124 HIS A CE1 1 
ATOM   802  N  NE2 . HIS A 1 125 ? 9.911   -7.681  3.736   1.00 38.00  ? 124 HIS A NE2 1 
ATOM   803  N  N   . TRP A 1 126 ? 11.128  -6.356  -1.254  1.00 38.16  ? 125 TRP A N   1 
ATOM   804  C  CA  . TRP A 1 126 ? 10.253  -5.181  -1.329  1.00 37.08  ? 125 TRP A CA  1 
ATOM   805  C  C   . TRP A 1 126 ? 8.984   -5.431  -0.508  1.00 40.67  ? 125 TRP A C   1 
ATOM   806  O  O   . TRP A 1 126 ? 8.569   -6.553  -0.363  1.00 41.22  ? 125 TRP A O   1 
ATOM   807  C  CB  . TRP A 1 126 ? 9.826   -4.906  -2.764  1.00 41.98  ? 125 TRP A CB  1 
ATOM   808  C  CG  . TRP A 1 126 ? 10.938  -4.473  -3.655  1.00 39.13  ? 125 TRP A CG  1 
ATOM   809  C  CD1 . TRP A 1 126 ? 11.938  -5.257  -4.187  1.00 39.49  ? 125 TRP A CD1 1 
ATOM   810  C  CD2 . TRP A 1 126 ? 11.205  -3.154  -4.056  1.00 33.20  ? 125 TRP A CD2 1 
ATOM   811  N  NE1 . TRP A 1 126 ? 12.797  -4.480  -4.931  1.00 40.82  ? 125 TRP A NE1 1 
ATOM   812  C  CE2 . TRP A 1 126 ? 12.341  -3.184  -4.884  1.00 35.14  ? 125 TRP A CE2 1 
ATOM   813  C  CE3 . TRP A 1 126 ? 10.530  -1.911  -3.850  1.00 38.42  ? 125 TRP A CE3 1 
ATOM   814  C  CZ2 . TRP A 1 126 ? 12.845  -2.035  -5.482  1.00 41.49  ? 125 TRP A CZ2 1 
ATOM   815  C  CZ3 . TRP A 1 126 ? 11.047  -0.792  -4.431  1.00 41.74  ? 125 TRP A CZ3 1 
ATOM   816  C  CH2 . TRP A 1 126 ? 12.179  -0.858  -5.249  1.00 38.77  ? 125 TRP A CH2 1 
ATOM   817  N  N   . TYR A 1 127 ? 8.383   -4.380  0.042   1.00 37.74  ? 126 TYR A N   1 
ATOM   818  C  CA  . TYR A 1 127 ? 7.101   -4.510  0.742   1.00 35.24  ? 126 TYR A CA  1 
ATOM   819  C  C   . TYR A 1 127 ? 6.124   -3.573  0.096   1.00 39.17  ? 126 TYR A C   1 
ATOM   820  O  O   . TYR A 1 127 ? 6.393   -2.411  0.085   1.00 36.72  ? 126 TYR A O   1 
ATOM   821  C  CB  . TYR A 1 127 ? 7.264   -4.111  2.209   1.00 35.08  ? 126 TYR A CB  1 
ATOM   822  C  CG  . TYR A 1 127 ? 6.019   -4.021  3.084   1.00 31.46  ? 126 TYR A CG  1 
ATOM   823  C  CD1 . TYR A 1 127 ? 4.974   -4.926  2.967   1.00 40.73  ? 126 TYR A CD1 1 
ATOM   824  C  CD2 . TYR A 1 127 ? 5.903   -3.017  4.051   1.00 41.71  ? 126 TYR A CD2 1 
ATOM   825  C  CE1 . TYR A 1 127 ? 3.867   -4.843  3.756   1.00 38.14  ? 126 TYR A CE1 1 
ATOM   826  C  CE2 . TYR A 1 127 ? 4.804   -2.939  4.850   1.00 37.08  ? 126 TYR A CE2 1 
ATOM   827  C  CZ  . TYR A 1 127 ? 3.798   -3.860  4.714   1.00 36.25  ? 126 TYR A CZ  1 
ATOM   828  O  OH  . TYR A 1 127 ? 2.685   -3.772  5.499   1.00 40.01  ? 126 TYR A OH  1 
ATOM   829  N  N   . LEU A 1 128 ? 5.008   -4.105  -0.380  1.00 40.29  ? 127 LEU A N   1 
ATOM   830  C  CA  . LEU A 1 128 ? 3.876   -3.304  -0.809  1.00 40.13  ? 127 LEU A CA  1 
ATOM   831  C  C   . LEU A 1 128 ? 2.986   -3.073  0.386   1.00 38.74  ? 127 LEU A C   1 
ATOM   832  O  O   . LEU A 1 128 ? 2.270   -3.993  0.805   1.00 39.64  ? 127 LEU A O   1 
ATOM   833  C  CB  . LEU A 1 128 ? 3.121   -4.013  -1.925  1.00 41.02  ? 127 LEU A CB  1 
ATOM   834  C  CG  . LEU A 1 128 ? 1.859   -3.258  -2.365  1.00 41.69  ? 127 LEU A CG  1 
ATOM   835  C  CD1 . LEU A 1 128 ? 2.202   -1.828  -2.763  1.00 42.87  ? 127 LEU A CD1 1 
ATOM   836  C  CD2 . LEU A 1 128 ? 1.189   -4.035  -3.471  1.00 42.31  ? 127 LEU A CD2 1 
ATOM   837  N  N   . TYR A 1 129 ? 3.052   -1.851  0.926   1.00 37.04  ? 128 TYR A N   1 
ATOM   838  C  CA  . TYR A 1 129 ? 2.375   -1.442  2.157   1.00 37.69  ? 128 TYR A CA  1 
ATOM   839  C  C   . TYR A 1 129 ? 0.922   -1.200  1.884   1.00 42.42  ? 128 TYR A C   1 
ATOM   840  O  O   . TYR A 1 129 ? 0.025   -1.756  2.561   1.00 36.47  ? 128 TYR A O   1 
ATOM   841  C  CB  . TYR A 1 129 ? 3.055   -0.222  2.793   1.00 40.14  ? 128 TYR A CB  1 
ATOM   842  C  CG  . TYR A 1 129 ? 2.244   0.542   3.829   1.00 42.65  ? 128 TYR A CG  1 
ATOM   843  C  CD1 . TYR A 1 129 ? 1.672   -0.097  4.935   1.00 46.70  ? 128 TYR A CD1 1 
ATOM   844  C  CD2 . TYR A 1 129 ? 2.036   1.901   3.712   1.00 41.19  ? 128 TYR A CD2 1 
ATOM   845  C  CE1 . TYR A 1 129 ? 0.906   0.640   5.887   1.00 38.61  ? 128 TYR A CE1 1 
ATOM   846  C  CE2 . TYR A 1 129 ? 1.294   2.599   4.645   1.00 39.59  ? 128 TYR A CE2 1 
ATOM   847  C  CZ  . TYR A 1 129 ? 0.729   1.949   5.727   1.00 42.23  ? 128 TYR A CZ  1 
ATOM   848  O  OH  . TYR A 1 129 ? -0.001  2.687   6.650   1.00 43.38  ? 128 TYR A OH  1 
ATOM   849  N  N   . THR A 1 130 ? 0.647   -0.373  0.879   1.00 42.83  ? 129 THR A N   1 
ATOM   850  C  CA  . THR A 1 130 ? -0.702  -0.064  0.578   1.00 44.88  ? 129 THR A CA  1 
ATOM   851  C  C   . THR A 1 130 ? -0.854  0.299   -0.905  1.00 45.61  ? 129 THR A C   1 
ATOM   852  O  O   . THR A 1 130 ? 0.071   0.865   -1.529  1.00 39.22  ? 129 THR A O   1 
ATOM   853  C  CB  . THR A 1 130 ? -1.194  1.044   1.538   1.00 49.23  ? 129 THR A CB  1 
ATOM   854  O  OG1 . THR A 1 130 ? -2.614  1.037   1.590   1.00 61.88  ? 129 THR A OG1 1 
ATOM   855  C  CG2 . THR A 1 130 ? -0.672  2.393   1.133   1.00 44.18  ? 129 THR A CG2 1 
ATOM   856  N  N   . VAL A 1 131 ? -2.016  -0.057  -1.444  1.00 45.56  ? 130 VAL A N   1 
ATOM   857  C  CA  . VAL A 1 131 ? -2.454  0.354   -2.778  1.00 45.00  ? 130 VAL A CA  1 
ATOM   858  C  C   . VAL A 1 131 ? -3.867  0.860   -2.659  1.00 44.02  ? 130 VAL A C   1 
ATOM   859  O  O   . VAL A 1 131 ? -4.743  0.200   -2.110  1.00 39.75  ? 130 VAL A O   1 
ATOM   860  C  CB  . VAL A 1 131 ? -2.246  -0.801  -3.843  1.00 49.35  ? 130 VAL A CB  1 
ATOM   861  C  CG1 . VAL A 1 131 ? -2.899  -2.072  -3.406  1.00 57.61  ? 130 VAL A CG1 1 
ATOM   862  C  CG2 . VAL A 1 131 ? -2.800  -0.401  -5.222  1.00 55.17  ? 130 VAL A CG2 1 
ATOM   863  N  N   . ALA A 1 132 ? -4.103  2.099   -3.103  1.00 37.62  ? 131 ALA A N   1 
ATOM   864  C  CA  . ALA A 1 132 ? -5.362  2.715   -2.969  1.00 38.81  ? 131 ALA A CA  1 
ATOM   865  C  C   . ALA A 1 132 ? -5.785  3.304   -4.290  1.00 39.86  ? 131 ALA A C   1 
ATOM   866  O  O   . ALA A 1 132 ? -4.947  3.845   -5.022  1.00 38.04  ? 131 ALA A O   1 
ATOM   867  C  CB  . ALA A 1 132 ? -5.265  3.821   -1.919  1.00 40.92  ? 131 ALA A CB  1 
ATOM   868  N  N   . THR A 1 133 ? -7.077  3.192   -4.560  1.00 38.61  ? 132 THR A N   1 
ATOM   869  C  CA  . THR A 1 133 ? -7.738  3.664   -5.780  1.00 40.36  ? 132 THR A CA  1 
ATOM   870  C  C   . THR A 1 133 ? -8.808  4.646   -5.373  1.00 43.01  ? 132 THR A C   1 
ATOM   871  O  O   . THR A 1 133 ? -9.557  4.375   -4.431  1.00 43.79  ? 132 THR A O   1 
ATOM   872  C  CB  . THR A 1 133 ? -8.442  2.479   -6.506  1.00 41.49  ? 132 THR A CB  1 
ATOM   873  O  OG1 . THR A 1 133 ? -7.440  1.546   -6.935  1.00 44.49  ? 132 THR A OG1 1 
ATOM   874  C  CG2 . THR A 1 133 ? -9.245  2.915   -7.724  1.00 44.99  ? 132 THR A CG2 1 
ATOM   875  N  N   . SER A 1 134 ? -8.935  5.752   -6.098  1.00 43.74  ? 133 SER A N   1 
ATOM   876  C  CA  . SER A 1 134 ? -10.042 6.683   -5.857  1.00 43.18  ? 133 SER A CA  1 
ATOM   877  C  C   . SER A 1 134 ? -11.390 6.012   -6.138  1.00 43.08  ? 133 SER A C   1 
ATOM   878  O  O   . SER A 1 134 ? -11.501 5.177   -7.034  1.00 40.36  ? 133 SER A O   1 
ATOM   879  C  CB  . SER A 1 134 ? -9.951  7.954   -6.734  1.00 45.93  ? 133 SER A CB  1 
ATOM   880  O  OG  . SER A 1 134 ? -8.764  8.613   -6.464  1.00 51.77  ? 133 SER A OG  1 
ATOM   881  N  N   . SER A 1 135 ? -12.416 6.409   -5.391  1.00 46.32  ? 134 SER A N   1 
ATOM   882  C  CA  . SER A 1 135 ? -13.749 5.830   -5.547  1.00 51.02  ? 134 SER A CA  1 
ATOM   883  C  C   . SER A 1 135 ? -14.240 6.057   -6.967  1.00 52.10  ? 134 SER A C   1 
ATOM   884  O  O   . SER A 1 135 ? -14.755 5.136   -7.629  1.00 51.90  ? 134 SER A O   1 
ATOM   885  C  CB  . SER A 1 135 ? -14.741 6.476   -4.559  1.00 53.37  ? 134 SER A CB  1 
ATOM   886  O  OG  . SER A 1 135 ? -14.212 6.449   -3.235  1.00 52.79  ? 134 SER A OG  1 
ATOM   887  N  N   . SER A 1 136 ? -14.065 7.297   -7.416  1.00 49.97  ? 135 SER A N   1 
ATOM   888  C  CA  . SER A 1 136 ? -14.384 7.693   -8.770  1.00 49.23  ? 135 SER A CA  1 
ATOM   889  C  C   . SER A 1 136 ? -13.719 6.840   -9.854  1.00 48.43  ? 135 SER A C   1 
ATOM   890  O  O   . SER A 1 136 ? -14.219 6.790   -10.962 1.00 50.81  ? 135 SER A O   1 
ATOM   891  C  CB  . SER A 1 136 ? -14.012 9.171   -8.982  1.00 48.12  ? 135 SER A CB  1 
ATOM   892  O  OG  . SER A 1 136 ? -12.604 9.327   -9.024  1.00 54.00  ? 135 SER A OG  1 
ATOM   893  N  N   . ALA A 1 137 ? -12.615 6.162   -9.546  1.00 47.98  ? 136 ALA A N   1 
ATOM   894  C  CA  . ALA A 1 137 ? -11.852 5.444   -10.566 1.00 47.46  ? 136 ALA A CA  1 
ATOM   895  C  C   . ALA A 1 137 ? -11.914 3.941   -10.355 1.00 48.71  ? 136 ALA A C   1 
ATOM   896  O  O   . ALA A 1 137 ? -11.097 3.222   -10.900 1.00 46.84  ? 136 ALA A O   1 
ATOM   897  C  CB  . ALA A 1 137 ? -10.395 5.921   -10.570 1.00 45.62  ? 136 ALA A CB  1 
ATOM   898  N  N   . ARG A 1 138 ? -12.886 3.466   -9.571  1.00 52.22  ? 137 ARG A N   1 
ATOM   899  C  CA  . ARG A 1 138 ? -13.065 2.010   -9.342  1.00 56.31  ? 137 ARG A CA  1 
ATOM   900  C  C   . ARG A 1 138 ? -13.361 1.319   -10.684 1.00 52.03  ? 137 ARG A C   1 
ATOM   901  O  O   . ARG A 1 138 ? -13.990 1.895   -11.554 1.00 50.39  ? 137 ARG A O   1 
ATOM   902  C  CB  . ARG A 1 138 ? -14.212 1.786   -8.340  1.00 57.64  ? 137 ARG A CB  1 
ATOM   903  C  CG  . ARG A 1 138 ? -14.406 0.343   -7.910  1.00 64.57  ? 137 ARG A CG  1 
ATOM   904  C  CD  . ARG A 1 138 ? -15.712 0.075   -7.149  1.00 66.85  ? 137 ARG A CD  1 
ATOM   905  N  NE  . ARG A 1 138 ? -16.839 0.884   -7.621  1.00 83.62  ? 137 ARG A NE  1 
ATOM   906  C  CZ  . ARG A 1 138 ? -17.524 0.677   -8.750  1.00 87.20  ? 137 ARG A CZ  1 
ATOM   907  N  NH1 . ARG A 1 138 ? -17.208 -0.322  -9.581  1.00 88.83  ? 137 ARG A NH1 1 
ATOM   908  N  NH2 . ARG A 1 138 ? -18.531 1.492   -9.057  1.00 87.20  ? 137 ARG A NH2 1 
ATOM   909  N  N   . GLY A 1 139 ? -12.893 0.096   -10.864 1.00 53.41  ? 138 GLY A N   1 
ATOM   910  C  CA  . GLY A 1 139 ? -13.139 -0.640  -12.106 1.00 53.23  ? 138 GLY A CA  1 
ATOM   911  C  C   . GLY A 1 139 ? -12.397 -0.125  -13.330 1.00 53.62  ? 138 GLY A C   1 
ATOM   912  O  O   . GLY A 1 139 ? -12.845 -0.357  -14.449 1.00 52.87  ? 138 GLY A O   1 
ATOM   913  N  N   . THR A 1 140 ? -11.265 0.559   -13.119 1.00 52.89  ? 139 THR A N   1 
ATOM   914  C  CA  . THR A 1 140 ? -10.503 1.220   -14.202 1.00 53.13  ? 139 THR A CA  1 
ATOM   915  C  C   . THR A 1 140 ? -9.135  0.604   -14.500 1.00 51.31  ? 139 THR A C   1 
ATOM   916  O  O   . THR A 1 140 ? -8.439  1.044   -15.421 1.00 53.01  ? 139 THR A O   1 
ATOM   917  C  CB  . THR A 1 140 ? -10.240 2.706   -13.856 1.00 50.37  ? 139 THR A CB  1 
ATOM   918  O  OG1 . THR A 1 140 ? -11.482 3.330   -13.503 1.00 62.94  ? 139 THR A OG1 1 
ATOM   919  C  CG2 . THR A 1 140 ? -9.674  3.416   -15.050 1.00 60.27  ? 139 THR A CG2 1 
ATOM   920  N  N   . GLY A 1 141 ? -8.749  -0.385  -13.711 1.00 49.01  ? 140 GLY A N   1 
ATOM   921  C  CA  . GLY A 1 141 ? -7.436  -1.000  -13.829 1.00 50.31  ? 140 GLY A CA  1 
ATOM   922  C  C   . GLY A 1 141 ? -6.331  -0.233  -13.135 1.00 49.54  ? 140 GLY A C   1 
ATOM   923  O  O   . GLY A 1 141 ? -5.167  -0.490  -13.378 1.00 50.18  ? 140 GLY A O   1 
ATOM   924  N  N   . VAL A 1 142 ? -6.708  0.672   -12.240 1.00 49.21  ? 141 VAL A N   1 
ATOM   925  C  CA  . VAL A 1 142 ? -5.760  1.478   -11.488 1.00 46.69  ? 141 VAL A CA  1 
ATOM   926  C  C   . VAL A 1 142 ? -4.862  0.572   -10.659 1.00 40.93  ? 141 VAL A C   1 
ATOM   927  O  O   . VAL A 1 142 ? -3.645  0.696   -10.728 1.00 43.29  ? 141 VAL A O   1 
ATOM   928  C  CB  . VAL A 1 142 ? -6.472  2.483   -10.549 1.00 44.93  ? 141 VAL A CB  1 
ATOM   929  C  CG1 . VAL A 1 142 ? -5.496  3.110   -9.567  1.00 48.48  ? 141 VAL A CG1 1 
ATOM   930  C  CG2 . VAL A 1 142 ? -7.151  3.571   -11.359 1.00 41.47  ? 141 VAL A CG2 1 
ATOM   931  N  N   . GLY A 1 143 ? -5.457  -0.320  -9.871  1.00 40.16  ? 142 GLY A N   1 
ATOM   932  C  CA  . GLY A 1 143 ? -4.668  -1.211  -9.004  1.00 37.60  ? 142 GLY A CA  1 
ATOM   933  C  C   . GLY A 1 143 ? -3.696  -2.102  -9.750  1.00 45.26  ? 142 GLY A C   1 
ATOM   934  O  O   . GLY A 1 143 ? -2.567  -2.348  -9.314  1.00 40.98  ? 142 GLY A O   1 
ATOM   935  N  N   . SER A 1 144 ? -4.151  -2.583  -10.893 1.00 48.02  ? 143 SER A N   1 
ATOM   936  C  CA  . SER A 1 144 ? -3.346  -3.451  -11.747 1.00 48.95  ? 143 SER A CA  1 
ATOM   937  C  C   . SER A 1 144 ? -2.115  -2.683  -12.311 1.00 44.63  ? 143 SER A C   1 
ATOM   938  O  O   . SER A 1 144 ? -1.004  -3.183  -12.302 1.00 43.26  ? 143 SER A O   1 
ATOM   939  C  CB  . SER A 1 144 ? -4.259  -3.954  -12.880 1.00 48.39  ? 143 SER A CB  1 
ATOM   940  O  OG  . SER A 1 144 ? -3.551  -4.607  -13.912 1.00 58.01  ? 143 SER A OG  1 
ATOM   941  N  N   . ALA A 1 145 ? -2.343  -1.467  -12.789 1.00 43.15  ? 144 ALA A N   1 
ATOM   942  C  CA  . ALA A 1 145 ? -1.272  -0.597  -13.319 1.00 41.43  ? 144 ALA A CA  1 
ATOM   943  C  C   . ALA A 1 145 ? -0.230  -0.321  -12.247 1.00 40.78  ? 144 ALA A C   1 
ATOM   944  O  O   . ALA A 1 145 ? 0.989   -0.467  -12.474 1.00 45.34  ? 144 ALA A O   1 
ATOM   945  C  CB  . ALA A 1 145 ? -1.882  0.704   -13.877 1.00 39.44  ? 144 ALA A CB  1 
ATOM   946  N  N   . LEU A 1 146 ? -0.692  -0.053  -11.032 1.00 41.79  ? 145 LEU A N   1 
ATOM   947  C  CA  . LEU A 1 146 ? 0.236   0.149   -9.899  1.00 39.24  ? 145 LEU A CA  1 
ATOM   948  C  C   . LEU A 1 146 ? 1.088   -1.046  -9.561  1.00 42.57  ? 145 LEU A C   1 
ATOM   949  O  O   . LEU A 1 146 ? 2.299   -0.938  -9.402  1.00 40.27  ? 145 LEU A O   1 
ATOM   950  C  CB  . LEU A 1 146 ? -0.521  0.639   -8.663  1.00 40.18  ? 145 LEU A CB  1 
ATOM   951  C  CG  . LEU A 1 146 ? -1.048  2.073   -8.808  1.00 38.49  ? 145 LEU A CG  1 
ATOM   952  C  CD1 . LEU A 1 146 ? -2.106  2.344   -7.815  1.00 38.32  ? 145 LEU A CD1 1 
ATOM   953  C  CD2 . LEU A 1 146 ? 0.075   3.085   -8.672  1.00 41.55  ? 145 LEU A CD2 1 
ATOM   954  N  N   . LEU A 1 147 ? 0.449   -2.200  -9.434  1.00 45.60  ? 146 LEU A N   1 
ATOM   955  C  CA  . LEU A 1 147 ? 1.178   -3.424  -9.184  1.00 44.94  ? 146 LEU A CA  1 
ATOM   956  C  C   . LEU A 1 147 ? 2.164   -3.813  -10.270 1.00 42.39  ? 146 LEU A C   1 
ATOM   957  O  O   . LEU A 1 147 ? 3.258   -4.230  -9.959  1.00 44.44  ? 146 LEU A O   1 
ATOM   958  C  CB  . LEU A 1 147 ? 0.207   -4.569  -8.933  1.00 49.84  ? 146 LEU A CB  1 
ATOM   959  C  CG  . LEU A 1 147 ? -0.138  -4.558  -7.436  1.00 48.67  ? 146 LEU A CG  1 
ATOM   960  C  CD1 . LEU A 1 147 ? -1.593  -4.846  -7.291  1.00 64.17  ? 146 LEU A CD1 1 
ATOM   961  C  CD2 . LEU A 1 147 ? 0.807   -5.540  -6.740  1.00 58.23  ? 146 LEU A CD2 1 
ATOM   962  N  N   . ASN A 1 148 ? 1.737   -3.738  -11.523 1.00 40.70  ? 147 ASN A N   1 
ATOM   963  C  CA  . ASN A 1 148 ? 2.620   -3.996  -12.646 1.00 43.96  ? 147 ASN A CA  1 
ATOM   964  C  C   . ASN A 1 148 ? 3.861   -3.088  -12.657 1.00 42.80  ? 147 ASN A C   1 
ATOM   965  O  O   . ASN A 1 148 ? 4.980   -3.576  -12.841 1.00 42.87  ? 147 ASN A O   1 
ATOM   966  C  CB  . ASN A 1 148 ? 1.839   -3.931  -13.964 1.00 45.15  ? 147 ASN A CB  1 
ATOM   967  C  CG  . ASN A 1 148 ? 0.920   -5.161  -14.169 1.00 51.38  ? 147 ASN A CG  1 
ATOM   968  O  OD1 . ASN A 1 148 ? 1.108   -6.204  -13.559 1.00 51.58  ? 147 ASN A OD1 1 
ATOM   969  N  ND2 . ASN A 1 148 ? -0.046  -5.033  -15.057 1.00 50.67  ? 147 ASN A ND2 1 
ATOM   970  N  N   . HIS A 1 149 ? 3.678   -1.814  -12.364 1.00 40.37  ? 148 HIS A N   1 
ATOM   971  C  CA  . HIS A 1 149 ? 4.782   -0.851  -12.236 1.00 39.56  ? 148 HIS A CA  1 
ATOM   972  C  C   . HIS A 1 149 ? 5.768   -1.292  -11.147 1.00 39.80  ? 148 HIS A C   1 
ATOM   973  O  O   . HIS A 1 149 ? 7.000   -1.336  -11.331 1.00 39.99  ? 148 HIS A O   1 
ATOM   974  C  CB  . HIS A 1 149 ? 4.200   0.597   -11.996 1.00 42.46  ? 148 HIS A CB  1 
ATOM   975  C  CG  . HIS A 1 149 ? 5.247   1.670   -12.066 1.00 35.78  ? 148 HIS A CG  1 
ATOM   976  N  ND1 . HIS A 1 149 ? 5.675   2.192   -13.261 1.00 41.29  ? 148 HIS A ND1 1 
ATOM   977  C  CD2 . HIS A 1 149 ? 6.098   2.146   -11.124 1.00 44.89  ? 148 HIS A CD2 1 
ATOM   978  C  CE1 . HIS A 1 149 ? 6.666   3.037   -13.041 1.00 43.57  ? 148 HIS A CE1 1 
ATOM   979  N  NE2 . HIS A 1 149 ? 6.948   3.022   -11.753 1.00 43.19  ? 148 HIS A NE2 1 
ATOM   980  N  N   . GLY A 1 150 ? 5.235   -1.712  -10.014 1.00 38.01  ? 149 GLY A N   1 
ATOM   981  C  CA  . GLY A 1 150 ? 6.096   -1.987  -8.858  1.00 37.17  ? 149 GLY A CA  1 
ATOM   982  C  C   . GLY A 1 150 ? 6.782   -3.302  -9.040  1.00 38.06  ? 149 GLY A C   1 
ATOM   983  O  O   . GLY A 1 150 ? 7.942   -3.525  -8.569  1.00 40.07  ? 149 GLY A O   1 
ATOM   984  N  N   . ILE A 1 151 ? 6.049   -4.221  -9.668  1.00 39.79  ? 150 ILE A N   1 
ATOM   985  C  CA  . ILE A 1 151 ? 6.660   -5.541  -9.985  1.00 39.06  ? 150 ILE A CA  1 
ATOM   986  C  C   . ILE A 1 151 ? 7.783   -5.400  -10.984 1.00 41.85  ? 150 ILE A C   1 
ATOM   987  O  O   . ILE A 1 151 ? 8.836   -5.989  -10.803 1.00 45.19  ? 150 ILE A O   1 
ATOM   988  C  CB  . ILE A 1 151 ? 5.614   -6.538  -10.452 1.00 36.53  ? 150 ILE A CB  1 
ATOM   989  C  CG1 . ILE A 1 151 ? 4.716   -6.885  -9.271  1.00 44.38  ? 150 ILE A CG1 1 
ATOM   990  C  CG2 . ILE A 1 151 ? 6.292   -7.888  -10.974 1.00 41.58  ? 150 ILE A CG2 1 
ATOM   991  C  CD1 . ILE A 1 151 ? 3.422   -7.475  -9.627  1.00 44.56  ? 150 ILE A CD1 1 
ATOM   992  N  N   . ALA A 1 152 ? 7.616   -4.576  -12.002 1.00 42.23  ? 151 ALA A N   1 
ATOM   993  C  CA  . ALA A 1 152 ? 8.702   -4.341  -12.967 1.00 43.58  ? 151 ALA A CA  1 
ATOM   994  C  C   . ALA A 1 152 ? 9.920   -3.709  -12.311 1.00 42.56  ? 151 ALA A C   1 
ATOM   995  O  O   . ALA A 1 152 ? 11.021  -4.077  -12.606 1.00 43.97  ? 151 ALA A O   1 
ATOM   996  C  CB  . ALA A 1 152 ? 8.219   -3.510  -14.107 1.00 45.20  ? 151 ALA A CB  1 
ATOM   997  N  N   . ARG A 1 153 ? 9.724   -2.776  -11.393 1.00 38.62  ? 152 ARG A N   1 
ATOM   998  C  CA  . ARG A 1 153 ? 10.852  -2.181  -10.639 1.00 38.59  ? 152 ARG A CA  1 
ATOM   999  C  C   . ARG A 1 153 ? 11.568  -3.177  -9.739  1.00 41.28  ? 152 ARG A C   1 
ATOM   1000 O  O   . ARG A 1 153 ? 12.800  -3.151  -9.592  1.00 40.79  ? 152 ARG A O   1 
ATOM   1001 C  CB  . ARG A 1 153 ? 10.357  -0.994  -9.816  1.00 37.43  ? 152 ARG A CB  1 
ATOM   1002 C  CG  . ARG A 1 153 ? 11.440  -0.327  -8.964  1.00 39.80  ? 152 ARG A CG  1 
ATOM   1003 C  CD  . ARG A 1 153 ? 10.922  0.990   -8.419  1.00 41.85  ? 152 ARG A CD  1 
ATOM   1004 N  NE  . ARG A 1 153 ? 9.738   0.630   -7.653  1.00 43.30  ? 152 ARG A NE  1 
ATOM   1005 C  CZ  . ARG A 1 153 ? 8.623   1.328   -7.573  1.00 40.32  ? 152 ARG A CZ  1 
ATOM   1006 N  NH1 . ARG A 1 153 ? 8.500   2.534   -8.179  1.00 37.05  ? 152 ARG A NH1 1 
ATOM   1007 N  NH2 . ARG A 1 153 ? 7.617   0.815   -6.882  1.00 42.14  ? 152 ARG A NH2 1 
ATOM   1008 N  N   . ALA A 1 154 ? 10.804  -4.050  -9.114  1.00 43.15  ? 153 ALA A N   1 
ATOM   1009 C  CA  . ALA A 1 154 ? 11.374  -5.058  -8.262  1.00 41.04  ? 153 ALA A CA  1 
ATOM   1010 C  C   . ALA A 1 154 ? 12.207  -6.094  -9.027  1.00 46.23  ? 153 ALA A C   1 
ATOM   1011 O  O   . ALA A 1 154 ? 13.156  -6.681  -8.472  1.00 45.77  ? 153 ALA A O   1 
ATOM   1012 C  CB  . ALA A 1 154 ? 10.254  -5.751  -7.485  1.00 44.51  ? 153 ALA A CB  1 
ATOM   1013 N  N   . GLY A 1 155 ? 11.850  -6.357  -10.283 1.00 45.02  ? 154 GLY A N   1 
ATOM   1014 C  CA  . GLY A 1 155 ? 12.618  -7.277  -11.149 1.00 47.56  ? 154 GLY A CA  1 
ATOM   1015 C  C   . GLY A 1 155 ? 12.860  -8.633  -10.559 1.00 46.59  ? 154 GLY A C   1 
ATOM   1016 O  O   . GLY A 1 155 ? 11.920  -9.343  -10.265 1.00 48.20  ? 154 GLY A O   1 
ATOM   1017 N  N   . ASP A 1 156 ? 14.136  -8.969  -10.374 1.00 44.32  ? 155 ASP A N   1 
ATOM   1018 C  CA  . ASP A 1 156 ? 14.604  -10.239 -9.783  1.00 45.37  ? 155 ASP A CA  1 
ATOM   1019 C  C   . ASP A 1 156 ? 14.447  -10.377 -8.293  1.00 42.96  ? 155 ASP A C   1 
ATOM   1020 O  O   . ASP A 1 156 ? 14.752  -11.460 -7.747  1.00 45.31  ? 155 ASP A O   1 
ATOM   1021 C  CB  . ASP A 1 156 ? 16.112  -10.424 -10.058 1.00 43.52  ? 155 ASP A CB  1 
ATOM   1022 C  CG  . ASP A 1 156 ? 16.373  -10.968 -11.400 1.00 56.08  ? 155 ASP A CG  1 
ATOM   1023 O  OD1 . ASP A 1 156 ? 15.352  -11.171 -12.116 1.00 50.98  ? 155 ASP A OD1 1 
ATOM   1024 O  OD2 . ASP A 1 156 ? 17.575  -11.193 -11.738 1.00 57.19  ? 155 ASP A OD2 1 
ATOM   1025 N  N   . GLU A 1 157 ? 14.064  -9.294  -7.625  1.00 41.26  ? 156 GLU A N   1 
ATOM   1026 C  CA  . GLU A 1 157 ? 13.992  -9.292  -6.199  1.00 42.77  ? 156 GLU A CA  1 
ATOM   1027 C  C   . GLU A 1 157 ? 12.599  -9.761  -5.736  1.00 42.75  ? 156 GLU A C   1 
ATOM   1028 O  O   . GLU A 1 157 ? 11.610  -9.721  -6.485  1.00 41.56  ? 156 GLU A O   1 
ATOM   1029 C  CB  . GLU A 1 157 ? 14.370  -7.894  -5.672  1.00 42.19  ? 156 GLU A CB  1 
ATOM   1030 C  CG  . GLU A 1 157 ? 15.824  -7.495  -6.064  1.00 46.48  ? 156 GLU A CG  1 
ATOM   1031 C  CD  . GLU A 1 157 ? 16.176  -6.025  -5.873  1.00 49.23  ? 156 GLU A CD  1 
ATOM   1032 O  OE1 . GLU A 1 157 ? 15.296  -5.130  -5.898  1.00 49.07  ? 156 GLU A OE1 1 
ATOM   1033 O  OE2 . GLU A 1 157 ? 17.394  -5.742  -5.764  1.00 59.01  ? 156 GLU A OE2 1 
ATOM   1034 N  N   . ALA A 1 158 ? 12.540  -10.127 -4.471  1.00 40.17  ? 157 ALA A N   1 
ATOM   1035 C  CA  . ALA A 1 158 ? 11.341  -10.605 -3.785  1.00 37.84  ? 157 ALA A CA  1 
ATOM   1036 C  C   . ALA A 1 158 ? 10.408  -9.460  -3.352  1.00 40.75  ? 157 ALA A C   1 
ATOM   1037 O  O   . ALA A 1 158 ? 10.835  -8.340  -3.125  1.00 40.50  ? 157 ALA A O   1 
ATOM   1038 C  CB  . ALA A 1 158 ? 11.756  -11.412 -2.587  1.00 40.72  ? 157 ALA A CB  1 
ATOM   1039 N  N   . ILE A 1 159 ? 9.131   -9.791  -3.224  1.00 40.91  ? 158 ILE A N   1 
ATOM   1040 C  CA  . ILE A 1 159 ? 8.123   -8.880  -2.730  1.00 39.10  ? 158 ILE A CA  1 
ATOM   1041 C  C   . ILE A 1 159 ? 7.263   -9.607  -1.663  1.00 41.24  ? 158 ILE A C   1 
ATOM   1042 O  O   . ILE A 1 159 ? 6.816   -10.720 -1.884  1.00 39.27  ? 158 ILE A O   1 
ATOM   1043 C  CB  . ILE A 1 159 ? 7.209   -8.416  -3.853  1.00 37.83  ? 158 ILE A CB  1 
ATOM   1044 C  CG1 . ILE A 1 159 ? 8.029   -7.955  -5.066  1.00 40.17  ? 158 ILE A CG1 1 
ATOM   1045 C  CG2 . ILE A 1 159 ? 6.299   -7.270  -3.339  1.00 39.58  ? 158 ILE A CG2 1 
ATOM   1046 C  CD1 . ILE A 1 159 ? 7.164   -7.421  -6.263  1.00 39.37  ? 158 ILE A CD1 1 
ATOM   1047 N  N   . TYR A 1 160 ? 7.028   -8.926  -0.537  1.00 37.56  ? 159 TYR A N   1 
ATOM   1048 C  CA  . TYR A 1 160 ? 6.053   -9.308  0.503   1.00 38.22  ? 159 TYR A CA  1 
ATOM   1049 C  C   . TYR A 1 160 ? 4.835   -8.362  0.487   1.00 40.68  ? 159 TYR A C   1 
ATOM   1050 O  O   . TYR A 1 160 ? 4.979   -7.178  0.247   1.00 38.27  ? 159 TYR A O   1 
ATOM   1051 C  CB  . TYR A 1 160 ? 6.769   -9.260  1.882   1.00 40.03  ? 159 TYR A CB  1 
ATOM   1052 C  CG  . TYR A 1 160 ? 5.910   -9.566  3.099   1.00 37.96  ? 159 TYR A CG  1 
ATOM   1053 C  CD1 . TYR A 1 160 ? 5.632   -10.848 3.465   1.00 37.10  ? 159 TYR A CD1 1 
ATOM   1054 C  CD2 . TYR A 1 160 ? 5.330   -8.535  3.844   1.00 37.03  ? 159 TYR A CD2 1 
ATOM   1055 C  CE1 . TYR A 1 160 ? 4.816   -11.135 4.586   1.00 34.24  ? 159 TYR A CE1 1 
ATOM   1056 C  CE2 . TYR A 1 160 ? 4.509   -8.803  4.945   1.00 37.70  ? 159 TYR A CE2 1 
ATOM   1057 C  CZ  . TYR A 1 160 ? 4.284   -10.135 5.320   1.00 38.30  ? 159 TYR A CZ  1 
ATOM   1058 O  OH  . TYR A 1 160 ? 3.486   -10.442 6.408   1.00 36.96  ? 159 TYR A OH  1 
ATOM   1059 N  N   . LEU A 1 161 ? 3.641   -8.911  0.696   1.00 39.58  ? 160 LEU A N   1 
ATOM   1060 C  CA  . LEU A 1 161 ? 2.464   -8.158  0.965   1.00 40.29  ? 160 LEU A CA  1 
ATOM   1061 C  C   . LEU A 1 161 ? 1.519   -8.974  1.855   1.00 38.93  ? 160 LEU A C   1 
ATOM   1062 O  O   . LEU A 1 161 ? 1.713   -10.156 2.108   1.00 36.76  ? 160 LEU A O   1 
ATOM   1063 C  CB  . LEU A 1 161 ? 1.764   -7.719  -0.346  1.00 40.41  ? 160 LEU A CB  1 
ATOM   1064 C  CG  . LEU A 1 161 ? 1.326   -8.815  -1.335  1.00 38.18  ? 160 LEU A CG  1 
ATOM   1065 C  CD1 . LEU A 1 161 ? 0.035   -9.517  -0.887  1.00 41.76  ? 160 LEU A CD1 1 
ATOM   1066 C  CD2 . LEU A 1 161 ? 1.115   -8.224  -2.686  1.00 39.62  ? 160 LEU A CD2 1 
ATOM   1067 N  N   . GLU A 1 162 ? 0.489   -8.312  2.356   1.00 35.52  ? 161 GLU A N   1 
ATOM   1068 C  CA  . GLU A 1 162 ? -0.548  -8.941  3.171   1.00 34.92  ? 161 GLU A CA  1 
ATOM   1069 C  C   . GLU A 1 162 ? -1.873  -8.680  2.540   1.00 41.94  ? 161 GLU A C   1 
ATOM   1070 O  O   . GLU A 1 162 ? -2.310  -7.531  2.516   1.00 39.43  ? 161 GLU A O   1 
ATOM   1071 C  CB  . GLU A 1 162 ? -0.474  -8.366  4.566   1.00 34.90  ? 161 GLU A CB  1 
ATOM   1072 C  CG  . GLU A 1 162 ? 0.746   -8.935  5.313   1.00 39.09  ? 161 GLU A CG  1 
ATOM   1073 C  CD  . GLU A 1 162 ? 1.193   -8.104  6.511   1.00 49.69  ? 161 GLU A CD  1 
ATOM   1074 O  OE1 . GLU A 1 162 ? 0.550   -7.088  6.781   1.00 50.79  ? 161 GLU A OE1 1 
ATOM   1075 O  OE2 . GLU A 1 162 ? 2.163   -8.506  7.212   1.00 47.02  ? 161 GLU A OE2 1 
ATOM   1076 N  N   . ALA A 1 163 ? -2.502  -9.711  1.980   1.00 43.21  ? 162 ALA A N   1 
ATOM   1077 C  CA  . ALA A 1 163 ? -3.751  -9.512  1.219   1.00 43.45  ? 162 ALA A CA  1 
ATOM   1078 C  C   . ALA A 1 163 ? -4.950  -9.532  2.167   1.00 44.00  ? 162 ALA A C   1 
ATOM   1079 O  O   . ALA A 1 163 ? -5.035  -10.363 3.071   1.00 44.45  ? 162 ALA A O   1 
ATOM   1080 C  CB  . ALA A 1 163 ? -3.889  -10.577 0.119   1.00 43.22  ? 162 ALA A CB  1 
ATOM   1081 N  N   . THR A 1 164 ? -5.868  -8.592  1.987   1.00 44.25  ? 163 THR A N   1 
ATOM   1082 C  CA  . THR A 1 164 ? -6.999  -8.443  2.912   1.00 47.98  ? 163 THR A CA  1 
ATOM   1083 C  C   . THR A 1 164 ? -8.290  -9.185  2.546   1.00 50.11  ? 163 THR A C   1 
ATOM   1084 O  O   . THR A 1 164 ? -9.238  -9.183  3.354   1.00 48.98  ? 163 THR A O   1 
ATOM   1085 C  CB  . THR A 1 164 ? -7.344  -6.984  3.083   1.00 50.09  ? 163 THR A CB  1 
ATOM   1086 O  OG1 . THR A 1 164 ? -7.562  -6.410  1.784   1.00 56.07  ? 163 THR A OG1 1 
ATOM   1087 C  CG2 . THR A 1 164 ? -6.203  -6.245  3.794   1.00 49.01  ? 163 THR A CG2 1 
ATOM   1088 N  N   . SER A 1 165 ? -8.340  -9.779  1.345   1.00 49.90  ? 164 SER A N   1 
ATOM   1089 C  CA  . SER A 1 165 ? -9.433  -10.681 0.936   1.00 50.36  ? 164 SER A CA  1 
ATOM   1090 C  C   . SER A 1 165 ? -8.906  -11.837 0.069   1.00 50.76  ? 164 SER A C   1 
ATOM   1091 O  O   . SER A 1 165 ? -7.787  -11.774 -0.459  1.00 48.44  ? 164 SER A O   1 
ATOM   1092 C  CB  . SER A 1 165 ? -10.511 -9.916  0.172   1.00 52.66  ? 164 SER A CB  1 
ATOM   1093 O  OG  . SER A 1 165 ? -10.013 -9.370  -1.031  1.00 47.95  ? 164 SER A OG  1 
ATOM   1094 N  N   . THR A 1 166 ? -9.703  -12.899 -0.045  1.00 49.96  ? 165 THR A N   1 
ATOM   1095 C  CA  . THR A 1 166 ? -9.376  -14.016 -0.939  1.00 50.23  ? 165 THR A CA  1 
ATOM   1096 C  C   . THR A 1 166 ? -9.348  -13.517 -2.383  1.00 50.73  ? 165 THR A C   1 
ATOM   1097 O  O   . THR A 1 166 ? -8.488  -13.909 -3.174  1.00 49.67  ? 165 THR A O   1 
ATOM   1098 C  CB  . THR A 1 166 ? -10.336 -15.206 -0.757  1.00 51.36  ? 165 THR A CB  1 
ATOM   1099 O  OG1 . THR A 1 166 ? -10.069 -15.821 0.506   1.00 55.10  ? 165 THR A OG1 1 
ATOM   1100 C  CG2 . THR A 1 166 ? -10.159 -16.284 -1.859  1.00 50.71  ? 165 THR A CG2 1 
ATOM   1101 N  N   . ARG A 1 167 ? -10.257 -12.613 -2.712  1.00 52.67  ? 166 ARG A N   1 
ATOM   1102 C  CA  . ARG A 1 167 ? -10.274 -12.029 -4.030  1.00 55.31  ? 166 ARG A CA  1 
ATOM   1103 C  C   . ARG A 1 167 ? -8.939  -11.388 -4.370  1.00 52.64  ? 166 ARG A C   1 
ATOM   1104 O  O   . ARG A 1 167 ? -8.362  -11.656 -5.437  1.00 52.81  ? 166 ARG A O   1 
ATOM   1105 C  CB  . ARG A 1 167 ? -11.379 -10.987 -4.132  1.00 55.87  ? 166 ARG A CB  1 
ATOM   1106 C  CG  . ARG A 1 167 ? -11.560 -10.462 -5.528  1.00 60.61  ? 166 ARG A CG  1 
ATOM   1107 C  CD  . ARG A 1 167 ? -12.713 -9.464  -5.625  1.00 64.69  ? 166 ARG A CD  1 
ATOM   1108 N  NE  . ARG A 1 167 ? -12.774 -8.511  -4.512  1.00 79.65  ? 166 ARG A NE  1 
ATOM   1109 C  CZ  . ARG A 1 167 ? -11.854 -7.578  -4.244  1.00 84.85  ? 166 ARG A CZ  1 
ATOM   1110 N  NH1 . ARG A 1 167 ? -10.755 -7.445  -4.995  1.00 91.14  ? 166 ARG A NH1 1 
ATOM   1111 N  NH2 . ARG A 1 167 ? -12.032 -6.768  -3.202  1.00 82.11  ? 166 ARG A NH2 1 
ATOM   1112 N  N   . ALA A 1 168 ? -8.455  -10.527 -3.476  1.00 51.63  ? 167 ALA A N   1 
ATOM   1113 C  CA  . ALA A 1 168 ? -7.162  -9.853  -3.685  1.00 51.47  ? 167 ALA A CA  1 
ATOM   1114 C  C   . ALA A 1 168 ? -6.006  -10.876 -3.756  1.00 50.95  ? 167 ALA A C   1 
ATOM   1115 O  O   . ALA A 1 168 ? -5.135  -10.790 -4.626  1.00 52.24  ? 167 ALA A O   1 
ATOM   1116 C  CB  . ALA A 1 168 ? -6.910  -8.817  -2.600  1.00 50.72  ? 167 ALA A CB  1 
ATOM   1117 N  N   . ALA A 1 169 ? -6.037  -11.848 -2.849  1.00 50.12  ? 168 ALA A N   1 
ATOM   1118 C  CA  . ALA A 1 169 ? -5.071  -12.928 -2.819  1.00 50.73  ? 168 ALA A CA  1 
ATOM   1119 C  C   . ALA A 1 169 ? -4.973  -13.645 -4.167  1.00 51.76  ? 168 ALA A C   1 
ATOM   1120 O  O   . ALA A 1 169 ? -3.888  -14.023 -4.602  1.00 48.53  ? 168 ALA A O   1 
ATOM   1121 C  CB  . ALA A 1 169 ? -5.448  -13.912 -1.720  1.00 50.14  ? 168 ALA A CB  1 
ATOM   1122 N  N   . GLN A 1 170 ? -6.122  -13.845 -4.815  1.00 52.39  ? 169 GLN A N   1 
ATOM   1123 C  CA  . GLN A 1 170 ? -6.183  -14.524 -6.124  1.00 53.56  ? 169 GLN A CA  1 
ATOM   1124 C  C   . GLN A 1 170 ? -5.576  -13.661 -7.249  1.00 52.40  ? 169 GLN A C   1 
ATOM   1125 O  O   . GLN A 1 170 ? -4.907  -14.182 -8.156  1.00 52.93  ? 169 GLN A O   1 
ATOM   1126 C  CB  . GLN A 1 170 ? -7.638  -14.936 -6.458  1.00 49.51  ? 169 GLN A CB  1 
ATOM   1127 C  CG  . GLN A 1 170 ? -8.090  -16.079 -5.612  1.00 53.67  ? 169 GLN A CG  1 
ATOM   1128 C  CD  . GLN A 1 170 ? -9.547  -16.459 -5.810  1.00 56.18  ? 169 GLN A CD  1 
ATOM   1129 O  OE1 . GLN A 1 170 ? -10.364 -15.672 -6.290  1.00 64.93  ? 169 GLN A OE1 1 
ATOM   1130 N  NE2 . GLN A 1 170 ? -9.874  -17.676 -5.417  1.00 58.07  ? 169 GLN A NE2 1 
ATOM   1131 N  N   . LEU A 1 171 ? -5.769  -12.355 -7.153  1.00 53.93  ? 170 LEU A N   1 
ATOM   1132 C  CA  . LEU A 1 171 ? -5.169  -11.391 -8.082  1.00 54.67  ? 170 LEU A CA  1 
ATOM   1133 C  C   . LEU A 1 171 ? -3.655  -11.421 -7.956  1.00 53.21  ? 170 LEU A C   1 
ATOM   1134 O  O   . LEU A 1 171 ? -2.936  -11.531 -8.956  1.00 53.23  ? 170 LEU A O   1 
ATOM   1135 C  CB  . LEU A 1 171 ? -5.706  -9.978  -7.804  1.00 53.19  ? 170 LEU A CB  1 
ATOM   1136 C  CG  . LEU A 1 171 ? -5.069  -8.763  -8.505  1.00 59.36  ? 170 LEU A CG  1 
ATOM   1137 C  CD1 . LEU A 1 171 ? -4.746  -9.031  -9.992  1.00 72.81  ? 170 LEU A CD1 1 
ATOM   1138 C  CD2 . LEU A 1 171 ? -5.980  -7.532  -8.383  1.00 60.44  ? 170 LEU A CD2 1 
ATOM   1139 N  N   . TYR A 1 172 ? -3.171  -11.382 -6.718  1.00 52.30  ? 171 TYR A N   1 
ATOM   1140 C  CA  . TYR A 1 172 ? -1.738  -11.438 -6.442  1.00 49.00  ? 171 TYR A CA  1 
ATOM   1141 C  C   . TYR A 1 172 ? -1.104  -12.777 -6.803  1.00 46.47  ? 171 TYR A C   1 
ATOM   1142 O  O   . TYR A 1 172 ? -0.005  -12.795 -7.345  1.00 48.11  ? 171 TYR A O   1 
ATOM   1143 C  CB  . TYR A 1 172 ? -1.458  -11.073 -4.982  1.00 49.95  ? 171 TYR A CB  1 
ATOM   1144 C  CG  . TYR A 1 172 ? -1.893  -9.677  -4.603  1.00 47.75  ? 171 TYR A CG  1 
ATOM   1145 C  CD1 . TYR A 1 172 ? -1.569  -8.604  -5.398  1.00 49.16  ? 171 TYR A CD1 1 
ATOM   1146 C  CD2 . TYR A 1 172 ? -2.622  -9.435  -3.429  1.00 45.66  ? 171 TYR A CD2 1 
ATOM   1147 C  CE1 . TYR A 1 172 ? -1.959  -7.323  -5.058  1.00 50.26  ? 171 TYR A CE1 1 
ATOM   1148 C  CE2 . TYR A 1 172 ? -3.048  -8.130  -3.090  1.00 48.06  ? 171 TYR A CE2 1 
ATOM   1149 C  CZ  . TYR A 1 172 ? -2.696  -7.083  -3.909  1.00 50.97  ? 171 TYR A CZ  1 
ATOM   1150 O  OH  . TYR A 1 172 ? -3.047  -5.766  -3.595  1.00 58.15  ? 171 TYR A OH  1 
ATOM   1151 N  N   . ASN A 1 173 ? -1.784  -13.887 -6.524  1.00 45.77  ? 172 ASN A N   1 
ATOM   1152 C  CA  . ASN A 1 173 ? -1.359  -15.204 -6.986  1.00 49.74  ? 172 ASN A CA  1 
ATOM   1153 C  C   . ASN A 1 173 ? -1.183  -15.284 -8.507  1.00 49.04  ? 172 ASN A C   1 
ATOM   1154 O  O   . ASN A 1 173 ? -0.254  -15.906 -8.988  1.00 51.25  ? 172 ASN A O   1 
ATOM   1155 C  CB  . ASN A 1 173 ? -2.342  -16.272 -6.491  1.00 51.51  ? 172 ASN A CB  1 
ATOM   1156 C  CG  . ASN A 1 173 ? -1.863  -17.694 -6.714  1.00 52.33  ? 172 ASN A CG  1 
ATOM   1157 O  OD1 . ASN A 1 173 ? -2.594  -18.490 -7.266  1.00 55.66  ? 172 ASN A OD1 1 
ATOM   1158 N  ND2 . ASN A 1 173 ? -0.676  -18.047 -6.219  1.00 51.93  ? 172 ASN A ND2 1 
ATOM   1159 N  N   . ARG A 1 174 ? -2.072  -14.664 -9.269  1.00 50.81  ? 173 ARG A N   1 
ATOM   1160 C  CA  . ARG A 1 174 ? -1.920  -14.641 -10.732 1.00 52.63  ? 173 ARG A CA  1 
ATOM   1161 C  C   . ARG A 1 174 ? -0.706  -13.795 -11.195 1.00 53.55  ? 173 ARG A C   1 
ATOM   1162 O  O   . ARG A 1 174 ? -0.185  -14.002 -12.289 1.00 54.07  ? 173 ARG A O   1 
ATOM   1163 C  CB  . ARG A 1 174 ? -3.217  -14.164 -11.391 1.00 55.51  ? 173 ARG A CB  1 
ATOM   1164 C  CG  . ARG A 1 174 ? -4.333  -15.247 -11.364 1.00 54.01  ? 173 ARG A CG  1 
ATOM   1165 C  CD  . ARG A 1 174 ? -5.504  -14.883 -12.244 1.00 58.27  ? 173 ARG A CD  1 
ATOM   1166 N  NE  . ARG A 1 174 ? -6.121  -13.623 -11.828 1.00 61.42  ? 173 ARG A NE  1 
ATOM   1167 C  CZ  . ARG A 1 174 ? -7.056  -13.498 -10.880 1.00 67.44  ? 173 ARG A CZ  1 
ATOM   1168 N  NH1 . ARG A 1 174 ? -7.505  -14.563 -10.207 1.00 70.98  ? 173 ARG A NH1 1 
ATOM   1169 N  NH2 . ARG A 1 174 ? -7.542  -12.291 -10.598 1.00 66.73  ? 173 ARG A NH2 1 
ATOM   1170 N  N   . LEU A 1 175 ? -0.259  -12.859 -10.354 1.00 50.23  ? 174 LEU A N   1 
ATOM   1171 C  CA  . LEU A 1 175 ? 0.943   -12.060 -10.623 1.00 49.78  ? 174 LEU A CA  1 
ATOM   1172 C  C   . LEU A 1 175 ? 2.227   -12.664 -10.090 1.00 50.73  ? 174 LEU A C   1 
ATOM   1173 O  O   . LEU A 1 175 ? 3.275   -12.015 -10.141 1.00 54.38  ? 174 LEU A O   1 
ATOM   1174 C  CB  . LEU A 1 175 ? 0.760   -10.654 -10.034 1.00 50.46  ? 174 LEU A CB  1 
ATOM   1175 C  CG  . LEU A 1 175 ? -0.403  -9.885  -10.622 1.00 51.64  ? 174 LEU A CG  1 
ATOM   1176 C  CD1 . LEU A 1 175 ? -0.726  -8.680  -9.744  1.00 51.33  ? 174 LEU A CD1 1 
ATOM   1177 C  CD2 . LEU A 1 175 ? -0.068  -9.445  -12.030 1.00 57.63  ? 174 LEU A CD2 1 
ATOM   1178 N  N   . GLY A 1 176 ? 2.163   -13.910 -9.627  1.00 49.01  ? 175 GLY A N   1 
ATOM   1179 C  CA  . GLY A 1 176 ? 3.340   -14.631 -9.151  1.00 47.91  ? 175 GLY A CA  1 
ATOM   1180 C  C   . GLY A 1 176 ? 3.588   -14.671 -7.653  1.00 49.10  ? 175 GLY A C   1 
ATOM   1181 O  O   . GLY A 1 176 ? 4.605   -15.195 -7.238  1.00 44.27  ? 175 GLY A O   1 
ATOM   1182 N  N   . PHE A 1 177 ? 2.696   -14.118 -6.833  1.00 48.11  ? 176 PHE A N   1 
ATOM   1183 C  CA  . PHE A 1 177 ? 2.783   -14.293 -5.365  1.00 46.88  ? 176 PHE A CA  1 
ATOM   1184 C  C   . PHE A 1 177 ? 2.288   -15.657 -4.902  1.00 43.92  ? 176 PHE A C   1 
ATOM   1185 O  O   . PHE A 1 177 ? 1.232   -16.123 -5.323  1.00 45.66  ? 176 PHE A O   1 
ATOM   1186 C  CB  . PHE A 1 177 ? 1.982   -13.212 -4.643  1.00 47.17  ? 176 PHE A CB  1 
ATOM   1187 C  CG  . PHE A 1 177 ? 2.554   -11.833 -4.774  1.00 41.73  ? 176 PHE A CG  1 
ATOM   1188 C  CD1 . PHE A 1 177 ? 2.381   -11.094 -5.947  1.00 46.40  ? 176 PHE A CD1 1 
ATOM   1189 C  CD2 . PHE A 1 177 ? 3.286   -11.281 -3.745  1.00 39.40  ? 176 PHE A CD2 1 
ATOM   1190 C  CE1 . PHE A 1 177 ? 2.910   -9.831  -6.070  1.00 42.95  ? 176 PHE A CE1 1 
ATOM   1191 C  CE2 . PHE A 1 177 ? 3.794   -10.018 -3.836  1.00 40.96  ? 176 PHE A CE2 1 
ATOM   1192 C  CZ  . PHE A 1 177 ? 3.613   -9.283  -5.029  1.00 45.26  ? 176 PHE A CZ  1 
ATOM   1193 N  N   . VAL A 1 178 ? 3.035   -16.304 -4.010  1.00 44.38  ? 177 VAL A N   1 
ATOM   1194 C  CA  . VAL A 1 178 ? 2.569   -17.554 -3.396  1.00 44.32  ? 177 VAL A CA  1 
ATOM   1195 C  C   . VAL A 1 178 ? 2.149   -17.280 -1.937  1.00 45.98  ? 177 VAL A C   1 
ATOM   1196 O  O   . VAL A 1 178 ? 2.643   -16.327 -1.324  1.00 43.35  ? 177 VAL A O   1 
ATOM   1197 C  CB  . VAL A 1 178 ? 3.633   -18.680 -3.415  1.00 45.88  ? 177 VAL A CB  1 
ATOM   1198 C  CG1 . VAL A 1 178 ? 4.046   -19.027 -4.832  1.00 44.13  ? 177 VAL A CG1 1 
ATOM   1199 C  CG2 . VAL A 1 178 ? 4.810   -18.336 -2.562  1.00 50.73  ? 177 VAL A CG2 1 
ATOM   1200 N  N   . PRO A 1 179 ? 1.187   -18.077 -1.389  1.00 43.37  ? 178 PRO A N   1 
ATOM   1201 C  CA  . PRO A 1 179 ? 0.829   -17.795 0.001   1.00 39.20  ? 178 PRO A CA  1 
ATOM   1202 C  C   . PRO A 1 179 ? 1.924   -18.215 0.995   1.00 40.31  ? 178 PRO A C   1 
ATOM   1203 O  O   . PRO A 1 179 ? 2.582   -19.223 0.801   1.00 36.91  ? 178 PRO A O   1 
ATOM   1204 C  CB  . PRO A 1 179 ? -0.433  -18.655 0.240   1.00 36.97  ? 178 PRO A CB  1 
ATOM   1205 C  CG  . PRO A 1 179 ? -0.401  -19.732 -0.825  1.00 36.35  ? 178 PRO A CG  1 
ATOM   1206 C  CD  . PRO A 1 179 ? 0.328   -19.121 -2.001  1.00 39.26  ? 178 PRO A CD  1 
ATOM   1207 N  N   . LEU A 1 180 ? 2.059   -17.437 2.065   1.00 37.91  ? 179 LEU A N   1 
ATOM   1208 C  CA  . LEU A 1 180 ? 2.833   -17.821 3.239   1.00 37.81  ? 179 LEU A CA  1 
ATOM   1209 C  C   . LEU A 1 180 ? 1.853   -18.349 4.305   1.00 36.85  ? 179 LEU A C   1 
ATOM   1210 O  O   . LEU A 1 180 ? 1.975   -19.462 4.766   1.00 38.84  ? 179 LEU A O   1 
ATOM   1211 C  CB  . LEU A 1 180 ? 3.607   -16.614 3.748   1.00 36.37  ? 179 LEU A CB  1 
ATOM   1212 C  CG  . LEU A 1 180 ? 4.755   -16.094 2.867   1.00 37.20  ? 179 LEU A CG  1 
ATOM   1213 C  CD1 . LEU A 1 180 ? 5.304   -14.777 3.440   1.00 33.75  ? 179 LEU A CD1 1 
ATOM   1214 C  CD2 . LEU A 1 180 ? 5.903   -17.091 2.846   1.00 39.94  ? 179 LEU A CD2 1 
ATOM   1215 N  N   . GLY A 1 181 ? 0.853   -17.566 4.649   1.00 37.04  ? 180 GLY A N   1 
ATOM   1216 C  CA  . GLY A 1 181 ? -0.204  -18.032 5.563   1.00 36.36  ? 180 GLY A CA  1 
ATOM   1217 C  C   . GLY A 1 181 ? -0.939  -16.851 6.153   1.00 38.64  ? 180 GLY A C   1 
ATOM   1218 O  O   . GLY A 1 181 ? -0.663  -15.710 5.789   1.00 37.59  ? 180 GLY A O   1 
ATOM   1219 N  N   . TYR A 1 182 ? -1.901  -17.120 7.033   1.00 36.72  ? 181 TYR A N   1 
ATOM   1220 C  CA  . TYR A 1 182 ? -2.698  -16.050 7.639   1.00 37.22  ? 181 TYR A CA  1 
ATOM   1221 C  C   . TYR A 1 182 ? -2.010  -15.499 8.879   1.00 38.10  ? 181 TYR A C   1 
ATOM   1222 O  O   . TYR A 1 182 ? -1.421  -16.243 9.663   1.00 37.60  ? 181 TYR A O   1 
ATOM   1223 C  CB  . TYR A 1 182 ? -4.118  -16.540 7.958   1.00 37.01  ? 181 TYR A CB  1 
ATOM   1224 C  CG  . TYR A 1 182 ? -4.946  -16.729 6.718   1.00 35.31  ? 181 TYR A CG  1 
ATOM   1225 C  CD1 . TYR A 1 182 ? -5.634  -15.656 6.155   1.00 36.62  ? 181 TYR A CD1 1 
ATOM   1226 C  CD2 . TYR A 1 182 ? -5.017  -17.980 6.093   1.00 43.27  ? 181 TYR A CD2 1 
ATOM   1227 C  CE1 . TYR A 1 182 ? -6.394  -15.835 5.005   1.00 45.20  ? 181 TYR A CE1 1 
ATOM   1228 C  CE2 . TYR A 1 182 ? -5.772  -18.165 4.947   1.00 42.06  ? 181 TYR A CE2 1 
ATOM   1229 C  CZ  . TYR A 1 182 ? -6.450  -17.109 4.416   1.00 41.31  ? 181 TYR A CZ  1 
ATOM   1230 O  OH  . TYR A 1 182 ? -7.189  -17.292 3.278   1.00 47.79  ? 181 TYR A OH  1 
ATOM   1231 N  N   . ILE A 1 183 ? -2.037  -14.177 9.015   1.00 37.52  ? 182 ILE A N   1 
ATOM   1232 C  CA  . ILE A 1 183 ? -1.518  -13.504 10.211  1.00 40.40  ? 182 ILE A CA  1 
ATOM   1233 C  C   . ILE A 1 183 ? -2.658  -13.391 11.230  1.00 43.60  ? 182 ILE A C   1 
ATOM   1234 O  O   . ILE A 1 183 ? -3.740  -12.881 10.904  1.00 44.08  ? 182 ILE A O   1 
ATOM   1235 C  CB  . ILE A 1 183 ? -0.957  -12.094 9.853   1.00 39.15  ? 182 ILE A CB  1 
ATOM   1236 C  CG1 . ILE A 1 183 ? 0.271   -12.231 8.971   1.00 42.73  ? 182 ILE A CG1 1 
ATOM   1237 C  CG2 . ILE A 1 183 ? -0.710  -11.258 11.136  1.00 44.62  ? 182 ILE A CG2 1 
ATOM   1238 C  CD1 . ILE A 1 183 ? 0.671   -10.985 8.270   1.00 47.29  ? 182 ILE A CD1 1 
ATOM   1239 N  N   . PRO A 1 184 ? -2.426  -13.862 12.467  1.00 49.15  ? 183 PRO A N   1 
ATOM   1240 C  CA  . PRO A 1 184 ? -3.485  -13.743 13.474  1.00 53.26  ? 183 PRO A CA  1 
ATOM   1241 C  C   . PRO A 1 184 ? -3.840  -12.296 13.759  1.00 57.19  ? 183 PRO A C   1 
ATOM   1242 O  O   . PRO A 1 184 ? -2.938  -11.477 13.911  1.00 56.22  ? 183 PRO A O   1 
ATOM   1243 C  CB  . PRO A 1 184 ? -2.878  -14.382 14.727  1.00 52.78  ? 183 PRO A CB  1 
ATOM   1244 C  CG  . PRO A 1 184 ? -1.687  -15.122 14.281  1.00 53.71  ? 183 PRO A CG  1 
ATOM   1245 C  CD  . PRO A 1 184 ? -1.220  -14.512 12.998  1.00 49.63  ? 183 PRO A CD  1 
ATOM   1246 N  N   . SER A 1 185 ? -5.138  -12.000 13.820  1.00 60.72  ? 184 SER A N   1 
ATOM   1247 C  CA  . SER A 1 185 ? -5.630  -10.655 14.157  1.00 65.25  ? 184 SER A CA  1 
ATOM   1248 C  C   . SER A 1 185 ? -6.251  -10.690 15.538  1.00 66.87  ? 184 SER A C   1 
ATOM   1249 O  O   . SER A 1 185 ? -6.951  -11.636 15.861  1.00 66.60  ? 184 SER A O   1 
ATOM   1250 C  CB  . SER A 1 185 ? -6.676  -10.176 13.130  1.00 66.47  ? 184 SER A CB  1 
ATOM   1251 O  OG  . SER A 1 185 ? -7.873  -10.952 13.176  1.00 68.05  ? 184 SER A OG  1 
ATOM   1252 N  N   . ASP A 1 186 ? -5.969  -9.691  16.364  1.00 70.45  ? 185 ASP A N   1 
ATOM   1253 C  CA  . ASP A 1 186 ? -6.772  -9.485  17.569  1.00 74.59  ? 185 ASP A CA  1 
ATOM   1254 C  C   . ASP A 1 186 ? -7.778  -8.411  17.226  1.00 75.45  ? 185 ASP A C   1 
ATOM   1255 O  O   . ASP A 1 186 ? -7.578  -7.658  16.262  1.00 77.17  ? 185 ASP A O   1 
ATOM   1256 C  CB  . ASP A 1 186 ? -5.929  -9.063  18.775  1.00 75.00  ? 185 ASP A CB  1 
ATOM   1257 C  CG  . ASP A 1 186 ? -6.534  -9.520  20.092  1.00 79.05  ? 185 ASP A CG  1 
ATOM   1258 O  OD1 . ASP A 1 186 ? -6.323  -10.705 20.452  1.00 83.80  ? 185 ASP A OD1 1 
ATOM   1259 O  OD2 . ASP A 1 186 ? -7.216  -8.704  20.761  1.00 81.93  ? 185 ASP A OD2 1 
ATOM   1260 N  N   . ASP A 1 187 ? -8.862  -8.362  17.993  1.00 76.61  ? 186 ASP A N   1 
ATOM   1261 C  CA  . ASP A 1 187 ? -9.965  -7.418  17.775  1.00 78.27  ? 186 ASP A CA  1 
ATOM   1262 C  C   . ASP A 1 187 ? -10.526 -7.373  16.340  1.00 80.14  ? 186 ASP A C   1 
ATOM   1263 O  O   . ASP A 1 187 ? -11.724 -7.101  16.165  1.00 80.56  ? 186 ASP A O   1 
ATOM   1264 C  CB  . ASP A 1 187 ? -9.542  -6.007  18.205  1.00 78.56  ? 186 ASP A CB  1 
ATOM   1265 N  N   . ASP A 1 188 ? -9.682  -7.677  15.339  1.00 80.38  ? 187 ASP A N   1 
ATOM   1266 C  CA  . ASP A 1 188 ? -9.863  -7.192  13.962  1.00 80.04  ? 187 ASP A CA  1 
ATOM   1267 C  C   . ASP A 1 188 ? -10.588 -8.151  12.995  1.00 78.90  ? 187 ASP A C   1 
ATOM   1268 O  O   . ASP A 1 188 ? -10.798 -9.338  13.291  1.00 77.21  ? 187 ASP A O   1 
ATOM   1269 C  CB  . ASP A 1 188 ? -8.505  -6.749  13.354  1.00 80.43  ? 187 ASP A CB  1 
ATOM   1270 N  N   . GLY A 1 189 ? -10.944 -7.600  11.827  1.00 76.87  ? 188 GLY A N   1 
ATOM   1271 C  CA  . GLY A 1 189 ? -11.683 -8.321  10.792  1.00 73.05  ? 188 GLY A CA  1 
ATOM   1272 C  C   . GLY A 1 189 ? -10.844 -9.397  10.120  1.00 67.25  ? 188 GLY A C   1 
ATOM   1273 O  O   . GLY A 1 189 ? -9.954  -9.982  10.744  1.00 66.39  ? 188 GLY A O   1 
ATOM   1274 N  N   . THR A 1 190 ? -11.126 -9.657  8.844   1.00 61.97  ? 189 THR A N   1 
ATOM   1275 C  CA  . THR A 1 190 ? -10.541 -10.823 8.161   1.00 60.74  ? 189 THR A CA  1 
ATOM   1276 C  C   . THR A 1 190 ? -9.043  -10.941 8.452   1.00 56.16  ? 189 THR A C   1 
ATOM   1277 O  O   . THR A 1 190 ? -8.306  -9.967  8.324   1.00 55.93  ? 189 THR A O   1 
ATOM   1278 C  CB  . THR A 1 190 ? -10.782 -10.792 6.627   1.00 61.57  ? 189 THR A CB  1 
ATOM   1279 O  OG1 . THR A 1 190 ? -12.134 -10.388 6.362   1.00 64.73  ? 189 THR A OG1 1 
ATOM   1280 C  CG2 . THR A 1 190 ? -10.533 -12.179 6.005   1.00 66.70  ? 189 THR A CG2 1 
ATOM   1281 N  N   . PRO A 1 191 ? -8.593  -12.123 8.905   1.00 50.69  ? 190 PRO A N   1 
ATOM   1282 C  CA  . PRO A 1 191 ? -7.150  -12.309 8.948   1.00 48.25  ? 190 PRO A CA  1 
ATOM   1283 C  C   . PRO A 1 191 ? -6.535  -11.964 7.587   1.00 46.70  ? 190 PRO A C   1 
ATOM   1284 O  O   . PRO A 1 191 ? -7.156  -12.147 6.525   1.00 49.20  ? 190 PRO A O   1 
ATOM   1285 C  CB  . PRO A 1 191 ? -6.990  -13.794 9.337   1.00 48.85  ? 190 PRO A CB  1 
ATOM   1286 C  CG  . PRO A 1 191 ? -8.236  -14.092 10.102  1.00 50.42  ? 190 PRO A CG  1 
ATOM   1287 C  CD  . PRO A 1 191 ? -9.322  -13.284 9.445   1.00 48.35  ? 190 PRO A CD  1 
ATOM   1288 N  N   . GLU A 1 192 ? -5.341  -11.397 7.609   1.00 44.39  ? 191 GLU A N   1 
ATOM   1289 C  CA  . GLU A 1 192 ? -4.676  -11.089 6.340   1.00 42.18  ? 191 GLU A CA  1 
ATOM   1290 C  C   . GLU A 1 192 ? -3.847  -12.274 5.891   1.00 38.53  ? 191 GLU A C   1 
ATOM   1291 O  O   . GLU A 1 192 ? -3.276  -12.977 6.708   1.00 39.15  ? 191 GLU A O   1 
ATOM   1292 C  CB  . GLU A 1 192 ? -3.811  -9.863  6.475   1.00 42.80  ? 191 GLU A CB  1 
ATOM   1293 C  CG  . GLU A 1 192 ? -4.636  -8.639  6.909   1.00 46.64  ? 191 GLU A CG  1 
ATOM   1294 C  CD  . GLU A 1 192 ? -3.861  -7.342  6.849   1.00 62.29  ? 191 GLU A CD  1 
ATOM   1295 O  OE1 . GLU A 1 192 ? -2.709  -7.329  7.321   1.00 70.49  ? 191 GLU A OE1 1 
ATOM   1296 O  OE2 . GLU A 1 192 ? -4.418  -6.327  6.372   1.00 78.23  ? 191 GLU A OE2 1 
ATOM   1297 N  N   . LEU A 1 193 ? -3.817  -12.501 4.583   1.00 38.88  ? 192 LEU A N   1 
ATOM   1298 C  CA  . LEU A 1 193 ? -3.023  -13.582 4.001   1.00 40.66  ? 192 LEU A CA  1 
ATOM   1299 C  C   . LEU A 1 193 ? -1.677  -12.996 3.532   1.00 39.08  ? 192 LEU A C   1 
ATOM   1300 O  O   . LEU A 1 193 ? -1.612  -12.271 2.555   1.00 37.52  ? 192 LEU A O   1 
ATOM   1301 C  CB  . LEU A 1 193 ? -3.760  -14.220 2.819   1.00 40.04  ? 192 LEU A CB  1 
ATOM   1302 C  CG  . LEU A 1 193 ? -2.994  -15.410 2.171   1.00 41.78  ? 192 LEU A CG  1 
ATOM   1303 C  CD1 . LEU A 1 193 ? -2.635  -16.460 3.157   1.00 44.46  ? 192 LEU A CD1 1 
ATOM   1304 C  CD2 . LEU A 1 193 ? -3.740  -16.022 1.031   1.00 44.82  ? 192 LEU A CD2 1 
ATOM   1305 N  N   . ALA A 1 194 ? -0.613  -13.290 4.278   1.00 37.26  ? 193 ALA A N   1 
ATOM   1306 C  CA  . ALA A 1 194 ? 0.745   -12.925 3.892   1.00 33.04  ? 193 ALA A CA  1 
ATOM   1307 C  C   . ALA A 1 194 ? 1.089   -13.673 2.631   1.00 37.34  ? 193 ALA A C   1 
ATOM   1308 O  O   . ALA A 1 194 ? 0.846   -14.890 2.545   1.00 38.18  ? 193 ALA A O   1 
ATOM   1309 C  CB  . ALA A 1 194 ? 1.730   -13.363 5.007   1.00 35.85  ? 193 ALA A CB  1 
HETATM 1310 N  N   . MSE A 1 195 ? 1.735   -12.992 1.688   1.00 38.23  ? 194 MSE A N   1 
HETATM 1311 C  CA  . MSE A 1 195 ? 2.146   -13.605 0.427   1.00 39.02  ? 194 MSE A CA  1 
HETATM 1312 C  C   . MSE A 1 195 ? 3.550   -13.145 0.033   1.00 39.37  ? 194 MSE A C   1 
HETATM 1313 O  O   . MSE A 1 195 ? 4.022   -12.127 0.494   1.00 37.65  ? 194 MSE A O   1 
HETATM 1314 C  CB  . MSE A 1 195 ? 1.160   -13.227 -0.690  1.00 36.16  ? 194 MSE A CB  1 
HETATM 1315 C  CG  . MSE A 1 195 ? -0.286  -13.493 -0.325  1.00 42.23  ? 194 MSE A CG  1 
HETATM 1316 SE SE  . MSE A 1 195 ? -1.510  -13.336 -1.777  0.75 43.69  ? 194 MSE A SE  1 
HETATM 1317 C  CE  . MSE A 1 195 ? -1.198  -15.000 -2.291  1.00 35.06  ? 194 MSE A CE  1 
ATOM   1318 N  N   . TRP A 1 196 ? 4.181   -13.932 -0.845  1.00 40.23  ? 195 TRP A N   1 
ATOM   1319 C  CA  . TRP A 1 196 ? 5.547   -13.754 -1.260  1.00 39.12  ? 195 TRP A CA  1 
ATOM   1320 C  C   . TRP A 1 196 ? 5.663   -13.946 -2.753  1.00 42.69  ? 195 TRP A C   1 
ATOM   1321 O  O   . TRP A 1 196 ? 5.373   -15.052 -3.251  1.00 39.43  ? 195 TRP A O   1 
ATOM   1322 C  CB  . TRP A 1 196 ? 6.363   -14.857 -0.582  1.00 38.97  ? 195 TRP A CB  1 
ATOM   1323 C  CG  . TRP A 1 196 ? 7.866   -14.850 -0.728  1.00 40.35  ? 195 TRP A CG  1 
ATOM   1324 C  CD1 . TRP A 1 196 ? 8.620   -15.749 -1.413  1.00 42.51  ? 195 TRP A CD1 1 
ATOM   1325 C  CD2 . TRP A 1 196 ? 8.782   -13.958 -0.096  1.00 41.96  ? 195 TRP A CD2 1 
ATOM   1326 N  NE1 . TRP A 1 196 ? 9.953   -15.463 -1.263  1.00 41.37  ? 195 TRP A NE1 1 
ATOM   1327 C  CE2 . TRP A 1 196 ? 10.084  -14.365 -0.460  1.00 37.27  ? 195 TRP A CE2 1 
ATOM   1328 C  CE3 . TRP A 1 196 ? 8.633   -12.847 0.739   1.00 38.48  ? 195 TRP A CE3 1 
ATOM   1329 C  CZ2 . TRP A 1 196 ? 11.223  -13.706 -0.011  1.00 41.07  ? 195 TRP A CZ2 1 
ATOM   1330 C  CZ3 . TRP A 1 196 ? 9.771   -12.181 1.180   1.00 40.31  ? 195 TRP A CZ3 1 
ATOM   1331 C  CH2 . TRP A 1 196 ? 11.045  -12.615 0.814   1.00 41.78  ? 195 TRP A CH2 1 
ATOM   1332 N  N   . LYS A 1 197 ? 6.187   -12.943 -3.447  1.00 42.70  ? 196 LYS A N   1 
ATOM   1333 C  CA  . LYS A 1 197 ? 6.674   -13.146 -4.818  1.00 43.44  ? 196 LYS A CA  1 
ATOM   1334 C  C   . LYS A 1 197 ? 8.170   -13.436 -4.746  1.00 42.61  ? 196 LYS A C   1 
ATOM   1335 O  O   . LYS A 1 197 ? 8.955   -12.595 -4.307  1.00 43.17  ? 196 LYS A O   1 
ATOM   1336 C  CB  . LYS A 1 197 ? 6.372   -11.952 -5.715  1.00 40.97  ? 196 LYS A CB  1 
ATOM   1337 C  CG  . LYS A 1 197 ? 6.893   -12.142 -7.123  1.00 44.53  ? 196 LYS A CG  1 
ATOM   1338 C  CD  . LYS A 1 197 ? 6.241   -11.245 -8.114  1.00 50.46  ? 196 LYS A CD  1 
ATOM   1339 C  CE  . LYS A 1 197 ? 6.670   -11.549 -9.550  1.00 52.79  ? 196 LYS A CE  1 
ATOM   1340 N  NZ  . LYS A 1 197 ? 8.156   -11.724 -9.766  1.00 43.06  ? 196 LYS A NZ  1 
ATOM   1341 N  N   . PRO A 1 198 ? 8.575   -14.669 -5.128  1.00 42.47  ? 197 PRO A N   1 
ATOM   1342 C  CA  . PRO A 1 198 ? 9.939   -15.054 -4.851  1.00 41.67  ? 197 PRO A CA  1 
ATOM   1343 C  C   . PRO A 1 198 ? 10.976  -14.344 -5.701  1.00 42.01  ? 197 PRO A C   1 
ATOM   1344 O  O   . PRO A 1 198 ? 10.642  -13.834 -6.778  1.00 38.95  ? 197 PRO A O   1 
ATOM   1345 C  CB  . PRO A 1 198 ? 9.969   -16.559 -5.106  1.00 42.95  ? 197 PRO A CB  1 
ATOM   1346 C  CG  . PRO A 1 198 ? 8.774   -16.864 -5.920  1.00 42.01  ? 197 PRO A CG  1 
ATOM   1347 C  CD  . PRO A 1 198 ? 7.790   -15.718 -5.805  1.00 39.20  ? 197 PRO A CD  1 
ATOM   1348 N  N   . PRO A 1 199 ? 12.220  -14.327 -5.221  1.00 42.89  ? 198 PRO A N   1 
ATOM   1349 C  CA  . PRO A 1 199 ? 13.296  -13.804 -6.031  1.00 43.50  ? 198 PRO A CA  1 
ATOM   1350 C  C   . PRO A 1 199 ? 13.611  -14.807 -7.123  1.00 44.42  ? 198 PRO A C   1 
ATOM   1351 O  O   . PRO A 1 199 ? 13.147  -15.940 -7.070  1.00 42.66  ? 198 PRO A O   1 
ATOM   1352 C  CB  . PRO A 1 199 ? 14.427  -13.636 -5.027  1.00 42.74  ? 198 PRO A CB  1 
ATOM   1353 C  CG  . PRO A 1 199 ? 14.207  -14.730 -4.041  1.00 45.35  ? 198 PRO A CG  1 
ATOM   1354 C  CD  . PRO A 1 199 ? 12.697  -14.794 -3.913  1.00 40.07  ? 198 PRO A CD  1 
ATOM   1355 N  N   . ALA A 1 200 ? 14.353  -14.374 -8.137  1.00 43.96  ? 199 ALA A N   1 
ATOM   1356 C  CA  . ALA A 1 200 ? 14.796  -15.263 -9.170  1.00 39.77  ? 199 ALA A CA  1 
ATOM   1357 C  C   . ALA A 1 200 ? 15.651  -16.363 -8.581  1.00 42.41  ? 199 ALA A C   1 
ATOM   1358 O  O   . ALA A 1 200 ? 16.394  -16.141 -7.637  1.00 43.42  ? 199 ALA A O   1 
ATOM   1359 C  CB  . ALA A 1 200 ? 15.587  -14.477 -10.211 1.00 41.17  ? 199 ALA A CB  1 
HETATM 1360 N  N   . MSE A 1 201 ? 15.499  -17.567 -9.124  1.00 43.36  ? 200 MSE A N   1 
HETATM 1361 C  CA  . MSE A 1 201 ? 16.330  -18.698 -8.762  1.00 40.65  ? 200 MSE A CA  1 
HETATM 1362 C  C   . MSE A 1 201 ? 17.753  -18.403 -9.198  1.00 43.83  ? 200 MSE A C   1 
HETATM 1363 O  O   . MSE A 1 201 ? 17.948  -17.617 -10.117 1.00 47.02  ? 200 MSE A O   1 
HETATM 1364 C  CB  . MSE A 1 201 ? 15.794  -19.959 -9.436  1.00 43.18  ? 200 MSE A CB  1 
HETATM 1365 C  CG  . MSE A 1 201 ? 14.561  -20.573 -8.711  1.00 39.28  ? 200 MSE A CG  1 
HETATM 1366 SE SE  . MSE A 1 201 ? 15.118  -21.522 -7.244  0.75 45.57  ? 200 MSE A SE  1 
HETATM 1367 C  CE  . MSE A 1 201 ? 16.069  -22.984 -8.040  1.00 47.18  ? 200 MSE A CE  1 
ATOM   1368 N  N   . PRO A 1 202 ? 18.760  -19.005 -8.529  1.00 49.23  ? 201 PRO A N   1 
ATOM   1369 C  CA  . PRO A 1 202 ? 20.127  -18.790 -8.955  1.00 53.19  ? 201 PRO A CA  1 
ATOM   1370 C  C   . PRO A 1 202 ? 20.386  -19.417 -10.323 1.00 60.29  ? 201 PRO A C   1 
ATOM   1371 O  O   . PRO A 1 202 ? 19.981  -20.555 -10.558 1.00 62.80  ? 201 PRO A O   1 
ATOM   1372 C  CB  . PRO A 1 202 ? 20.948  -19.472 -7.865  1.00 53.60  ? 201 PRO A CB  1 
ATOM   1373 C  CG  . PRO A 1 202 ? 20.028  -20.470 -7.241  1.00 53.73  ? 201 PRO A CG  1 
ATOM   1374 C  CD  . PRO A 1 202 ? 18.674  -19.854 -7.336  1.00 48.26  ? 201 PRO A CD  1 
ATOM   1375 N  N   . THR A 1 203 ? 21.051  -18.660 -11.198 1.00 66.63  ? 202 THR A N   1 
ATOM   1376 C  CA  . THR A 1 203 ? 21.241  -18.990 -12.628 1.00 70.07  ? 202 THR A CA  1 
ATOM   1377 C  C   . THR A 1 203 ? 21.954  -20.316 -12.822 1.00 71.72  ? 202 THR A C   1 
ATOM   1378 O  O   . THR A 1 203 ? 21.577  -21.118 -13.681 1.00 74.74  ? 202 THR A O   1 
ATOM   1379 C  CB  . THR A 1 203 ? 22.087  -17.902 -13.363 1.00 70.43  ? 202 THR A CB  1 
ATOM   1380 O  OG1 . THR A 1 203 ? 21.413  -16.628 -13.325 1.00 72.24  ? 202 THR A OG1 1 
ATOM   1381 C  CG2 . THR A 1 203 ? 22.362  -18.303 -14.827 1.00 72.64  ? 202 THR A CG2 1 
ATOM   1382 N  N   . VAL A 1 204 ? 22.994  -20.532 -12.030 1.00 71.05  ? 203 VAL A N   1 
ATOM   1383 C  CA  . VAL A 1 204 ? 23.790  -21.736 -12.145 1.00 71.15  ? 203 VAL A CA  1 
ATOM   1384 C  C   . VAL A 1 204 ? 24.434  -21.988 -10.791 1.00 72.34  ? 203 VAL A C   1 
ATOM   1385 O  O   . VAL A 1 204 ? 24.105  -21.237 -9.867  1.00 71.23  ? 203 VAL A O   1 
ATOM   1386 C  CB  . VAL A 1 204 ? 24.857  -21.597 -13.290 1.00 70.89  ? 203 VAL A CB  1 
ATOM   1387 C  CG1 . VAL A 1 204 ? 25.548  -20.220 -13.247 1.00 69.12  ? 203 VAL A CG1 1 
ATOM   1388 C  CG2 . VAL A 1 204 ? 25.859  -22.752 -13.250 1.00 70.69  ? 203 VAL A CG2 1 
ATOM   1389 O  OXT . VAL A 1 204 ? 25.259  -22.906 -10.594 1.00 71.97  ? 203 VAL A OXT 1 
HETATM 1390 C  C1  . EDO B 2 .   ? 17.871  -11.600 -6.709  1.00 49.71  ? 204 EDO A C1  1 
HETATM 1391 O  O1  . EDO B 2 .   ? 17.821  -12.873 -7.437  1.00 54.50  ? 204 EDO A O1  1 
HETATM 1392 C  C2  . EDO B 2 .   ? 18.777  -10.634 -7.480  1.00 60.89  ? 204 EDO A C2  1 
HETATM 1393 O  O2  . EDO B 2 .   ? 18.898  -9.295  -6.956  1.00 65.59  ? 204 EDO A O2  1 
HETATM 1394 C  C1  . EDO C 2 .   ? 8.318   10.426  -3.527  1.00 57.11  ? 205 EDO A C1  1 
HETATM 1395 O  O1  . EDO C 2 .   ? 8.315   10.119  -4.932  1.00 53.89  ? 205 EDO A O1  1 
HETATM 1396 C  C2  . EDO C 2 .   ? 9.719   10.859  -3.090  1.00 61.22  ? 205 EDO A C2  1 
HETATM 1397 O  O2  . EDO C 2 .   ? 9.746   12.268  -2.847  1.00 67.42  ? 205 EDO A O2  1 
HETATM 1398 C  C1  . EDO D 2 .   ? -1.948  -4.571  -0.827  1.00 61.45  ? 206 EDO A C1  1 
HETATM 1399 O  O1  . EDO D 2 .   ? -1.879  -5.655  0.098   1.00 58.17  ? 206 EDO A O1  1 
HETATM 1400 C  C2  . EDO D 2 .   ? -1.790  -3.240  -0.091  1.00 60.46  ? 206 EDO A C2  1 
HETATM 1401 O  O2  . EDO D 2 .   ? -3.041  -2.510  0.011   1.00 59.81  ? 206 EDO A O2  1 
HETATM 1402 C  C1  . EDO E 2 .   ? 17.668  -17.028 -4.614  1.00 56.60  ? 207 EDO A C1  1 
HETATM 1403 O  O1  . EDO E 2 .   ? 16.982  -17.542 -5.755  1.00 57.69  ? 207 EDO A O1  1 
HETATM 1404 C  C2  . EDO E 2 .   ? 18.058  -15.611 -4.948  1.00 55.72  ? 207 EDO A C2  1 
HETATM 1405 O  O2  . EDO E 2 .   ? 18.434  -14.969 -3.742  1.00 61.89  ? 207 EDO A O2  1 
HETATM 1406 C  C1  . EDO F 2 .   ? 9.726   -9.122  -8.263  1.00 57.21  ? 208 EDO A C1  1 
HETATM 1407 O  O1  . EDO F 2 .   ? 9.028   -10.337 -8.017  1.00 65.07  ? 208 EDO A O1  1 
HETATM 1408 C  C2  . EDO F 2 .   ? 9.285   -8.368  -9.516  1.00 54.64  ? 208 EDO A C2  1 
HETATM 1409 O  O2  . EDO F 2 .   ? 9.089   -9.179  -10.668 1.00 62.08  ? 208 EDO A O2  1 
HETATM 1410 C  C1  . EDO G 2 .   ? -6.089  -2.534  -6.025  1.00 69.96  ? 209 EDO A C1  1 
HETATM 1411 O  O1  . EDO G 2 .   ? -5.479  -3.828  -5.820  1.00 74.78  ? 209 EDO A O1  1 
HETATM 1412 C  C2  . EDO G 2 .   ? -6.683  -1.903  -4.754  1.00 73.69  ? 209 EDO A C2  1 
HETATM 1413 O  O2  . EDO G 2 .   ? -6.958  -0.489  -4.916  1.00 59.81  ? 209 EDO A O2  1 
HETATM 1414 C  C1  . EDO H 2 .   ? 8.360   6.180   -6.529  1.00 29.22  ? 210 EDO A C1  1 
HETATM 1415 O  O1  . EDO H 2 .   ? 8.747   5.245   -7.489  1.00 39.19  ? 210 EDO A O1  1 
HETATM 1416 C  C2  . EDO H 2 .   ? 9.475   6.947   -5.855  1.00 46.43  ? 210 EDO A C2  1 
HETATM 1417 O  O2  . EDO H 2 .   ? 8.900   7.751   -4.827  1.00 32.57  ? 210 EDO A O2  1 
HETATM 1418 C  C1  . EDO I 2 .   ? -11.184 -0.937  -8.424  1.00 64.03  ? 211 EDO A C1  1 
HETATM 1419 O  O1  . EDO I 2 .   ? -11.178 -1.738  -9.615  1.00 62.61  ? 211 EDO A O1  1 
HETATM 1420 C  C2  . EDO I 2 .   ? -10.473 -1.616  -7.262  1.00 72.15  ? 211 EDO A C2  1 
HETATM 1421 O  O2  . EDO I 2 .   ? -10.228 -0.657  -6.221  1.00 74.16  ? 211 EDO A O2  1 
HETATM 1422 C  C1  . EDO J 2 .   ? 16.304  -5.913  -9.286  1.00 52.54  ? 212 EDO A C1  1 
HETATM 1423 O  O1  . EDO J 2 .   ? 15.640  -4.656  -9.442  1.00 60.86  ? 212 EDO A O1  1 
HETATM 1424 C  C2  . EDO J 2 .   ? 16.869  -6.420  -10.586 1.00 56.11  ? 212 EDO A C2  1 
HETATM 1425 O  O2  . EDO J 2 .   ? 15.954  -7.277  -11.292 1.00 51.33  ? 212 EDO A O2  1 
HETATM 1426 O  O   . HOH K 3 .   ? 8.676   -1.836  -6.620  1.00 31.12  ? 213 HOH A O   1 
HETATM 1427 O  O   . HOH K 3 .   ? 3.190   0.852   -7.652  1.00 26.79  ? 214 HOH A O   1 
HETATM 1428 O  O   . HOH K 3 .   ? 11.814  -15.868 7.514   1.00 33.16  ? 215 HOH A O   1 
HETATM 1429 O  O   . HOH K 3 .   ? 4.656   12.187  -10.964 1.00 30.41  ? 216 HOH A O   1 
HETATM 1430 O  O   . HOH K 3 .   ? -1.724  14.712  -11.208 1.00 29.98  ? 217 HOH A O   1 
HETATM 1431 O  O   . HOH K 3 .   ? -1.447  17.461  -4.664  1.00 36.63  ? 218 HOH A O   1 
HETATM 1432 O  O   . HOH K 3 .   ? -4.873  15.046  -9.177  1.00 27.07  ? 219 HOH A O   1 
HETATM 1433 O  O   . HOH K 3 .   ? -9.910  6.809   11.612  1.00 44.16  ? 220 HOH A O   1 
HETATM 1434 O  O   . HOH K 3 .   ? -5.552  15.796  10.052  1.00 42.26  ? 221 HOH A O   1 
HETATM 1435 O  O   . HOH K 3 .   ? -9.463  0.836   -10.984 1.00 41.38  ? 222 HOH A O   1 
HETATM 1436 O  O   . HOH K 3 .   ? -7.137  -3.178  -10.959 1.00 38.89  ? 223 HOH A O   1 
HETATM 1437 O  O   . HOH K 3 .   ? 14.890  -1.328  -9.554  1.00 36.16  ? 224 HOH A O   1 
HETATM 1438 O  O   . HOH K 3 .   ? 1.321   -21.678 6.286   1.00 32.97  ? 225 HOH A O   1 
HETATM 1439 O  O   . HOH K 3 .   ? -8.631  1.210   -2.877  1.00 41.76  ? 226 HOH A O   1 
HETATM 1440 O  O   . HOH K 3 .   ? 0.449   -5.514  2.023   1.00 29.77  ? 227 HOH A O   1 
HETATM 1441 O  O   . HOH K 3 .   ? 12.022  -17.778 -8.278  1.00 40.79  ? 228 HOH A O   1 
HETATM 1442 O  O   . HOH K 3 .   ? 8.414   0.078   -13.243 1.00 35.64  ? 229 HOH A O   1 
HETATM 1443 O  O   . HOH K 3 .   ? 12.539  -9.256  7.245   1.00 42.72  ? 230 HOH A O   1 
HETATM 1444 O  O   . HOH K 3 .   ? 14.292  -6.195  3.263   1.00 44.17  ? 231 HOH A O   1 
HETATM 1445 O  O   . HOH K 3 .   ? 1.456   9.197   -13.507 1.00 34.97  ? 232 HOH A O   1 
HETATM 1446 O  O   . HOH K 3 .   ? 5.272   -5.949  -14.213 1.00 38.61  ? 233 HOH A O   1 
HETATM 1447 O  O   . HOH K 3 .   ? 14.733  -9.471  -2.745  1.00 42.50  ? 234 HOH A O   1 
HETATM 1448 O  O   . HOH K 3 .   ? -12.990 2.882   3.218   1.00 41.26  ? 235 HOH A O   1 
HETATM 1449 O  O   . HOH K 3 .   ? 5.754   18.710  -9.497  1.00 38.65  ? 236 HOH A O   1 
HETATM 1450 O  O   . HOH K 3 .   ? 7.022   18.929  -6.905  1.00 43.15  ? 237 HOH A O   1 
HETATM 1451 O  O   . HOH K 3 .   ? 11.011  -4.053  2.484   1.00 47.57  ? 238 HOH A O   1 
HETATM 1452 O  O   . HOH K 3 .   ? -2.664  8.305   -18.114 1.00 37.41  ? 239 HOH A O   1 
HETATM 1453 O  O   . HOH K 3 .   ? -8.194  -0.432  -8.854  1.00 42.97  ? 240 HOH A O   1 
HETATM 1454 O  O   . HOH K 3 .   ? 0.910   -20.691 -5.074  1.00 41.39  ? 241 HOH A O   1 
HETATM 1455 O  O   . HOH K 3 .   ? 9.617   16.008  -5.621  1.00 43.05  ? 242 HOH A O   1 
HETATM 1456 O  O   . HOH K 3 .   ? -4.869  -6.601  0.062   1.00 44.52  ? 243 HOH A O   1 
HETATM 1457 O  O   . HOH K 3 .   ? -13.669 6.748   11.624  1.00 41.57  ? 244 HOH A O   1 
HETATM 1458 O  O   . HOH K 3 .   ? 9.939   4.024   -10.497 1.00 51.19  ? 245 HOH A O   1 
HETATM 1459 O  O   . HOH K 3 .   ? -11.754 7.098   9.473   1.00 39.27  ? 246 HOH A O   1 
HETATM 1460 O  O   . HOH K 3 .   ? -15.228 8.223   13.186  1.00 42.36  ? 247 HOH A O   1 
HETATM 1461 O  O   . HOH K 3 .   ? 11.279  -12.053 -8.785  1.00 42.89  ? 248 HOH A O   1 
HETATM 1462 O  O   . HOH K 3 .   ? -3.856  16.249  2.113   1.00 46.32  ? 249 HOH A O   1 
HETATM 1463 O  O   . HOH K 3 .   ? 0.257   1.811   -16.873 1.00 63.14  ? 250 HOH A O   1 
HETATM 1464 O  O   . HOH K 3 .   ? 8.975   -14.157 -8.776  1.00 39.52  ? 251 HOH A O   1 
HETATM 1465 O  O   . HOH K 3 .   ? -10.160 12.591  -13.460 1.00 48.04  ? 252 HOH A O   1 
HETATM 1466 O  O   . HOH K 3 .   ? 3.934   -10.363 -12.316 1.00 42.24  ? 253 HOH A O   1 
HETATM 1467 O  O   . HOH K 3 .   ? -9.375  14.990  7.616   1.00 59.82  ? 254 HOH A O   1 
HETATM 1468 O  O   . HOH K 3 .   ? -12.742 -12.392 -1.077  1.00 46.62  ? 255 HOH A O   1 
HETATM 1469 O  O   . HOH K 3 .   ? 1.158   13.854  10.602  1.00 52.37  ? 256 HOH A O   1 
HETATM 1470 O  O   . HOH K 3 .   ? 0.868   20.717  -3.825  1.00 37.61  ? 257 HOH A O   1 
HETATM 1471 O  O   . HOH K 3 .   ? -8.863  5.920   -14.017 1.00 37.96  ? 258 HOH A O   1 
HETATM 1472 O  O   . HOH K 3 .   ? 6.553   -15.827 -9.006  1.00 51.70  ? 259 HOH A O   1 
HETATM 1473 O  O   . HOH K 3 .   ? -10.157 12.189  1.017   1.00 43.20  ? 260 HOH A O   1 
HETATM 1474 O  O   . HOH K 3 .   ? -4.346  -10.224 10.423  1.00 51.87  ? 261 HOH A O   1 
HETATM 1475 O  O   . HOH K 3 .   ? -14.204 7.858   22.285  1.00 37.49  ? 262 HOH A O   1 
HETATM 1476 O  O   . HOH K 3 .   ? 1.869   9.451   -15.955 1.00 54.34  ? 263 HOH A O   1 
HETATM 1477 O  O   . HOH K 3 .   ? -4.373  -1.282  -15.825 1.00 53.97  ? 264 HOH A O   1 
HETATM 1478 O  O   . HOH K 3 .   ? -7.417  -12.599 3.240   1.00 46.57  ? 265 HOH A O   1 
HETATM 1479 O  O   . HOH K 3 .   ? -5.464  -17.922 -7.229  1.00 49.07  ? 266 HOH A O   1 
HETATM 1480 O  O   . HOH K 3 .   ? 1.702   -0.175  -15.211 1.00 45.12  ? 267 HOH A O   1 
HETATM 1481 O  O   . HOH K 3 .   ? 18.526  -22.297 -10.988 1.00 56.63  ? 268 HOH A O   1 
HETATM 1482 O  O   . HOH K 3 .   ? -4.863  12.678  -22.107 1.00 35.38  ? 269 HOH A O   1 
HETATM 1483 O  O   . HOH K 3 .   ? -7.442  17.066  9.344   1.00 57.87  ? 270 HOH A O   1 
HETATM 1484 O  O   . HOH K 3 .   ? 8.691   -11.025 -12.416 1.00 53.21  ? 271 HOH A O   1 
HETATM 1485 O  O   . HOH K 3 .   ? 7.205   -0.218  -15.779 1.00 45.56  ? 272 HOH A O   1 
HETATM 1486 O  O   . HOH K 3 .   ? -3.237  19.146  -4.082  1.00 46.20  ? 273 HOH A O   1 
HETATM 1487 O  O   . HOH K 3 .   ? -13.213 9.536   -5.686  1.00 54.23  ? 274 HOH A O   1 
HETATM 1488 O  O   . HOH K 3 .   ? -2.726  -5.276  3.673   1.00 42.81  ? 275 HOH A O   1 
HETATM 1489 O  O   . HOH K 3 .   ? 11.911  -5.612  -14.478 1.00 44.91  ? 276 HOH A O   1 
HETATM 1490 O  O   . HOH K 3 .   ? 4.475   -1.082  -15.691 1.00 47.13  ? 277 HOH A O   1 
HETATM 1491 O  O   . HOH K 3 .   ? -12.327 11.273  2.062   1.00 57.30  ? 278 HOH A O   1 
HETATM 1492 O  O   . HOH K 3 .   ? -8.842  7.999   -18.102 1.00 61.26  ? 279 HOH A O   1 
HETATM 1493 O  O   . HOH K 3 .   ? 12.449  1.609   1.964   1.00 50.76  ? 280 HOH A O   1 
HETATM 1494 O  O   . HOH K 3 .   ? -0.183  16.700  -9.769  1.00 43.13  ? 281 HOH A O   1 
HETATM 1495 O  O   . HOH K 3 .   ? -11.567 4.162   -2.701  1.00 65.12  ? 282 HOH A O   1 
HETATM 1496 O  O   . HOH K 3 .   ? 9.732   -4.240  4.740   1.00 53.80  ? 283 HOH A O   1 
HETATM 1497 O  O   . HOH K 3 .   ? -10.283 13.138  14.886  1.00 56.85  ? 284 HOH A O   1 
HETATM 1498 O  O   . HOH K 3 .   ? -8.942  11.187  -8.269  1.00 62.23  ? 285 HOH A O   1 
HETATM 1499 O  O   . HOH K 3 .   ? 1.781   -17.692 -8.728  1.00 61.77  ? 286 HOH A O   1 
HETATM 1500 O  O   . HOH K 3 .   ? 9.854   -13.417 10.190  1.00 58.55  ? 287 HOH A O   1 
HETATM 1501 O  O   . HOH K 3 .   ? -9.548  -12.241 -8.010  1.00 56.38  ? 288 HOH A O   1 
HETATM 1502 O  O   . HOH K 3 .   ? -14.330 6.963   1.904   1.00 50.35  ? 289 HOH A O   1 
HETATM 1503 O  O   . HOH K 3 .   ? -3.273  16.485  9.067   1.00 60.49  ? 290 HOH A O   1 
HETATM 1504 O  O   . HOH K 3 .   ? -6.354  17.929  -14.816 1.00 47.98  ? 291 HOH A O   1 
HETATM 1505 O  O   . HOH K 3 .   ? -11.862 -17.718 1.772   1.00 55.03  ? 292 HOH A O   1 
HETATM 1506 O  O   . HOH K 3 .   ? -8.625  18.293  -17.409 1.00 60.39  ? 293 HOH A O   1 
HETATM 1507 O  O   . HOH K 3 .   ? -3.528  10.716  -22.428 1.00 51.31  ? 294 HOH A O   1 
HETATM 1508 O  O   . HOH K 3 .   ? -15.334 3.508   13.781  1.00 48.28  ? 295 HOH A O   1 
HETATM 1509 O  O   . HOH K 3 .   ? -1.818  16.455  3.176   1.00 53.60  ? 296 HOH A O   1 
HETATM 1510 O  O   . HOH K 3 .   ? 14.647  1.144   -8.201  1.00 48.26  ? 297 HOH A O   1 
HETATM 1511 O  O   . HOH K 3 .   ? 2.045   -17.044 -11.418 1.00 68.18  ? 298 HOH A O   1 
HETATM 1512 O  O   . HOH K 3 .   ? 13.430  -17.945 -11.087 1.00 55.43  ? 299 HOH A O   1 
HETATM 1513 O  O   . HOH K 3 .   ? -7.893  -15.161 2.126   1.00 56.03  ? 300 HOH A O   1 
HETATM 1514 O  O   . HOH K 3 .   ? 2.581   14.446  3.734   1.00 50.76  ? 301 HOH A O   1 
HETATM 1515 O  O   . HOH K 3 .   ? -2.286  -19.087 -10.768 1.00 65.66  ? 302 HOH A O   1 
HETATM 1516 O  O   . HOH K 3 .   ? 18.521  -13.533 5.315   1.00 48.56  ? 303 HOH A O   1 
HETATM 1517 O  O   . HOH K 3 .   ? 4.915   5.345   -16.561 1.00 42.07  ? 304 HOH A O   1 
HETATM 1518 O  O   . HOH K 3 .   ? 3.884   18.660  -0.542  1.00 46.44  ? 305 HOH A O   1 
HETATM 1519 O  O   . HOH K 3 .   ? 3.094   -7.786  -13.298 1.00 48.36  ? 306 HOH A O   1 
HETATM 1520 O  O   . HOH K 3 .   ? -19.260 9.854   18.267  1.00 55.30  ? 307 HOH A O   1 
HETATM 1521 O  O   . HOH K 3 .   ? -16.620 11.955  10.447  1.00 73.63  ? 308 HOH A O   1 
HETATM 1522 O  O   . HOH K 3 .   ? 0.798   15.733  2.623   1.00 50.96  ? 309 HOH A O   1 
HETATM 1523 O  O   . HOH K 3 .   ? -12.228 -13.230 1.330   1.00 43.95  ? 310 HOH A O   1 
HETATM 1524 O  O   . HOH K 3 .   ? -11.796 9.098   -11.681 1.00 61.01  ? 311 HOH A O   1 
HETATM 1525 O  O   . HOH K 3 .   ? -10.847 6.240   21.981  1.00 51.15  ? 312 HOH A O   1 
HETATM 1526 O  O   . HOH K 3 .   ? -17.611 11.517  16.606  1.00 65.53  ? 313 HOH A O   1 
HETATM 1527 O  O   . HOH K 3 .   ? 2.409   20.808  -1.742  1.00 52.09  ? 314 HOH A O   1 
HETATM 1528 O  O   . HOH K 3 .   ? -0.056  -2.116  -16.447 1.00 66.72  ? 315 HOH A O   1 
HETATM 1529 O  O   . HOH K 3 .   ? 11.633  6.981   -7.762  1.00 51.19  ? 316 HOH A O   1 
HETATM 1530 O  O   . HOH K 3 .   ? -12.742 -7.931  6.044   1.00 53.12  ? 317 HOH A O   1 
HETATM 1531 O  O   . HOH K 3 .   ? -17.036 10.497  13.387  1.00 65.31  ? 318 HOH A O   1 
HETATM 1532 O  O   . HOH K 3 .   ? -4.806  7.197   -18.939 1.00 67.12  ? 319 HOH A O   1 
HETATM 1533 O  O   . HOH K 3 .   ? 4.434   1.409   -15.707 1.00 49.02  ? 320 HOH A O   1 
HETATM 1534 O  O   . HOH K 3 .   ? 5.177   21.395  -2.916  1.00 48.53  ? 321 HOH A O   1 
HETATM 1535 O  O   . HOH K 3 .   ? 10.850  7.911   -2.823  1.00 58.88  ? 322 HOH A O   1 
HETATM 1536 O  O   . HOH K 3 .   ? 10.216  1.267   -18.833 1.00 67.84  ? 323 HOH A O   1 
HETATM 1537 O  O   . HOH K 3 .   ? -1.846  21.067  -3.252  1.00 47.50  ? 324 HOH A O   1 
HETATM 1538 O  O   . HOH K 3 .   ? -3.147  -1.590  3.375   1.00 61.77  ? 325 HOH A O   1 
HETATM 1539 O  O   . HOH K 3 .   ? 4.439   1.344   7.100   1.00 50.81  ? 326 HOH A O   1 
HETATM 1540 O  O   . HOH K 3 .   ? -10.592 12.149  18.145  1.00 59.85  ? 327 HOH A O   1 
HETATM 1541 O  O   . HOH K 3 .   ? -3.745  18.280  6.198   1.00 63.56  ? 328 HOH A O   1 
HETATM 1542 O  O   . HOH K 3 .   ? -9.587  -2.203  -11.654 1.00 64.16  ? 329 HOH A O   1 
HETATM 1543 O  O   . HOH K 3 .   ? -14.340 11.213  -0.669  1.00 66.90  ? 330 HOH A O   1 
HETATM 1544 O  O   . HOH K 3 .   ? -1.365  -18.892 10.123  1.00 51.74  ? 331 HOH A O   1 
HETATM 1545 O  O   . HOH K 3 .   ? 13.284  4.986   -7.069  1.00 64.80  ? 332 HOH A O   1 
HETATM 1546 O  O   . HOH K 3 .   ? -2.474  -21.623 -7.132  1.00 55.77  ? 333 HOH A O   1 
HETATM 1547 O  O   . HOH K 3 .   ? -9.847  1.812   17.410  1.00 51.07  ? 334 HOH A O   1 
HETATM 1548 O  O   . HOH K 3 .   ? 17.597  -11.840 -14.171 1.00 65.53  ? 335 HOH A O   1 
HETATM 1549 O  O   . HOH K 3 .   ? 10.884  -9.573  10.143  1.00 62.90  ? 336 HOH A O   1 
HETATM 1550 O  O   . HOH K 3 .   ? 10.478  -15.431 -10.474 1.00 58.42  ? 337 HOH A O   1 
HETATM 1551 O  O   . HOH K 3 .   ? 7.500   16.242  2.565   1.00 63.32  ? 338 HOH A O   1 
HETATM 1552 O  O   . HOH K 3 .   ? -8.596  -13.431 17.642  1.00 60.58  ? 339 HOH A O   1 
HETATM 1553 O  O   . HOH K 3 .   ? 7.829   2.152   -16.824 1.00 59.49  ? 340 HOH A O   1 
HETATM 1554 O  O   . HOH K 3 .   ? -15.631 9.397   9.254   1.00 65.60  ? 341 HOH A O   1 
HETATM 1555 O  O   . HOH K 3 .   ? 5.977   -15.026 -11.710 1.00 67.01  ? 342 HOH A O   1 
HETATM 1556 O  O   . HOH K 3 .   ? -1.559  -8.390  -15.470 1.00 68.52  ? 343 HOH A O   1 
HETATM 1557 O  O   . HOH K 3 .   ? 19.057  -14.561 -8.728  1.00 64.65  ? 344 HOH A O   1 
HETATM 1558 O  O   . HOH K 3 .   ? -13.375 10.407  6.000   1.00 66.19  ? 345 HOH A O   1 
HETATM 1559 O  O   . HOH K 3 .   ? -13.582 9.545   3.377   1.00 60.02  ? 346 HOH A O   1 
HETATM 1560 O  O   . HOH K 3 .   ? -10.673 -3.561  -13.686 1.00 75.53  ? 347 HOH A O   1 
HETATM 1561 O  O   . HOH K 3 .   ? -1.456  19.540  3.047   1.00 60.61  ? 348 HOH A O   1 
HETATM 1562 O  O   . HOH K 3 .   ? -13.822 10.636  21.697  1.00 53.11  ? 349 HOH A O   1 
HETATM 1563 O  O   . HOH K 3 .   ? -11.076 7.623   -14.090 1.00 49.48  ? 350 HOH A O   1 
HETATM 1564 O  O   . HOH K 3 .   ? -16.991 7.611   6.172   1.00 70.46  ? 351 HOH A O   1 
HETATM 1565 O  O   . HOH K 3 .   ? -5.495  17.975  -2.195  1.00 60.74  ? 352 HOH A O   1 
HETATM 1566 O  O   . HOH K 3 .   ? 16.713  -1.897  -4.082  1.00 58.20  ? 353 HOH A O   1 
HETATM 1567 O  O   . HOH K 3 .   ? 3.831   7.789   -17.452 1.00 49.27  ? 354 HOH A O   1 
HETATM 1568 O  O   . HOH K 3 .   ? 16.603  -9.543  5.942   1.00 62.83  ? 355 HOH A O   1 
HETATM 1569 O  O   . HOH K 3 .   ? 2.312   3.015   -16.518 1.00 46.30  ? 356 HOH A O   1 
HETATM 1570 O  O   . HOH K 3 .   ? 13.942  6.832   -1.027  1.00 67.77  ? 357 HOH A O   1 
HETATM 1571 O  O   . HOH K 3 .   ? 12.667  -3.169  3.859   1.00 67.55  ? 358 HOH A O   1 
HETATM 1572 O  O   . HOH K 3 .   ? -9.510  -7.296  -0.414  1.00 53.94  ? 359 HOH A O   1 
HETATM 1573 O  O   . HOH K 3 .   ? -7.836  17.686  1.472   1.00 60.62  ? 360 HOH A O   1 
HETATM 1574 O  O   . HOH K 3 .   ? 15.122  -3.410  6.572   1.00 75.55  ? 361 HOH A O   1 
HETATM 1575 O  O   . HOH K 3 .   ? -2.309  -19.751 7.839   1.00 39.90  ? 362 HOH A O   1 
HETATM 1576 O  O   . HOH K 3 .   ? 3.966   -5.604  7.876   1.00 46.75  ? 363 HOH A O   1 
# 
